data_2OGJ
#
_entry.id   2OGJ
#
_cell.length_a   90.650
_cell.length_b   139.200
_cell.length_c   206.130
_cell.angle_alpha   90.00
_cell.angle_beta   90.00
_cell.angle_gamma   90.00
#
_symmetry.space_group_name_H-M   'P 21 21 21'
#
loop_
_entity.id
_entity.type
_entity.pdbx_description
1 polymer Dihydroorotase
2 non-polymer 'ZINC ION'
3 non-polymer IMIDAZOLE
4 water water
#
_entity_poly.entity_id   1
_entity_poly.type   'polypeptide(L)'
_entity_poly.pdbx_seq_one_letter_code
;(MSE)SLTSGEQAKTPLQAPILLTNVKPVGFGKGASQSSTDILIGGDGKIAAVGSALQAPADTQRIDAKGAFISPGWVDL
HVHIWHGGTDISIRPSECGAERGVTTLVDAGSAGEANFHGFREYIIEPSRERIKAFLNLGSIGLVACNRVPELRDIKDID
LDRILECYAENSEHIVGL(KCX)VRASHVITGSWGVTPVKLGKKIAKILKVP(MSE)(MSE)VHVGEPPALYDEVLEILG
PGDVVTHCFNGKSGSSI(MSE)EDEDLFNLAERCAGEGIRLDIGHGGASFSFKVAEAAIARGLLPFSISTDLHGHS
(MSE)NFPVWDLATT(MSE)SKLLSVD(MSE)PFENVVEAVTRNPASVIRLD(MSE)ENRLDVGQRADFTVFDLVDADLE
ATDSNGDVSRLKRLFEPRYAVIGAEAIAASRYIPRARKLVRHSHGYSWREGHHHHHH
;
_entity_poly.pdbx_strand_id   A,B,C,D,E,F
#
loop_
_chem_comp.id
_chem_comp.type
_chem_comp.name
_chem_comp.formula
IMD non-polymer IMIDAZOLE 'C3 H5 N2 1'
ZN non-polymer 'ZINC ION' 'Zn 2'
#
# COMPACT_ATOMS: atom_id res chain seq x y z
N GLN A 14 -30.35 50.64 11.10
CA GLN A 14 -29.10 50.54 11.91
C GLN A 14 -28.65 51.92 12.39
N ALA A 15 -28.66 52.13 13.71
CA ALA A 15 -28.25 53.40 14.30
C ALA A 15 -26.75 53.67 14.14
N PRO A 16 -26.36 54.96 14.05
CA PRO A 16 -24.94 55.33 13.91
C PRO A 16 -24.18 55.17 15.23
N ILE A 17 -22.86 55.15 15.15
CA ILE A 17 -22.06 54.99 16.35
C ILE A 17 -20.99 56.05 16.38
N LEU A 18 -20.64 56.46 17.58
CA LEU A 18 -19.60 57.43 17.76
C LEU A 18 -18.58 56.86 18.74
N LEU A 19 -17.43 56.49 18.21
CA LEU A 19 -16.35 55.97 19.04
C LEU A 19 -15.55 57.20 19.39
N THR A 20 -15.45 57.49 20.69
CA THR A 20 -14.67 58.63 21.10
C THR A 20 -13.40 58.18 21.81
N ASN A 21 -12.39 59.01 21.81
CA ASN A 21 -11.13 58.85 22.51
C ASN A 21 -10.45 57.56 22.10
N VAL A 22 -10.13 57.38 20.81
CA VAL A 22 -9.40 56.23 20.28
C VAL A 22 -8.05 56.70 19.72
N LYS A 23 -7.06 55.83 19.76
CA LYS A 23 -5.74 56.15 19.25
C LYS A 23 -5.41 55.24 18.04
N PRO A 24 -5.61 55.77 16.82
CA PRO A 24 -5.38 55.08 15.55
C PRO A 24 -3.99 54.50 15.38
N VAL A 25 -3.91 53.19 15.16
CA VAL A 25 -2.63 52.52 14.97
C VAL A 25 -2.81 51.45 13.90
N GLY A 26 -1.74 51.15 13.17
CA GLY A 26 -1.83 50.13 12.16
C GLY A 26 -2.44 50.50 10.82
N PHE A 27 -2.69 51.80 10.60
CA PHE A 27 -3.26 52.24 9.34
C PHE A 27 -2.13 52.67 8.42
N GLY A 28 -2.36 53.69 7.60
CA GLY A 28 -1.30 54.17 6.69
C GLY A 28 -0.07 54.66 7.47
N LYS A 29 1.04 54.83 6.75
CA LYS A 29 2.26 55.31 7.40
C LYS A 29 2.08 56.76 7.77
N GLY A 30 1.05 57.39 7.21
CA GLY A 30 0.78 58.80 7.47
C GLY A 30 -0.44 59.06 8.37
N ALA A 31 -0.95 58.01 9.01
CA ALA A 31 -2.12 58.17 9.88
C ALA A 31 -1.73 58.78 11.24
N SER A 32 -2.48 59.79 11.66
CA SER A 32 -2.21 60.45 12.94
C SER A 32 -2.32 59.45 14.08
N GLN A 33 -1.33 59.44 14.96
CA GLN A 33 -1.30 58.54 16.11
C GLN A 33 -2.06 59.15 17.29
N SER A 34 -2.32 60.45 17.21
CA SER A 34 -3.01 61.18 18.28
C SER A 34 -4.48 60.82 18.38
N SER A 35 -4.99 60.85 19.62
CA SER A 35 -6.38 60.55 19.91
C SER A 35 -7.38 61.24 19.00
N THR A 36 -8.46 60.53 18.68
CA THR A 36 -9.51 61.05 17.81
C THR A 36 -10.84 60.41 18.15
N ASP A 37 -11.86 60.80 17.40
CA ASP A 37 -13.21 60.26 17.55
C ASP A 37 -13.62 59.83 16.15
N ILE A 38 -14.38 58.74 16.05
CA ILE A 38 -14.83 58.27 14.74
C ILE A 38 -16.34 58.10 14.76
N LEU A 39 -16.98 58.60 13.71
CA LEU A 39 -18.44 58.50 13.58
C LEU A 39 -18.83 57.50 12.49
N ILE A 40 -19.57 56.46 12.88
CA ILE A 40 -20.01 55.46 11.92
C ILE A 40 -21.47 55.70 11.56
N GLY A 41 -21.77 55.74 10.26
CA GLY A 41 -23.14 55.95 9.81
C GLY A 41 -23.96 54.67 9.90
N GLY A 42 -25.28 54.82 9.96
CA GLY A 42 -26.17 53.66 10.04
C GLY A 42 -25.93 52.65 8.94
N ASP A 43 -25.24 53.09 7.88
CA ASP A 43 -24.89 52.22 6.76
C ASP A 43 -23.51 51.58 7.02
N GLY A 44 -23.03 51.71 8.24
CA GLY A 44 -21.75 51.16 8.62
C GLY A 44 -20.56 51.80 7.95
N LYS A 45 -20.70 53.07 7.56
CA LYS A 45 -19.60 53.76 6.91
C LYS A 45 -19.15 54.98 7.69
N ILE A 46 -17.84 55.18 7.72
CA ILE A 46 -17.23 56.30 8.43
C ILE A 46 -17.75 57.65 7.92
N ALA A 47 -18.57 58.30 8.75
CA ALA A 47 -19.16 59.59 8.41
C ALA A 47 -18.16 60.70 8.67
N ALA A 48 -17.44 60.59 9.78
CA ALA A 48 -16.46 61.61 10.13
C ALA A 48 -15.37 61.12 11.08
N VAL A 49 -14.26 61.83 11.08
CA VAL A 49 -13.14 61.53 11.96
C VAL A 49 -12.50 62.84 12.39
N GLY A 50 -12.52 63.11 13.68
CA GLY A 50 -11.94 64.35 14.16
C GLY A 50 -11.80 64.46 15.66
N SER A 51 -11.07 65.48 16.09
CA SER A 51 -10.78 65.76 17.50
C SER A 51 -11.99 65.77 18.45
N ALA A 52 -13.19 66.02 17.93
CA ALA A 52 -14.38 66.02 18.76
C ALA A 52 -15.62 66.31 17.94
N LEU A 53 -16.15 65.27 17.31
CA LEU A 53 -17.33 65.39 16.46
C LEU A 53 -18.63 65.48 17.24
N GLN A 54 -19.71 65.85 16.56
CA GLN A 54 -21.01 65.94 17.19
C GLN A 54 -21.89 64.91 16.51
N ALA A 55 -22.87 64.34 17.24
CA ALA A 55 -23.75 63.34 16.65
C ALA A 55 -25.22 63.47 17.06
N PRO A 56 -26.13 62.83 16.32
CA PRO A 56 -27.58 62.83 16.56
C PRO A 56 -27.99 62.12 17.86
N ALA A 57 -28.77 61.06 17.70
CA ALA A 57 -29.22 60.23 18.81
C ALA A 57 -28.59 58.87 18.50
N ASP A 58 -27.39 58.64 19.03
CA ASP A 58 -26.66 57.41 18.74
C ASP A 58 -25.74 56.89 19.85
N THR A 59 -25.50 55.58 19.84
CA THR A 59 -24.64 54.93 20.83
C THR A 59 -23.29 55.62 20.89
N GLN A 60 -22.96 56.15 22.06
CA GLN A 60 -21.67 56.80 22.21
C GLN A 60 -20.84 55.87 23.11
N ARG A 61 -19.63 55.55 22.66
CA ARG A 61 -18.73 54.68 23.42
C ARG A 61 -17.40 55.37 23.58
N ILE A 62 -16.87 55.37 24.80
CA ILE A 62 -15.60 56.00 25.09
C ILE A 62 -14.61 54.94 25.57
N ASP A 63 -13.33 55.30 25.64
CA ASP A 63 -12.33 54.36 26.11
C ASP A 63 -11.33 55.11 26.98
N ALA A 64 -10.14 55.32 26.44
CA ALA A 64 -9.10 56.02 27.16
C ALA A 64 -7.90 55.96 26.23
N ALA A 67 -8.18 52.32 24.29
CA ALA A 67 -7.52 53.48 23.71
C ALA A 67 -7.20 53.21 22.24
N PHE A 68 -6.32 52.24 22.00
CA PHE A 68 -5.90 51.89 20.64
C PHE A 68 -7.03 51.35 19.77
N ILE A 69 -7.01 51.75 18.50
CA ILE A 69 -7.98 51.30 17.52
C ILE A 69 -7.20 51.07 16.23
N SER A 70 -7.43 49.91 15.61
CA SER A 70 -6.73 49.55 14.37
C SER A 70 -7.71 48.85 13.46
N PRO A 71 -7.31 48.62 12.21
CA PRO A 71 -8.26 47.93 11.35
C PRO A 71 -8.50 46.55 12.01
N GLY A 72 -9.67 45.96 11.80
CA GLY A 72 -9.98 44.69 12.40
C GLY A 72 -8.88 43.65 12.27
N TRP A 73 -8.55 42.99 13.38
CA TRP A 73 -7.51 41.98 13.40
C TRP A 73 -7.86 40.84 12.45
N VAL A 74 -6.82 40.32 11.79
CA VAL A 74 -6.93 39.22 10.83
C VAL A 74 -6.15 37.99 11.33
N ASP A 75 -6.85 36.91 11.68
CA ASP A 75 -6.16 35.70 12.12
C ASP A 75 -6.14 34.79 10.90
N LEU A 76 -4.97 34.73 10.28
CA LEU A 76 -4.72 33.98 9.07
C LEU A 76 -4.76 32.45 9.22
N HIS A 77 -4.89 31.97 10.45
CA HIS A 77 -4.86 30.52 10.61
C HIS A 77 -5.76 29.99 11.72
N VAL A 78 -6.95 29.52 11.35
CA VAL A 78 -7.91 28.96 12.31
C VAL A 78 -8.65 27.79 11.69
N HIS A 79 -9.39 27.05 12.51
CA HIS A 79 -10.15 25.92 12.00
C HIS A 79 -11.58 26.10 12.48
N ILE A 80 -12.38 26.67 11.61
CA ILE A 80 -13.76 26.97 11.90
C ILE A 80 -14.79 26.21 11.07
N TRP A 81 -14.42 25.01 10.63
CA TRP A 81 -15.34 24.17 9.87
C TRP A 81 -16.09 23.36 10.92
N HIS A 82 -16.74 24.07 11.85
CA HIS A 82 -17.51 23.49 12.95
C HIS A 82 -18.58 22.54 12.43
N GLY A 83 -18.68 21.37 13.06
CA GLY A 83 -19.64 20.39 12.62
C GLY A 83 -19.16 19.60 11.41
N GLY A 84 -18.66 20.29 10.38
CA GLY A 84 -18.18 19.62 9.17
C GLY A 84 -16.97 18.73 9.44
N THR A 85 -16.10 19.19 10.31
CA THR A 85 -14.92 18.46 10.69
C THR A 85 -15.05 18.24 12.19
N ASP A 86 -14.19 17.40 12.75
CA ASP A 86 -14.23 17.11 14.17
C ASP A 86 -13.42 18.07 15.04
N ILE A 87 -12.30 18.53 14.49
CA ILE A 87 -11.36 19.40 15.19
C ILE A 87 -11.65 20.89 15.28
N SER A 88 -12.50 21.39 14.40
CA SER A 88 -12.86 22.82 14.32
C SER A 88 -13.70 23.36 15.46
N ILE A 89 -13.60 24.67 15.65
CA ILE A 89 -14.35 25.40 16.67
C ILE A 89 -15.30 26.29 15.89
N ARG A 90 -16.06 27.14 16.59
CA ARG A 90 -17.01 28.02 15.90
C ARG A 90 -16.35 29.37 15.63
N PRO A 91 -16.81 30.10 14.60
CA PRO A 91 -16.15 31.39 14.40
C PRO A 91 -16.47 32.36 15.56
N SER A 92 -17.60 32.17 16.21
CA SER A 92 -17.95 33.03 17.34
C SER A 92 -16.96 32.82 18.50
N GLU A 93 -16.18 31.72 18.48
CA GLU A 93 -15.26 31.39 19.56
C GLU A 93 -13.88 31.98 19.30
N CYS A 94 -13.62 32.48 18.11
CA CYS A 94 -12.30 33.04 17.81
C CYS A 94 -12.41 34.29 16.95
N GLY A 95 -13.63 34.78 16.78
CA GLY A 95 -13.87 35.97 15.97
C GLY A 95 -14.05 37.31 16.67
N ALA A 96 -15.15 37.99 16.32
CA ALA A 96 -15.52 39.31 16.85
C ALA A 96 -15.49 39.46 18.36
N GLU A 97 -16.14 38.53 19.07
CA GLU A 97 -16.14 38.57 20.53
C GLU A 97 -14.72 38.56 21.08
N ARG A 98 -13.76 38.33 20.18
CA ARG A 98 -12.32 38.28 20.55
C ARG A 98 -11.51 39.42 19.94
N GLY A 99 -12.16 40.25 19.14
CA GLY A 99 -11.48 41.36 18.51
C GLY A 99 -10.94 41.03 17.14
N VAL A 100 -11.31 39.86 16.62
CA VAL A 100 -10.86 39.39 15.31
C VAL A 100 -11.98 39.52 14.26
N THR A 101 -11.72 40.34 13.24
CA THR A 101 -12.69 40.63 12.19
C THR A 101 -12.66 39.72 10.98
N THR A 102 -11.48 39.24 10.63
CA THR A 102 -11.35 38.35 9.50
C THR A 102 -10.75 37.05 9.96
N LEU A 103 -11.40 35.95 9.63
CA LEU A 103 -10.92 34.63 9.98
C LEU A 103 -10.64 33.89 8.68
N VAL A 104 -9.52 33.18 8.64
CA VAL A 104 -9.12 32.42 7.44
C VAL A 104 -9.00 30.95 7.84
N ASP A 105 -9.95 30.13 7.40
CA ASP A 105 -9.88 28.73 7.74
C ASP A 105 -8.71 28.15 6.95
N ALA A 106 -7.88 27.38 7.65
CA ALA A 106 -6.69 26.81 7.05
C ALA A 106 -6.78 25.35 6.64
N GLY A 107 -7.51 25.09 5.56
CA GLY A 107 -7.63 23.74 5.04
C GLY A 107 -8.43 22.76 5.86
N SER A 108 -9.51 23.22 6.50
CA SER A 108 -10.34 22.33 7.28
C SER A 108 -11.24 21.59 6.29
N ALA A 109 -11.51 22.26 5.17
CA ALA A 109 -12.31 21.66 4.13
C ALA A 109 -11.49 21.47 2.85
N GLY A 110 -11.85 20.44 2.07
CA GLY A 110 -11.20 20.16 0.81
C GLY A 110 -12.21 20.46 -0.28
N GLU A 111 -12.05 19.91 -1.48
CA GLU A 111 -13.05 20.20 -2.49
C GLU A 111 -14.35 19.44 -2.18
N ALA A 112 -14.24 18.32 -1.48
CA ALA A 112 -15.40 17.50 -1.14
C ALA A 112 -16.53 18.26 -0.41
N ASN A 113 -16.23 18.89 0.72
CA ASN A 113 -17.28 19.60 1.43
C ASN A 113 -17.08 21.09 1.64
N PHE A 114 -16.48 21.78 0.68
CA PHE A 114 -16.30 23.22 0.84
C PHE A 114 -17.64 23.94 0.72
N HIS A 115 -18.54 23.45 -0.13
CA HIS A 115 -19.83 24.10 -0.27
C HIS A 115 -20.52 24.08 1.10
N GLY A 116 -20.23 23.05 1.89
CA GLY A 116 -20.79 22.96 3.23
C GLY A 116 -20.21 24.06 4.09
N PHE A 117 -18.92 24.29 3.96
CA PHE A 117 -18.26 25.33 4.73
C PHE A 117 -18.86 26.69 4.36
N ARG A 118 -19.04 26.94 3.07
CA ARG A 118 -19.59 28.21 2.62
C ARG A 118 -20.98 28.51 3.18
N GLU A 119 -21.85 27.51 3.11
CA GLU A 119 -23.22 27.67 3.56
C GLU A 119 -23.40 27.73 5.07
N TYR A 120 -22.70 26.87 5.81
CA TYR A 120 -22.84 26.87 7.28
C TYR A 120 -21.94 27.83 8.02
N ILE A 121 -20.72 28.03 7.51
CA ILE A 121 -19.79 28.92 8.22
C ILE A 121 -19.61 30.32 7.64
N ILE A 122 -19.30 30.40 6.36
CA ILE A 122 -19.07 31.70 5.73
C ILE A 122 -20.28 32.62 5.66
N GLU A 123 -21.27 32.25 4.87
CA GLU A 123 -22.46 33.09 4.65
C GLU A 123 -23.18 33.63 5.90
N PRO A 124 -23.42 32.77 6.90
CA PRO A 124 -24.11 33.26 8.10
C PRO A 124 -23.26 34.03 9.12
N SER A 125 -21.94 34.06 8.96
CA SER A 125 -21.08 34.75 9.92
C SER A 125 -21.01 36.27 9.76
N ARG A 126 -20.84 36.99 10.88
CA ARG A 126 -20.73 38.44 10.78
C ARG A 126 -19.33 38.88 10.40
N GLU A 127 -18.35 38.00 10.59
CA GLU A 127 -16.96 38.32 10.26
C GLU A 127 -16.66 37.99 8.80
N ARG A 128 -15.51 38.43 8.33
CA ARG A 128 -15.11 38.13 6.96
C ARG A 128 -14.44 36.78 7.09
N ILE A 129 -14.93 35.81 6.33
CA ILE A 129 -14.37 34.48 6.39
C ILE A 129 -13.90 33.97 5.03
N LYS A 130 -12.60 33.77 4.96
CA LYS A 130 -11.94 33.29 3.76
C LYS A 130 -11.38 31.92 4.16
N ALA A 131 -10.91 31.17 3.17
CA ALA A 131 -10.38 29.85 3.45
C ALA A 131 -9.30 29.40 2.49
N PHE A 132 -8.37 28.62 3.02
CA PHE A 132 -7.33 28.02 2.22
C PHE A 132 -7.95 26.65 1.93
N LEU A 133 -7.99 26.26 0.67
CA LEU A 133 -8.56 24.95 0.32
C LEU A 133 -7.46 23.91 0.52
N ASN A 134 -7.79 22.84 1.22
CA ASN A 134 -6.83 21.77 1.46
C ASN A 134 -6.58 21.04 0.15
N LEU A 135 -5.32 20.65 -0.06
CA LEU A 135 -4.91 19.92 -1.26
C LEU A 135 -5.63 18.58 -1.24
N GLY A 136 -5.82 18.06 -0.03
CA GLY A 136 -6.51 16.79 0.15
C GLY A 136 -8.02 16.99 0.06
N SER A 137 -8.73 16.02 -0.50
CA SER A 137 -10.17 16.12 -0.68
C SER A 137 -11.01 16.13 0.60
N ILE A 138 -10.75 15.19 1.50
CA ILE A 138 -11.53 15.09 2.73
C ILE A 138 -11.22 16.13 3.82
N GLY A 139 -10.34 17.08 3.53
CA GLY A 139 -10.02 18.10 4.52
C GLY A 139 -9.68 17.47 5.87
N LEU A 140 -10.09 18.14 6.95
CA LEU A 140 -9.81 17.68 8.31
C LEU A 140 -10.98 17.07 9.08
N VAL A 141 -11.81 16.27 8.39
CA VAL A 141 -12.95 15.65 9.05
C VAL A 141 -12.52 14.91 10.30
N ALA A 142 -11.55 14.01 10.16
CA ALA A 142 -11.03 13.22 11.28
C ALA A 142 -9.57 13.59 11.43
N CYS A 143 -9.32 14.89 11.58
CA CYS A 143 -7.99 15.46 11.68
C CYS A 143 -6.95 14.59 12.38
N ASN A 144 -5.84 14.34 11.67
CA ASN A 144 -4.74 13.52 12.15
C ASN A 144 -5.07 12.04 12.43
N ARG A 145 -6.35 11.68 12.48
CA ARG A 145 -6.72 10.30 12.72
C ARG A 145 -6.84 9.54 11.40
N VAL A 146 -7.31 10.24 10.37
CA VAL A 146 -7.44 9.69 9.03
C VAL A 146 -6.86 10.75 8.13
N PRO A 147 -5.54 10.78 8.00
CA PRO A 147 -4.79 11.74 7.17
C PRO A 147 -5.47 12.08 5.84
N GLU A 148 -5.40 13.34 5.44
CA GLU A 148 -6.04 13.74 4.20
C GLU A 148 -5.16 13.65 2.95
N LEU A 149 -3.85 13.48 3.14
CA LEU A 149 -2.91 13.36 2.01
C LEU A 149 -2.13 12.06 2.11
N ARG A 150 -2.87 10.94 2.12
CA ARG A 150 -2.30 9.61 2.22
C ARG A 150 -1.72 9.10 0.91
N ASP A 151 -2.14 9.69 -0.21
CA ASP A 151 -1.65 9.32 -1.53
C ASP A 151 -2.37 10.15 -2.60
N ILE A 152 -2.11 9.91 -3.89
CA ILE A 152 -2.74 10.71 -4.93
C ILE A 152 -4.23 10.53 -5.14
N LYS A 153 -4.83 9.51 -4.52
CA LYS A 153 -6.27 9.37 -4.71
C LYS A 153 -6.93 10.47 -3.86
N ASP A 154 -6.18 10.99 -2.90
CA ASP A 154 -6.66 12.06 -2.03
C ASP A 154 -6.63 13.42 -2.73
N ILE A 155 -5.92 13.52 -3.85
CA ILE A 155 -5.82 14.78 -4.59
C ILE A 155 -6.59 14.75 -5.90
N ASP A 156 -7.55 15.65 -6.08
CA ASP A 156 -8.34 15.70 -7.30
C ASP A 156 -8.21 17.09 -7.92
N LEU A 157 -7.20 17.23 -8.78
CA LEU A 157 -6.90 18.49 -9.45
C LEU A 157 -8.07 19.13 -10.17
N ASP A 158 -8.79 18.33 -10.95
CA ASP A 158 -9.94 18.85 -11.68
C ASP A 158 -11.02 19.39 -10.74
N ARG A 159 -11.33 18.62 -9.69
CA ARG A 159 -12.34 19.08 -8.75
C ARG A 159 -11.84 20.31 -7.96
N ILE A 160 -10.53 20.39 -7.71
CA ILE A 160 -10.00 21.55 -7.02
C ILE A 160 -10.19 22.75 -7.94
N LEU A 161 -9.89 22.57 -9.22
CA LEU A 161 -10.05 23.68 -10.16
C LEU A 161 -11.52 24.07 -10.25
N GLU A 162 -12.40 23.06 -10.27
CA GLU A 162 -13.82 23.31 -10.35
C GLU A 162 -14.26 24.06 -9.08
N CYS A 163 -13.88 23.54 -7.91
CA CYS A 163 -14.22 24.16 -6.62
C CYS A 163 -13.79 25.62 -6.50
N TYR A 164 -12.57 25.92 -6.93
CA TYR A 164 -12.04 27.28 -6.85
C TYR A 164 -12.76 28.27 -7.75
N ALA A 165 -13.12 27.82 -8.96
CA ALA A 165 -13.82 28.66 -9.94
C ALA A 165 -15.16 29.14 -9.40
N GLU A 166 -15.83 28.25 -8.66
CA GLU A 166 -17.13 28.54 -8.07
C GLU A 166 -16.99 29.28 -6.75
N ASN A 167 -15.79 29.40 -6.21
CA ASN A 167 -15.63 30.08 -4.92
C ASN A 167 -14.42 30.98 -4.80
N SER A 168 -14.03 31.60 -5.90
CA SER A 168 -12.87 32.49 -5.89
C SER A 168 -13.03 33.65 -4.91
N GLU A 169 -14.27 33.95 -4.55
CA GLU A 169 -14.57 35.03 -3.60
C GLU A 169 -14.32 34.55 -2.17
N HIS A 170 -14.19 33.23 -2.00
CA HIS A 170 -14.01 32.67 -0.68
C HIS A 170 -12.69 31.96 -0.44
N ILE A 171 -12.17 31.32 -1.47
CA ILE A 171 -10.92 30.57 -1.38
C ILE A 171 -9.74 31.47 -1.75
N VAL A 172 -8.81 31.62 -0.82
CA VAL A 172 -7.63 32.45 -1.00
C VAL A 172 -6.32 31.69 -1.29
N GLY A 173 -6.39 30.36 -1.39
CA GLY A 173 -5.18 29.60 -1.69
C GLY A 173 -5.28 28.15 -1.24
N LEU A 174 -4.25 27.35 -1.50
CA LEU A 174 -4.26 25.95 -1.08
C LEU A 174 -3.39 25.72 0.15
N KCX A 175 -4.07 24.41 1.01
CA KCX A 175 -3.17 24.21 2.14
CB KCX A 175 -3.90 24.46 3.46
CG KCX A 175 -3.06 24.19 4.69
CD KCX A 175 -3.80 24.60 5.96
CE KCX A 175 -3.27 23.84 7.16
NZ KCX A 175 -2.17 24.56 7.85
C KCX A 175 -2.57 22.81 2.10
O KCX A 175 -3.07 21.91 1.42
CX KCX A 175 -2.01 24.13 9.08
OQ1 KCX A 175 -1.01 23.52 9.41
OQ2 KCX A 175 -2.95 24.41 9.99
N VAL A 176 -1.26 22.69 2.49
CA VAL A 176 -0.75 21.34 2.54
C VAL A 176 -0.06 21.15 3.89
N ARG A 177 -0.36 20.05 4.56
CA ARG A 177 0.28 19.76 5.82
C ARG A 177 1.38 18.72 5.52
N ALA A 178 2.58 19.25 5.23
CA ALA A 178 3.75 18.44 4.91
C ALA A 178 4.39 17.93 6.20
N SER A 179 3.89 16.82 6.72
CA SER A 179 4.41 16.20 7.95
C SER A 179 4.03 14.73 7.90
N HIS A 180 4.92 13.86 8.36
CA HIS A 180 4.64 12.44 8.26
C HIS A 180 3.38 11.94 8.96
N VAL A 181 2.87 12.75 9.88
CA VAL A 181 1.64 12.38 10.56
C VAL A 181 0.51 12.43 9.54
N ILE A 182 0.63 13.34 8.56
CA ILE A 182 -0.39 13.48 7.53
C ILE A 182 0.04 12.75 6.26
N THR A 183 1.13 13.21 5.66
CA THR A 183 1.60 12.62 4.42
C THR A 183 2.37 11.32 4.58
N GLY A 184 2.56 10.87 5.81
CA GLY A 184 3.24 9.61 6.02
C GLY A 184 4.65 9.45 5.44
N SER A 185 4.79 8.61 4.42
CA SER A 185 6.09 8.37 3.83
C SER A 185 6.45 9.04 2.51
N TRP A 186 5.51 9.64 1.79
CA TRP A 186 5.91 10.23 0.49
C TRP A 186 6.36 11.68 0.44
N GLY A 187 6.72 12.23 1.60
CA GLY A 187 7.22 13.59 1.73
C GLY A 187 6.83 14.76 0.85
N VAL A 188 7.80 15.29 0.09
CA VAL A 188 7.61 16.46 -0.76
C VAL A 188 6.73 16.38 -2.01
N THR A 189 6.51 15.19 -2.55
CA THR A 189 5.70 15.08 -3.75
C THR A 189 4.43 15.94 -3.64
N PRO A 190 3.58 15.69 -2.62
CA PRO A 190 2.37 16.49 -2.50
C PRO A 190 2.59 18.01 -2.47
N VAL A 191 3.72 18.44 -1.93
CA VAL A 191 4.04 19.87 -1.87
C VAL A 191 4.33 20.37 -3.28
N LYS A 192 5.06 19.58 -4.07
CA LYS A 192 5.36 20.00 -5.43
C LYS A 192 4.04 20.07 -6.19
N LEU A 193 3.23 19.03 -6.05
CA LEU A 193 1.93 18.99 -6.70
C LEU A 193 1.12 20.20 -6.27
N GLY A 194 1.17 20.47 -4.96
CA GLY A 194 0.46 21.62 -4.43
C GLY A 194 0.88 22.87 -5.16
N LYS A 195 2.19 23.08 -5.28
CA LYS A 195 2.72 24.25 -5.95
C LYS A 195 2.25 24.34 -7.41
N LYS A 196 2.15 23.20 -8.07
CA LYS A 196 1.72 23.16 -9.46
C LYS A 196 0.29 23.70 -9.60
N ILE A 197 -0.63 23.16 -8.78
CA ILE A 197 -2.04 23.58 -8.80
C ILE A 197 -2.19 25.03 -8.38
N ALA A 198 -1.45 25.43 -7.34
CA ALA A 198 -1.48 26.82 -6.86
C ALA A 198 -1.06 27.76 -8.00
N LYS A 199 0.00 27.40 -8.73
CA LYS A 199 0.48 28.18 -9.86
C LYS A 199 -0.60 28.26 -10.95
N ILE A 200 -1.30 27.16 -11.18
CA ILE A 200 -2.37 27.13 -12.18
C ILE A 200 -3.51 28.05 -11.76
N LEU A 201 -3.89 27.99 -10.48
CA LEU A 201 -4.98 28.80 -9.95
C LEU A 201 -4.55 30.24 -9.78
N LYS A 202 -3.24 30.45 -9.80
CA LYS A 202 -2.67 31.77 -9.62
C LYS A 202 -3.01 32.24 -8.21
N VAL A 203 -2.74 31.37 -7.25
CA VAL A 203 -3.06 31.65 -5.86
C VAL A 203 -1.91 31.25 -4.90
N PRO A 204 -1.82 31.88 -3.73
CA PRO A 204 -0.74 31.54 -2.80
C PRO A 204 -0.92 30.18 -2.13
N MSE A 205 0.17 29.65 -1.58
CA MSE A 205 0.14 28.36 -0.92
C MSE A 205 0.64 28.43 0.52
O MSE A 205 1.73 28.94 0.77
CB MSE A 205 1.01 27.37 -1.71
CG MSE A 205 0.85 25.92 -1.31
SE MSE A 205 1.97 24.83 -2.19
CE MSE A 205 1.83 23.39 -1.23
N MSE A 206 -0.16 27.94 1.47
CA MSE A 206 0.25 27.95 2.87
C MSE A 206 0.69 26.55 3.24
O MSE A 206 -0.09 25.60 3.13
CB MSE A 206 -0.92 28.39 3.80
CG MSE A 206 -0.59 28.29 5.32
SE MSE A 206 -1.85 28.92 6.47
CE MSE A 206 -2.59 27.51 6.87
N VAL A 207 1.94 26.40 3.66
CA VAL A 207 2.42 25.07 4.00
C VAL A 207 2.86 24.91 5.45
N HIS A 208 2.30 23.88 6.08
CA HIS A 208 2.58 23.54 7.46
C HIS A 208 3.81 22.62 7.48
N VAL A 209 4.67 22.84 8.46
CA VAL A 209 5.87 22.03 8.60
C VAL A 209 5.89 21.38 9.99
N GLY A 210 6.33 20.13 10.06
CA GLY A 210 6.39 19.43 11.33
C GLY A 210 7.38 18.29 11.29
N GLU A 211 7.00 17.15 11.86
CA GLU A 211 7.86 15.98 11.88
C GLU A 211 8.48 15.81 10.49
N PRO A 212 9.81 16.02 10.40
CA PRO A 212 10.66 15.96 9.21
C PRO A 212 10.18 15.37 7.88
N PRO A 213 9.97 14.04 7.78
CA PRO A 213 9.51 13.44 6.51
C PRO A 213 8.54 14.34 5.71
N ALA A 214 9.16 15.21 4.92
CA ALA A 214 8.57 16.26 4.10
C ALA A 214 9.25 17.45 4.77
N LEU A 215 10.58 17.41 4.74
CA LEU A 215 11.45 18.39 5.38
C LEU A 215 11.20 19.88 5.19
N TYR A 216 11.41 20.61 6.28
CA TYR A 216 11.23 22.05 6.35
C TYR A 216 12.07 22.71 5.28
N ASP A 217 13.29 22.22 5.15
CA ASP A 217 14.25 22.74 4.20
C ASP A 217 13.76 22.56 2.76
N GLU A 218 13.15 21.41 2.48
CA GLU A 218 12.65 21.09 1.16
C GLU A 218 11.49 21.99 0.76
N VAL A 219 10.60 22.26 1.70
CA VAL A 219 9.44 23.09 1.44
C VAL A 219 9.84 24.52 1.09
N LEU A 220 10.73 25.11 1.88
CA LEU A 220 11.21 26.47 1.59
C LEU A 220 11.82 26.56 0.17
N GLU A 221 12.42 25.46 -0.28
CA GLU A 221 13.03 25.39 -1.61
C GLU A 221 11.97 25.52 -2.71
N ILE A 222 10.91 24.72 -2.61
CA ILE A 222 9.83 24.74 -3.60
C ILE A 222 8.91 25.97 -3.53
N LEU A 223 8.81 26.61 -2.38
CA LEU A 223 7.96 27.79 -2.25
C LEU A 223 8.50 29.00 -3.00
N GLY A 224 7.71 30.06 -3.07
CA GLY A 224 8.09 31.27 -3.77
C GLY A 224 7.34 32.48 -3.23
N PRO A 225 7.59 33.67 -3.79
CA PRO A 225 6.93 34.91 -3.36
C PRO A 225 5.44 34.80 -3.09
N GLY A 226 5.02 35.28 -1.91
CA GLY A 226 3.61 35.26 -1.55
C GLY A 226 3.18 34.00 -0.80
N ASP A 227 3.91 32.91 -1.02
CA ASP A 227 3.62 31.66 -0.33
C ASP A 227 3.81 31.87 1.16
N VAL A 228 3.18 31.00 1.94
CA VAL A 228 3.25 31.12 3.38
C VAL A 228 3.68 29.82 4.06
N VAL A 229 4.55 29.93 5.05
CA VAL A 229 4.98 28.76 5.82
C VAL A 229 4.43 29.01 7.22
N THR A 230 3.48 28.17 7.63
CA THR A 230 2.90 28.32 8.96
C THR A 230 3.67 27.37 9.87
N HIS A 231 3.77 27.75 11.15
CA HIS A 231 4.50 27.02 12.18
C HIS A 231 5.97 27.41 12.05
N CYS A 232 6.22 28.57 11.46
CA CYS A 232 7.57 29.08 11.21
C CYS A 232 8.54 28.97 12.39
N PHE A 233 8.03 29.17 13.60
CA PHE A 233 8.87 29.13 14.79
C PHE A 233 8.62 27.98 15.75
N ASN A 234 8.32 26.81 15.20
CA ASN A 234 8.08 25.67 16.05
C ASN A 234 9.41 25.28 16.62
N GLY A 235 9.37 24.71 17.83
CA GLY A 235 10.59 24.28 18.50
C GLY A 235 10.64 22.78 18.64
N LYS A 236 10.28 22.07 17.58
CA LYS A 236 10.31 20.61 17.59
C LYS A 236 11.52 20.06 16.82
N SER A 237 12.12 18.99 17.37
CA SER A 237 13.27 18.33 16.75
C SER A 237 12.97 17.89 15.32
N GLY A 238 13.80 18.34 14.38
CA GLY A 238 13.60 17.96 13.00
C GLY A 238 12.82 18.99 12.20
N SER A 239 12.40 20.07 12.87
CA SER A 239 11.62 21.11 12.19
C SER A 239 11.96 22.51 12.68
N SER A 240 12.68 22.59 13.79
CA SER A 240 13.06 23.88 14.36
C SER A 240 14.15 24.59 13.58
N ILE A 241 13.96 25.88 13.30
CA ILE A 241 14.96 26.64 12.56
C ILE A 241 16.17 26.99 13.43
N MSE A 242 16.12 26.61 14.71
CA MSE A 242 17.22 26.94 15.60
C MSE A 242 18.19 25.78 15.85
O MSE A 242 19.28 25.98 16.39
CB MSE A 242 16.67 27.50 16.92
CG MSE A 242 17.31 28.82 17.39
SE MSE A 242 17.65 30.02 16.06
CE MSE A 242 16.03 30.29 15.42
N GLU A 243 17.80 24.58 15.43
CA GLU A 243 18.64 23.38 15.59
C GLU A 243 19.54 23.15 14.37
N ASP A 244 19.24 23.84 13.28
CA ASP A 244 19.99 23.70 12.04
C ASP A 244 20.32 25.06 11.44
N GLU A 245 21.56 25.50 11.60
CA GLU A 245 21.97 26.80 11.06
C GLU A 245 21.76 26.91 9.56
N ASP A 246 21.80 25.77 8.86
CA ASP A 246 21.59 25.76 7.41
C ASP A 246 20.14 26.12 7.16
N LEU A 247 19.25 25.54 7.97
CA LEU A 247 17.81 25.80 7.85
C LEU A 247 17.55 27.26 8.17
N PHE A 248 18.14 27.72 9.28
CA PHE A 248 17.94 29.11 9.69
C PHE A 248 18.37 30.05 8.59
N ASN A 249 19.51 29.79 7.98
CA ASN A 249 20.02 30.63 6.93
C ASN A 249 19.09 30.61 5.73
N LEU A 250 18.48 29.48 5.46
CA LEU A 250 17.57 29.39 4.33
C LEU A 250 16.26 30.12 4.63
N ALA A 251 15.74 29.98 5.84
CA ALA A 251 14.49 30.63 6.22
C ALA A 251 14.65 32.16 6.12
N GLU A 252 15.78 32.65 6.60
CA GLU A 252 16.10 34.07 6.58
C GLU A 252 16.26 34.57 5.14
N ARG A 253 16.80 33.73 4.27
CA ARG A 253 17.00 34.10 2.88
C ARG A 253 15.66 34.11 2.16
N CYS A 254 14.92 33.00 2.28
CA CYS A 254 13.63 32.87 1.64
C CYS A 254 12.70 33.99 2.10
N GLU A 257 12.79 36.44 1.47
CA GLU A 257 12.82 37.25 0.22
C GLU A 257 11.51 37.00 -0.56
N GLY A 258 10.38 37.15 0.09
CA GLY A 258 9.12 36.93 -0.58
C GLY A 258 8.23 35.93 0.14
N ILE A 259 8.83 34.84 0.64
CA ILE A 259 8.10 33.81 1.37
C ILE A 259 7.65 34.32 2.74
N ARG A 260 6.35 34.26 2.98
CA ARG A 260 5.78 34.74 4.24
C ARG A 260 5.88 33.73 5.36
N LEU A 261 6.44 34.16 6.48
CA LEU A 261 6.55 33.29 7.65
C LEU A 261 5.37 33.58 8.58
N ASP A 262 4.62 32.54 8.95
CA ASP A 262 3.45 32.66 9.82
C ASP A 262 3.62 31.84 11.10
N ILE A 263 3.30 32.44 12.25
CA ILE A 263 3.45 31.73 13.51
C ILE A 263 2.57 30.50 13.59
N GLY A 264 1.28 30.68 13.31
CA GLY A 264 0.35 29.56 13.37
C GLY A 264 0.54 28.76 14.65
N HIS A 265 0.55 29.46 15.78
CA HIS A 265 0.71 28.83 17.09
C HIS A 265 -0.45 27.84 17.32
N GLY A 266 -0.14 26.58 17.65
CA GLY A 266 -1.26 25.68 17.85
C GLY A 266 -1.11 24.40 18.64
N GLY A 267 -0.48 24.47 19.80
CA GLY A 267 -0.33 23.25 20.59
C GLY A 267 1.02 22.61 20.39
N ALA A 268 1.50 22.58 19.15
CA ALA A 268 2.81 22.00 18.90
C ALA A 268 3.73 22.88 18.04
N SER A 269 3.21 23.98 17.49
CA SER A 269 4.03 24.81 16.60
C SER A 269 4.66 26.15 17.04
N PHE A 270 4.67 26.45 18.34
CA PHE A 270 5.30 27.69 18.79
C PHE A 270 6.17 27.52 20.01
N SER A 271 7.39 28.05 19.90
CA SER A 271 8.38 28.02 20.98
C SER A 271 8.91 29.42 21.26
N PHE A 272 8.92 29.74 22.60
CA PHE A 272 9.39 31.08 22.98
C PHE A 272 10.86 31.19 22.60
N LYS A 273 11.61 30.13 22.92
CA LYS A 273 13.03 30.07 22.65
C LYS A 273 13.36 30.23 21.17
N VAL A 274 12.67 29.50 20.30
CA VAL A 274 12.93 29.64 18.86
C VAL A 274 12.67 31.07 18.43
N ALA A 275 11.52 31.62 18.81
CA ALA A 275 11.13 32.98 18.46
C ALA A 275 12.08 34.04 18.99
N GLU A 276 12.56 33.84 20.22
CA GLU A 276 13.47 34.80 20.83
C GLU A 276 14.71 34.89 19.99
N ALA A 277 15.34 33.74 19.80
CA ALA A 277 16.55 33.68 18.99
C ALA A 277 16.33 34.24 17.59
N ALA A 278 15.17 33.96 17.00
CA ALA A 278 14.88 34.45 15.67
C ALA A 278 14.83 35.97 15.62
N ILE A 279 14.06 36.55 16.54
CA ILE A 279 13.90 38.00 16.59
C ILE A 279 15.18 38.74 16.95
N ALA A 280 16.02 38.14 17.80
CA ALA A 280 17.29 38.78 18.17
C ALA A 280 18.22 38.84 16.95
N ARG A 281 18.03 37.95 15.99
CA ARG A 281 18.84 37.92 14.78
C ARG A 281 18.15 38.66 13.64
N GLY A 282 17.11 39.42 13.98
CA GLY A 282 16.40 40.20 12.97
C GLY A 282 15.32 39.45 12.19
N LEU A 283 15.11 38.09 12.46
CA LEU A 283 14.06 37.39 11.72
C LEU A 283 12.72 37.47 12.44
N LEU A 284 11.83 38.28 11.88
CA LEU A 284 10.50 38.46 12.43
C LEU A 284 9.47 37.65 11.66
N PRO A 285 8.36 37.28 12.32
CA PRO A 285 7.38 36.53 11.56
C PRO A 285 6.59 37.55 10.73
N PHE A 286 6.19 37.15 9.54
CA PHE A 286 5.43 38.04 8.66
C PHE A 286 4.02 38.29 9.23
N SER A 287 3.43 37.25 9.78
CA SER A 287 2.11 37.34 10.36
C SER A 287 2.07 36.49 11.61
N ILE A 288 1.22 36.91 12.55
CA ILE A 288 1.02 36.21 13.81
C ILE A 288 -0.35 35.56 13.74
N SER A 289 -0.42 34.24 13.92
CA SER A 289 -1.71 33.58 13.88
C SER A 289 -1.84 32.51 14.96
N THR A 290 -3.06 32.14 15.25
CA THR A 290 -3.33 31.13 16.27
C THR A 290 -3.87 29.91 15.57
N ASP A 291 -3.09 28.86 15.43
CA ASP A 291 -3.62 27.66 14.80
C ASP A 291 -4.68 27.13 15.78
N LEU A 292 -5.71 27.96 15.98
CA LEU A 292 -6.80 27.72 16.90
C LEU A 292 -7.79 26.65 16.46
N HIS A 293 -8.01 25.68 17.32
CA HIS A 293 -8.97 24.63 17.03
C HIS A 293 -9.38 23.97 18.34
N GLY A 294 -10.23 22.95 18.25
CA GLY A 294 -10.71 22.27 19.44
C GLY A 294 -9.69 21.71 20.42
N HIS A 295 -8.42 21.68 20.04
CA HIS A 295 -7.42 21.14 20.95
C HIS A 295 -6.31 22.10 21.33
N SER A 296 -6.34 23.30 20.78
CA SER A 296 -5.32 24.28 21.12
C SER A 296 -5.94 25.51 21.80
N MSE A 297 -7.24 25.69 21.63
CA MSE A 297 -7.91 26.86 22.21
C MSE A 297 -7.92 26.90 23.73
O MSE A 297 -7.52 27.91 24.31
CB MSE A 297 -9.36 27.00 21.71
CG MSE A 297 -10.07 28.24 22.30
SE MSE A 297 -11.66 28.61 21.62
CE MSE A 297 -12.52 27.18 22.17
N ASN A 298 -8.34 25.84 24.38
CA ASN A 298 -8.39 25.92 25.83
C ASN A 298 -7.02 26.01 26.50
N PHE A 299 -6.09 25.16 26.10
CA PHE A 299 -4.81 25.24 26.77
C PHE A 299 -3.69 26.04 26.14
N PRO A 300 -2.96 25.46 25.18
CA PRO A 300 -1.87 26.28 24.61
C PRO A 300 -2.27 27.72 24.24
N VAL A 301 -2.88 27.82 23.08
CA VAL A 301 -3.34 29.08 22.50
C VAL A 301 -4.65 29.51 23.11
N TRP A 302 -4.74 30.71 23.64
CA TRP A 302 -6.05 31.06 24.17
C TRP A 302 -6.78 31.84 23.08
N ASP A 303 -6.10 32.82 22.51
CA ASP A 303 -6.66 33.64 21.48
C ASP A 303 -5.57 34.44 20.81
N LEU A 304 -5.91 35.15 19.74
CA LEU A 304 -4.95 35.95 19.01
C LEU A 304 -4.23 36.97 19.89
N ALA A 305 -4.99 37.62 20.78
CA ALA A 305 -4.42 38.62 21.66
C ALA A 305 -3.28 38.04 22.51
N THR A 306 -3.49 36.86 23.08
CA THR A 306 -2.46 36.23 23.89
C THR A 306 -1.24 35.90 23.01
N THR A 307 -1.50 35.48 21.77
CA THR A 307 -0.44 35.13 20.84
C THR A 307 0.33 36.38 20.48
N MSE A 308 -0.37 37.52 20.35
CA MSE A 308 0.28 38.78 20.03
C MSE A 308 1.16 39.18 21.23
O MSE A 308 2.23 39.75 21.07
CB MSE A 308 -0.75 39.88 19.75
CG MSE A 308 -1.66 39.63 18.56
SE MSE A 308 -3.16 40.68 18.49
CE MSE A 308 -2.47 42.20 18.09
N SER A 309 0.70 38.84 22.43
CA SER A 309 1.42 39.14 23.67
C SER A 309 2.71 38.34 23.84
N LYS A 310 2.74 37.11 23.33
CA LYS A 310 3.93 36.27 23.43
C LYS A 310 5.04 36.77 22.50
N LEU A 311 4.64 37.25 21.31
CA LEU A 311 5.60 37.78 20.36
C LEU A 311 6.15 39.09 20.88
N LEU A 312 5.28 39.90 21.47
CA LEU A 312 5.69 41.18 22.04
C LEU A 312 6.66 40.94 23.19
N SER A 313 6.49 39.81 23.88
CA SER A 313 7.32 39.46 25.02
C SER A 313 8.71 38.99 24.61
N VAL A 314 8.86 38.50 23.39
CA VAL A 314 10.19 38.07 22.95
C VAL A 314 10.79 39.09 22.02
N ASP A 315 10.47 40.34 22.30
CA ASP A 315 10.98 41.50 21.59
C ASP A 315 10.58 41.81 20.17
N MSE A 316 9.30 41.71 19.87
CA MSE A 316 8.85 42.06 18.53
C MSE A 316 8.28 43.44 18.81
O MSE A 316 7.33 43.59 19.57
CB MSE A 316 7.77 41.11 18.04
CG MSE A 316 7.54 41.09 16.53
SE MSE A 316 6.43 39.78 15.95
CE MSE A 316 5.90 40.51 14.42
N PRO A 317 8.87 44.49 18.23
CA PRO A 317 8.32 45.82 18.48
C PRO A 317 6.80 45.88 18.31
N PHE A 318 6.15 46.64 19.18
CA PHE A 318 4.70 46.82 19.16
C PHE A 318 4.12 47.02 17.75
N GLU A 319 4.56 48.08 17.08
CA GLU A 319 4.08 48.38 15.74
C GLU A 319 4.13 47.22 14.76
N ASN A 320 5.08 46.31 14.95
CA ASN A 320 5.22 45.19 14.04
C ASN A 320 4.25 44.09 14.38
N VAL A 321 3.90 43.92 15.65
CA VAL A 321 2.95 42.88 16.04
C VAL A 321 1.57 43.23 15.49
N VAL A 322 1.20 44.51 15.59
CA VAL A 322 -0.11 45.00 15.11
C VAL A 322 -0.17 44.79 13.59
N GLU A 323 0.95 45.02 12.94
CA GLU A 323 1.01 44.88 11.49
C GLU A 323 0.95 43.41 11.07
N ALA A 324 1.55 42.53 11.88
CA ALA A 324 1.57 41.09 11.61
C ALA A 324 0.24 40.47 12.00
N VAL A 325 -0.79 41.31 12.09
CA VAL A 325 -2.10 40.85 12.49
C VAL A 325 -3.16 41.65 11.76
N THR A 326 -2.70 42.52 10.86
CA THR A 326 -3.60 43.34 10.06
C THR A 326 -3.15 43.45 8.59
N ARG A 327 -2.27 44.41 8.32
CA ARG A 327 -1.78 44.65 6.97
C ARG A 327 -1.09 43.47 6.28
N ASN A 328 -0.26 42.76 7.03
CA ASN A 328 0.48 41.62 6.46
C ASN A 328 -0.36 40.40 6.10
N PRO A 329 -1.18 39.88 7.03
CA PRO A 329 -1.99 38.70 6.69
C PRO A 329 -3.04 39.10 5.66
N ALA A 330 -3.40 40.37 5.65
CA ALA A 330 -4.38 40.85 4.70
C ALA A 330 -3.82 40.83 3.28
N SER A 331 -2.54 41.15 3.15
CA SER A 331 -1.92 41.15 1.84
C SER A 331 -1.96 39.73 1.24
N VAL A 332 -1.77 38.72 2.09
CA VAL A 332 -1.79 37.35 1.62
C VAL A 332 -3.16 37.00 1.05
N ILE A 333 -4.22 37.45 1.70
CA ILE A 333 -5.54 37.13 1.21
C ILE A 333 -6.11 38.16 0.26
N ARG A 334 -5.28 39.12 -0.11
CA ARG A 334 -5.69 40.18 -1.01
C ARG A 334 -6.83 41.00 -0.45
N LEU A 335 -6.75 41.29 0.84
CA LEU A 335 -7.76 42.10 1.51
C LEU A 335 -7.25 43.53 1.49
N ASP A 336 -7.98 44.44 0.86
CA ASP A 336 -7.53 45.82 0.78
C ASP A 336 -7.58 46.47 2.14
N MSE A 337 -6.47 47.06 2.57
CA MSE A 337 -6.44 47.70 3.89
C MSE A 337 -5.87 49.12 3.85
O MSE A 337 -5.26 49.60 4.80
CB MSE A 337 -5.63 46.81 4.85
CG MSE A 337 -5.82 47.13 6.30
SE MSE A 337 -5.52 45.73 7.34
CE MSE A 337 -7.06 44.98 7.26
N GLU A 338 -6.09 49.80 2.73
CA GLU A 338 -5.60 51.16 2.57
C GLU A 338 -6.71 52.16 2.84
N ASN A 339 -6.30 53.40 3.12
CA ASN A 339 -7.22 54.50 3.38
C ASN A 339 -8.40 54.09 4.23
N ARG A 340 -8.23 53.13 5.11
CA ARG A 340 -9.33 52.64 5.93
C ARG A 340 -10.03 53.66 6.82
N LEU A 341 -9.35 54.76 7.14
CA LEU A 341 -9.94 55.81 7.99
C LEU A 341 -10.71 56.85 7.17
N ASP A 342 -10.58 56.79 5.85
CA ASP A 342 -11.25 57.71 4.92
C ASP A 342 -12.74 57.75 5.17
N VAL A 343 -13.39 58.84 4.76
CA VAL A 343 -14.83 58.94 4.94
C VAL A 343 -15.47 58.05 3.89
N GLY A 344 -16.57 57.41 4.24
CA GLY A 344 -17.23 56.54 3.29
C GLY A 344 -16.75 55.10 3.36
N GLN A 345 -15.54 54.90 3.87
CA GLN A 345 -15.00 53.55 4.02
C GLN A 345 -15.81 52.75 5.04
N ARG A 346 -16.11 51.50 4.75
CA ARG A 346 -16.88 50.70 5.70
C ARG A 346 -16.09 50.52 6.98
N ALA A 347 -16.69 50.84 8.12
CA ALA A 347 -16.03 50.71 9.41
C ALA A 347 -15.68 49.26 9.68
N ASP A 348 -14.43 49.00 9.99
CA ASP A 348 -13.98 47.64 10.25
C ASP A 348 -12.78 47.74 11.19
N PHE A 349 -13.06 48.03 12.46
CA PHE A 349 -11.99 48.20 13.46
C PHE A 349 -11.92 47.14 14.55
N THR A 350 -10.97 47.33 15.45
CA THR A 350 -10.78 46.46 16.59
C THR A 350 -10.14 47.37 17.63
N VAL A 351 -10.90 47.64 18.67
CA VAL A 351 -10.48 48.50 19.76
C VAL A 351 -9.83 47.63 20.83
N PHE A 352 -8.59 47.97 21.21
CA PHE A 352 -7.85 47.20 22.20
C PHE A 352 -6.91 48.06 22.99
N ASP A 353 -6.56 47.56 24.18
CA ASP A 353 -5.63 48.24 25.05
C ASP A 353 -4.38 47.38 25.19
N LEU A 354 -3.31 47.98 25.69
CA LEU A 354 -2.07 47.26 25.90
C LEU A 354 -1.74 47.58 27.36
N VAL A 355 -2.20 46.74 28.27
CA VAL A 355 -2.00 46.95 29.71
C VAL A 355 -0.90 46.15 30.41
N ASP A 356 -0.49 46.65 31.58
CA ASP A 356 0.54 45.99 32.36
C ASP A 356 -0.07 44.78 33.06
N ALA A 357 0.68 43.70 33.10
CA ALA A 357 0.19 42.49 33.75
C ALA A 357 1.33 41.61 34.18
N ASP A 358 0.96 40.48 34.78
CA ASP A 358 1.92 39.48 35.23
C ASP A 358 1.20 38.16 35.00
N LEU A 359 1.12 37.75 33.74
CA LEU A 359 0.41 36.54 33.38
C LEU A 359 1.36 35.51 32.81
N GLU A 360 1.14 34.26 33.17
CA GLU A 360 1.95 33.19 32.65
C GLU A 360 1.20 32.51 31.55
N ALA A 361 1.84 32.42 30.40
CA ALA A 361 1.28 31.75 29.24
C ALA A 361 2.31 30.67 28.93
N THR A 362 1.89 29.58 28.32
CA THR A 362 2.84 28.54 27.99
C THR A 362 2.74 28.24 26.52
N ASP A 363 3.90 28.01 25.89
CA ASP A 363 3.98 27.72 24.46
C ASP A 363 3.73 26.25 24.13
N SER A 364 3.95 25.90 22.87
CA SER A 364 3.76 24.54 22.40
C SER A 364 4.83 23.60 22.91
N ASN A 365 5.76 24.13 23.70
CA ASN A 365 6.83 23.32 24.27
C ASN A 365 6.76 23.19 25.79
N GLY A 366 5.61 23.55 26.35
CA GLY A 366 5.46 23.44 27.78
C GLY A 366 6.22 24.53 28.53
N ASP A 367 7.09 25.25 27.82
CA ASP A 367 7.85 26.34 28.42
C ASP A 367 6.90 27.44 28.84
N VAL A 368 7.05 27.89 30.08
CA VAL A 368 6.18 28.94 30.59
C VAL A 368 6.90 30.28 30.70
N SER A 369 6.25 31.32 30.22
CA SER A 369 6.79 32.67 30.32
C SER A 369 5.68 33.55 30.90
N ARG A 370 6.04 34.60 31.63
CA ARG A 370 5.02 35.48 32.21
C ARG A 370 5.04 36.85 31.55
N LEU A 371 4.05 37.06 30.68
CA LEU A 371 3.89 38.31 29.93
C LEU A 371 3.64 39.52 30.84
N LYS A 372 4.41 40.57 30.62
CA LYS A 372 4.32 41.80 31.40
C LYS A 372 3.39 42.85 30.77
N ARG A 373 3.00 42.62 29.52
CA ARG A 373 2.10 43.50 28.81
C ARG A 373 1.12 42.65 28.02
N LEU A 374 -0.15 43.05 28.02
CA LEU A 374 -1.16 42.26 27.33
C LEU A 374 -2.09 42.98 26.38
N PHE A 375 -2.15 42.47 25.16
CA PHE A 375 -3.06 43.04 24.21
C PHE A 375 -4.40 42.58 24.77
N GLU A 376 -5.33 43.52 24.91
CA GLU A 376 -6.64 43.19 25.45
C GLU A 376 -7.74 43.84 24.61
N PRO A 377 -8.38 43.05 23.73
CA PRO A 377 -9.46 43.59 22.88
C PRO A 377 -10.66 44.04 23.67
N ARG A 378 -11.24 45.17 23.23
CA ARG A 378 -12.42 45.80 23.86
C ARG A 378 -13.64 45.73 22.96
N TYR A 379 -13.49 46.19 21.76
CA TYR A 379 -14.61 46.13 20.83
C TYR A 379 -14.17 45.84 19.47
N ALA A 380 -15.00 45.04 18.84
CA ALA A 380 -14.84 44.75 17.47
C ALA A 380 -16.07 45.32 16.82
N VAL A 381 -15.86 46.30 15.95
CA VAL A 381 -16.88 47.06 15.26
C VAL A 381 -16.87 46.77 13.79
N ILE A 382 -17.86 46.07 13.34
CA ILE A 382 -18.01 45.73 11.94
C ILE A 382 -19.17 46.51 11.38
N GLY A 383 -18.86 47.55 10.60
CA GLY A 383 -19.90 48.40 10.08
C GLY A 383 -20.52 49.10 11.27
N ALA A 384 -21.85 49.09 11.36
CA ALA A 384 -22.55 49.75 12.45
C ALA A 384 -22.63 48.94 13.73
N GLU A 385 -22.36 47.64 13.65
CA GLU A 385 -22.41 46.79 14.85
C GLU A 385 -21.12 46.99 15.65
N ALA A 386 -21.24 47.03 16.95
CA ALA A 386 -20.09 47.17 17.81
C ALA A 386 -20.16 46.01 18.78
N ILE A 387 -19.28 45.05 18.64
CA ILE A 387 -19.30 43.89 19.53
C ILE A 387 -18.32 43.99 20.69
N ALA A 388 -18.80 43.72 21.89
CA ALA A 388 -17.95 43.73 23.08
C ALA A 388 -16.99 42.56 22.99
N ALA A 389 -15.71 42.87 22.96
CA ALA A 389 -14.66 41.86 22.87
C ALA A 389 -14.00 41.68 24.22
N SER A 390 -13.33 40.53 24.36
CA SER A 390 -12.64 40.16 25.59
C SER A 390 -11.76 38.92 25.37
N ARG A 391 -10.66 38.83 26.11
CA ARG A 391 -9.77 37.69 26.00
C ARG A 391 -10.48 36.44 26.48
N TYR A 392 -10.05 35.30 25.96
CA TYR A 392 -10.59 33.98 26.27
C TYR A 392 -10.20 33.57 27.68
N ILE A 393 -11.17 33.09 28.43
CA ILE A 393 -10.89 32.67 29.79
C ILE A 393 -10.92 31.15 29.76
N PRO A 394 -9.77 30.52 30.05
CA PRO A 394 -9.67 29.07 30.06
C PRO A 394 -10.60 28.39 31.05
N ARG A 395 -11.61 27.71 30.51
CA ARG A 395 -12.57 26.98 31.32
C ARG A 395 -11.94 25.64 31.64
N ALA A 396 -10.79 25.69 32.29
CA ALA A 396 -10.05 24.51 32.68
C ALA A 396 -8.76 24.95 33.37
N PRO B 16 -55.49 24.29 13.77
CA PRO B 16 -56.43 23.16 13.58
C PRO B 16 -56.62 22.80 12.12
N ILE B 17 -56.55 21.52 11.80
CA ILE B 17 -56.73 21.04 10.43
C ILE B 17 -57.76 19.92 10.46
N LEU B 18 -58.59 19.85 9.42
CA LEU B 18 -59.61 18.82 9.36
C LEU B 18 -59.51 18.05 8.04
N LEU B 19 -58.82 16.92 8.07
CA LEU B 19 -58.66 16.10 6.87
C LEU B 19 -59.99 15.40 6.70
N THR B 20 -60.59 15.56 5.52
CA THR B 20 -61.88 14.95 5.23
C THR B 20 -61.77 14.00 4.05
N ASN B 21 -62.49 12.88 4.10
CA ASN B 21 -62.57 11.90 3.05
C ASN B 21 -61.23 11.19 2.87
N VAL B 22 -60.65 10.59 3.89
CA VAL B 22 -59.40 9.85 3.72
C VAL B 22 -59.62 8.37 4.01
N LYS B 23 -58.96 7.52 3.24
CA LYS B 23 -59.10 6.08 3.42
C LYS B 23 -57.84 5.46 4.05
N PRO B 24 -57.84 5.31 5.40
CA PRO B 24 -56.76 4.74 6.22
C PRO B 24 -56.18 3.40 5.78
N VAL B 25 -54.86 3.29 5.86
CA VAL B 25 -54.10 2.07 5.53
C VAL B 25 -52.81 2.09 6.37
N GLY B 26 -52.31 0.91 6.72
CA GLY B 26 -51.09 0.85 7.49
C GLY B 26 -51.22 1.10 8.99
N PHE B 27 -52.46 1.19 9.49
CA PHE B 27 -52.65 1.41 10.92
C PHE B 27 -52.89 0.11 11.71
N SER B 32 -59.12 -0.90 11.54
CA SER B 32 -58.95 -0.72 10.11
C SER B 32 -59.80 0.44 9.59
N GLN B 33 -61.11 0.26 9.64
CA GLN B 33 -62.05 1.30 9.19
C GLN B 33 -61.96 1.61 7.70
N SER B 34 -62.81 2.54 7.29
CA SER B 34 -62.93 2.99 5.90
C SER B 34 -62.99 4.51 5.84
N SER B 35 -63.31 5.04 4.66
CA SER B 35 -63.38 6.47 4.44
C SER B 35 -63.90 7.23 5.65
N THR B 36 -63.01 7.99 6.29
CA THR B 36 -63.33 8.74 7.49
C THR B 36 -62.79 10.17 7.44
N ASP B 37 -62.79 10.83 8.59
CA ASP B 37 -62.31 12.22 8.73
C ASP B 37 -61.43 12.35 9.97
N ILE B 38 -60.44 13.24 9.90
CA ILE B 38 -59.54 13.45 11.02
C ILE B 38 -59.42 14.94 11.37
N LEU B 39 -59.69 15.29 12.62
CA LEU B 39 -59.56 16.68 13.06
C LEU B 39 -58.29 16.77 13.92
N ILE B 40 -57.41 17.70 13.55
CA ILE B 40 -56.15 17.89 14.25
C ILE B 40 -56.16 19.25 14.93
N GLY B 41 -56.02 19.22 16.24
CA GLY B 41 -56.01 20.47 16.97
C GLY B 41 -54.72 21.24 16.80
N GLY B 42 -54.71 22.45 17.34
CA GLY B 42 -53.55 23.32 17.26
C GLY B 42 -52.26 22.75 17.81
N ASP B 43 -52.36 21.96 18.88
CA ASP B 43 -51.18 21.35 19.48
C ASP B 43 -50.64 20.20 18.62
N GLY B 44 -51.19 20.06 17.41
CA GLY B 44 -50.74 19.02 16.49
C GLY B 44 -51.16 17.61 16.81
N LYS B 45 -52.07 17.44 17.78
CA LYS B 45 -52.53 16.11 18.14
C LYS B 45 -53.91 15.83 17.57
N ILE B 46 -54.19 14.56 17.30
CA ILE B 46 -55.48 14.18 16.80
C ILE B 46 -56.56 14.50 17.87
N ALA B 47 -57.59 15.24 17.47
CA ALA B 47 -58.66 15.60 18.39
C ALA B 47 -59.88 14.73 18.18
N ALA B 48 -60.00 14.18 16.98
CA ALA B 48 -61.13 13.33 16.66
C ALA B 48 -60.99 12.66 15.30
N VAL B 49 -61.56 11.46 15.20
CA VAL B 49 -61.54 10.75 13.93
C VAL B 49 -62.91 10.09 13.81
N GLY B 50 -63.65 10.52 12.80
CA GLY B 50 -64.97 9.98 12.56
C GLY B 50 -65.53 10.56 11.27
N SER B 51 -66.55 9.90 10.72
CA SER B 51 -67.14 10.39 9.48
C SER B 51 -67.93 11.69 9.67
N ALA B 52 -67.74 12.61 8.72
CA ALA B 52 -68.42 13.89 8.74
C ALA B 52 -68.32 14.64 10.06
N LEU B 53 -67.13 15.14 10.36
CA LEU B 53 -66.93 15.89 11.58
C LEU B 53 -67.22 17.34 11.25
N GLN B 54 -67.67 18.12 12.24
CA GLN B 54 -67.96 19.53 12.04
C GLN B 54 -66.93 20.41 12.73
N ALA B 55 -66.33 21.32 11.99
CA ALA B 55 -65.31 22.19 12.57
C ALA B 55 -65.69 23.66 12.55
N PRO B 56 -65.07 24.48 13.42
CA PRO B 56 -65.34 25.91 13.50
C PRO B 56 -64.20 26.88 13.12
N ALA B 57 -64.32 27.54 11.97
CA ALA B 57 -63.30 28.50 11.52
C ALA B 57 -61.86 27.99 11.71
N ASP B 58 -61.49 27.04 10.86
CA ASP B 58 -60.16 26.43 10.89
C ASP B 58 -59.95 25.83 9.51
N THR B 59 -58.69 25.66 9.12
CA THR B 59 -58.38 25.14 7.80
C THR B 59 -58.88 23.72 7.57
N GLN B 60 -59.31 23.46 6.34
CA GLN B 60 -59.82 22.16 5.93
C GLN B 60 -59.13 21.70 4.64
N ARG B 61 -58.69 20.45 4.61
CA ARG B 61 -58.06 19.87 3.43
C ARG B 61 -58.94 18.68 3.04
N ILE B 62 -59.49 18.71 1.84
CA ILE B 62 -60.34 17.61 1.37
C ILE B 62 -59.60 16.81 0.28
N ASP B 63 -60.24 15.77 -0.24
CA ASP B 63 -59.61 14.97 -1.30
C ASP B 63 -60.59 14.07 -2.03
N ALA B 64 -60.42 12.76 -1.85
CA ALA B 64 -61.29 11.81 -2.51
C ALA B 64 -61.26 10.48 -1.78
N ALA B 67 -58.88 9.25 -1.32
CA ALA B 67 -57.46 9.53 -1.15
C ALA B 67 -56.94 8.79 0.07
N PHE B 68 -56.07 7.81 -0.14
CA PHE B 68 -55.51 7.05 0.97
C PHE B 68 -54.79 7.90 1.99
N ILE B 69 -54.65 7.35 3.20
CA ILE B 69 -53.94 7.99 4.28
C ILE B 69 -53.31 6.89 5.12
N SER B 70 -52.14 7.17 5.67
CA SER B 70 -51.43 6.19 6.48
C SER B 70 -50.43 6.93 7.32
N PRO B 71 -49.69 6.20 8.18
CA PRO B 71 -48.68 6.89 9.00
C PRO B 71 -47.68 7.54 8.01
N GLY B 72 -46.98 8.59 8.45
CA GLY B 72 -46.02 9.24 7.58
C GLY B 72 -44.96 8.26 7.09
N TRP B 73 -44.78 8.19 5.77
CA TRP B 73 -43.82 7.30 5.12
C TRP B 73 -42.42 7.47 5.69
N VAL B 74 -41.69 6.35 5.69
CA VAL B 74 -40.32 6.29 6.22
C VAL B 74 -39.32 5.82 5.17
N ASP B 75 -38.27 6.59 4.96
CA ASP B 75 -37.23 6.20 4.00
C ASP B 75 -36.04 5.69 4.80
N LEU B 76 -35.91 4.36 4.92
CA LEU B 76 -34.83 3.73 5.68
C LEU B 76 -33.42 3.98 5.14
N HIS B 77 -33.32 4.39 3.89
CA HIS B 77 -32.00 4.59 3.29
C HIS B 77 -31.96 5.84 2.45
N VAL B 78 -31.33 6.89 2.98
CA VAL B 78 -31.23 8.16 2.28
C VAL B 78 -29.88 8.82 2.62
N HIS B 79 -29.51 9.84 1.86
CA HIS B 79 -28.25 10.54 2.12
C HIS B 79 -28.37 12.04 2.26
N ILE B 80 -28.51 12.49 3.50
CA ILE B 80 -28.59 13.90 3.79
C ILE B 80 -27.22 14.26 4.30
N TRP B 81 -27.09 15.25 5.17
CA TRP B 81 -25.76 15.67 5.61
C TRP B 81 -25.30 16.44 4.39
N HIS B 82 -26.18 17.37 4.03
CA HIS B 82 -26.05 18.25 2.88
C HIS B 82 -24.69 18.86 2.60
N GLY B 83 -24.09 19.54 3.57
CA GLY B 83 -22.82 20.16 3.26
C GLY B 83 -21.61 19.47 3.84
N GLY B 84 -21.86 18.55 4.77
CA GLY B 84 -20.77 17.83 5.40
C GLY B 84 -20.18 16.79 4.49
N THR B 85 -20.95 16.39 3.47
CA THR B 85 -20.49 15.40 2.52
C THR B 85 -20.77 15.93 1.13
N ASP B 86 -20.24 15.29 0.10
CA ASP B 86 -20.45 15.76 -1.28
C ASP B 86 -21.64 15.18 -2.05
N ILE B 87 -22.01 13.92 -1.75
CA ILE B 87 -23.11 13.22 -2.42
C ILE B 87 -24.49 13.50 -1.86
N SER B 88 -24.54 13.83 -0.58
CA SER B 88 -25.80 14.07 0.10
C SER B 88 -26.67 15.15 -0.48
N ILE B 89 -27.98 14.98 -0.29
CA ILE B 89 -28.96 15.96 -0.76
C ILE B 89 -29.61 16.58 0.48
N ARG B 90 -30.41 17.62 0.29
CA ARG B 90 -31.08 18.26 1.41
C ARG B 90 -32.30 17.42 1.83
N PRO B 91 -32.64 17.39 3.14
CA PRO B 91 -33.80 16.61 3.55
C PRO B 91 -35.14 17.12 2.96
N SER B 92 -35.15 18.36 2.49
CA SER B 92 -36.33 18.98 1.89
C SER B 92 -36.52 18.53 0.43
N GLU B 93 -35.65 17.67 -0.06
CA GLU B 93 -35.77 17.23 -1.45
C GLU B 93 -36.19 15.77 -1.53
N CYS B 94 -36.29 15.15 -0.35
CA CYS B 94 -36.68 13.77 -0.25
C CYS B 94 -37.51 13.56 1.00
N GLY B 95 -38.10 14.65 1.49
CA GLY B 95 -38.90 14.60 2.71
C GLY B 95 -40.37 14.95 2.60
N ALA B 96 -40.84 15.78 3.54
CA ALA B 96 -42.23 16.20 3.60
C ALA B 96 -42.86 16.53 2.25
N GLU B 97 -42.22 17.38 1.46
CA GLU B 97 -42.75 17.76 0.15
C GLU B 97 -42.85 16.55 -0.78
N ARG B 98 -42.19 15.44 -0.45
CA ARG B 98 -42.25 14.23 -1.25
C ARG B 98 -43.18 13.24 -0.54
N GLY B 99 -43.80 13.71 0.54
CA GLY B 99 -44.69 12.88 1.33
C GLY B 99 -43.99 11.97 2.32
N VAL B 100 -42.77 12.33 2.70
CA VAL B 100 -42.00 11.52 3.63
C VAL B 100 -41.73 12.30 4.91
N THR B 101 -42.07 11.70 6.05
CA THR B 101 -41.93 12.32 7.36
C THR B 101 -40.79 11.81 8.23
N THR B 102 -40.26 10.64 7.92
CA THR B 102 -39.17 10.10 8.72
C THR B 102 -38.02 9.69 7.77
N LEU B 103 -36.90 10.41 7.85
CA LEU B 103 -35.72 10.15 7.01
C LEU B 103 -34.61 9.51 7.83
N VAL B 104 -33.97 8.50 7.27
CA VAL B 104 -32.90 7.79 7.95
C VAL B 104 -31.64 7.85 7.13
N ASP B 105 -30.76 8.80 7.45
CA ASP B 105 -29.50 8.91 6.72
C ASP B 105 -28.77 7.57 6.87
N ALA B 106 -28.30 7.02 5.76
CA ALA B 106 -27.62 5.72 5.78
C ALA B 106 -26.10 5.78 5.80
N GLY B 107 -25.54 6.19 6.93
CA GLY B 107 -24.09 6.23 7.07
C GLY B 107 -23.31 7.38 6.49
N SER B 108 -23.97 8.48 6.14
CA SER B 108 -23.27 9.64 5.59
C SER B 108 -22.24 10.18 6.57
N ALA B 109 -22.47 9.91 7.85
CA ALA B 109 -21.53 10.34 8.87
C ALA B 109 -21.01 9.20 9.69
N GLY B 110 -19.76 9.34 10.15
CA GLY B 110 -19.12 8.38 11.00
C GLY B 110 -18.95 9.16 12.29
N GLU B 111 -18.31 8.60 13.30
CA GLU B 111 -18.15 9.35 14.54
C GLU B 111 -17.51 10.72 14.32
N ALA B 112 -16.59 10.80 13.38
CA ALA B 112 -15.87 12.05 13.16
C ALA B 112 -16.71 13.31 13.10
N ASN B 113 -17.73 13.32 12.26
CA ASN B 113 -18.55 14.51 12.16
C ASN B 113 -20.06 14.29 12.33
N PHE B 114 -20.45 13.41 13.25
CA PHE B 114 -21.87 13.16 13.45
C PHE B 114 -22.55 14.40 13.99
N HIS B 115 -21.95 15.00 15.01
CA HIS B 115 -22.47 16.24 15.55
C HIS B 115 -22.38 17.05 14.27
N GLY B 116 -22.99 18.19 14.16
CA GLY B 116 -22.84 18.82 12.85
C GLY B 116 -23.92 18.25 11.94
N PHE B 117 -24.00 16.92 11.80
CA PHE B 117 -25.08 16.35 11.01
C PHE B 117 -26.32 16.62 11.86
N ARG B 118 -26.16 16.43 13.16
CA ARG B 118 -27.21 16.65 14.16
C ARG B 118 -27.58 18.12 14.29
N GLU B 119 -26.57 18.99 14.31
CA GLU B 119 -26.83 20.41 14.44
C GLU B 119 -27.39 21.05 13.16
N TYR B 120 -26.82 20.69 12.01
CA TYR B 120 -27.26 21.27 10.75
C TYR B 120 -28.42 20.56 10.08
N ILE B 121 -28.54 19.24 10.28
CA ILE B 121 -29.59 18.47 9.62
C ILE B 121 -30.75 18.00 10.51
N ILE B 122 -30.42 17.29 11.58
CA ILE B 122 -31.46 16.78 12.46
C ILE B 122 -32.31 17.84 13.16
N GLU B 123 -31.65 18.70 13.93
CA GLU B 123 -32.33 19.73 14.69
C GLU B 123 -33.24 20.68 13.93
N PRO B 124 -32.78 21.25 12.81
CA PRO B 124 -33.68 22.18 12.11
C PRO B 124 -34.71 21.60 11.17
N SER B 125 -34.78 20.28 11.01
CA SER B 125 -35.74 19.70 10.07
C SER B 125 -37.16 19.46 10.60
N ARG B 126 -38.15 19.54 9.71
CA ARG B 126 -39.53 19.28 10.12
C ARG B 126 -39.71 17.80 10.43
N GLU B 127 -39.15 16.97 9.55
CA GLU B 127 -39.30 15.53 9.68
C GLU B 127 -38.42 14.87 10.72
N ARG B 128 -38.83 13.66 11.14
CA ARG B 128 -38.06 12.91 12.14
C ARG B 128 -36.84 12.50 11.31
N ILE B 129 -35.65 12.83 11.80
CA ILE B 129 -34.45 12.49 11.07
C ILE B 129 -33.65 11.56 11.96
N LYS B 130 -33.44 10.33 11.50
CA LYS B 130 -32.66 9.33 12.23
C LYS B 130 -31.42 9.00 11.39
N ALA B 131 -30.45 8.31 11.98
CA ALA B 131 -29.26 7.97 11.20
C ALA B 131 -28.55 6.72 11.62
N PHE B 132 -28.00 6.03 10.62
CA PHE B 132 -27.19 4.84 10.84
C PHE B 132 -25.77 5.43 10.94
N LEU B 133 -25.07 5.18 12.05
CA LEU B 133 -23.72 5.71 12.15
C LEU B 133 -22.82 4.83 11.30
N ASN B 134 -21.87 5.43 10.58
CA ASN B 134 -20.96 4.67 9.75
C ASN B 134 -19.82 4.12 10.60
N LEU B 135 -19.45 2.88 10.33
CA LEU B 135 -18.37 2.22 11.07
C LEU B 135 -17.06 2.98 10.84
N GLY B 136 -16.99 3.62 9.65
CA GLY B 136 -15.80 4.35 9.24
C GLY B 136 -15.91 5.83 9.61
N SER B 137 -14.93 6.30 10.39
CA SER B 137 -14.88 7.66 10.88
C SER B 137 -15.21 8.80 9.93
N ILE B 138 -14.61 8.84 8.75
CA ILE B 138 -14.85 9.94 7.83
C ILE B 138 -16.16 9.81 7.06
N GLY B 139 -16.83 8.69 7.21
CA GLY B 139 -18.09 8.50 6.50
C GLY B 139 -17.99 8.77 5.01
N LEU B 140 -19.02 9.42 4.45
CA LEU B 140 -19.05 9.69 3.02
C LEU B 140 -18.74 11.09 2.59
N VAL B 141 -17.82 11.76 3.30
CA VAL B 141 -17.44 13.14 2.95
C VAL B 141 -17.22 13.16 1.44
N ALA B 142 -16.29 12.34 0.96
CA ALA B 142 -15.98 12.25 -0.47
C ALA B 142 -16.39 10.85 -0.96
N CYS B 143 -17.68 10.57 -0.85
CA CYS B 143 -18.24 9.27 -1.21
C CYS B 143 -17.59 8.49 -2.37
N ASN B 144 -17.13 7.28 -2.03
CA ASN B 144 -16.47 6.37 -2.97
C ASN B 144 -15.10 6.81 -3.43
N ARG B 145 -14.95 8.09 -3.68
CA ARG B 145 -13.66 8.61 -4.11
C ARG B 145 -12.56 8.35 -3.04
N VAL B 146 -12.87 8.66 -1.78
CA VAL B 146 -11.91 8.40 -0.69
C VAL B 146 -12.60 7.43 0.25
N PRO B 147 -12.50 6.13 -0.03
CA PRO B 147 -13.10 5.06 0.77
C PRO B 147 -13.10 5.33 2.27
N GLU B 148 -14.22 5.05 2.92
CA GLU B 148 -14.30 5.30 4.35
C GLU B 148 -13.82 4.12 5.21
N LEU B 149 -13.83 2.91 4.65
CA LEU B 149 -13.36 1.74 5.40
C LEU B 149 -12.15 1.12 4.72
N ARG B 150 -11.08 1.90 4.60
CA ARG B 150 -9.84 1.47 3.98
C ARG B 150 -9.17 0.37 4.80
N ASP B 151 -8.76 0.72 6.01
CA ASP B 151 -8.09 -0.22 6.90
C ASP B 151 -8.65 -0.10 8.30
N ILE B 152 -8.04 -0.79 9.26
CA ILE B 152 -8.51 -0.74 10.63
C ILE B 152 -8.38 0.65 11.25
N LYS B 153 -7.50 1.47 10.69
CA LYS B 153 -7.31 2.82 11.21
C LYS B 153 -8.55 3.70 11.00
N ASP B 154 -9.54 3.19 10.27
CA ASP B 154 -10.78 3.93 10.00
C ASP B 154 -11.90 3.57 10.99
N ILE B 155 -11.64 2.62 11.88
CA ILE B 155 -12.62 2.24 12.90
C ILE B 155 -12.08 2.57 14.27
N ASP B 156 -12.77 3.47 14.97
CA ASP B 156 -12.37 3.87 16.31
C ASP B 156 -13.47 3.35 17.24
N LEU B 157 -13.35 2.09 17.64
CA LEU B 157 -14.33 1.46 18.51
C LEU B 157 -14.76 2.45 19.58
N ASP B 158 -13.78 2.95 20.34
CA ASP B 158 -14.05 3.90 21.42
C ASP B 158 -14.91 5.10 21.01
N ARG B 159 -14.46 5.89 20.03
CA ARG B 159 -15.23 7.06 19.60
C ARG B 159 -16.65 6.70 19.15
N ILE B 160 -16.84 5.50 18.62
CA ILE B 160 -18.16 5.09 18.21
C ILE B 160 -19.06 4.91 19.43
N LEU B 161 -18.51 4.35 20.51
CA LEU B 161 -19.31 4.14 21.70
C LEU B 161 -19.62 5.48 22.34
N GLU B 162 -18.62 6.34 22.38
CA GLU B 162 -18.77 7.66 22.97
C GLU B 162 -19.87 8.45 22.23
N CYS B 163 -19.71 8.56 20.92
CA CYS B 163 -20.65 9.27 20.06
C CYS B 163 -22.07 8.77 20.25
N TYR B 164 -22.24 7.45 20.23
CA TYR B 164 -23.55 6.84 20.41
C TYR B 164 -24.11 7.14 21.80
N ALA B 165 -23.26 7.02 22.82
CA ALA B 165 -23.70 7.29 24.18
C ALA B 165 -24.37 8.65 24.24
N GLU B 166 -23.93 9.61 23.41
CA GLU B 166 -24.53 10.94 23.52
C GLU B 166 -25.37 11.27 22.30
N ASN B 167 -25.81 10.34 21.50
CA ASN B 167 -26.68 10.63 20.36
C ASN B 167 -27.65 9.46 20.14
N SER B 168 -27.78 8.60 21.14
CA SER B 168 -28.64 7.44 21.08
C SER B 168 -30.05 7.75 20.62
N GLU B 169 -30.52 8.96 20.88
CA GLU B 169 -31.87 9.35 20.48
C GLU B 169 -31.91 9.67 18.99
N HIS B 170 -30.74 9.72 18.37
CA HIS B 170 -30.63 10.01 16.95
C HIS B 170 -30.10 8.83 16.11
N ILE B 171 -29.12 8.11 16.66
CA ILE B 171 -28.51 6.98 15.97
C ILE B 171 -29.28 5.68 16.18
N VAL B 172 -29.70 5.06 15.08
CA VAL B 172 -30.47 3.84 15.15
C VAL B 172 -29.71 2.58 14.68
N GLY B 173 -28.43 2.73 14.35
CA GLY B 173 -27.67 1.57 13.94
C GLY B 173 -26.36 1.89 13.30
N LEU B 174 -25.46 0.83 13.20
CA LEU B 174 -24.17 1.02 12.54
C LEU B 174 -24.26 0.61 11.08
N KCX B 175 -23.28 1.38 10.20
CA KCX B 175 -23.42 0.96 8.81
CB KCX B 175 -24.10 2.06 8.00
CG KCX B 175 -24.21 1.75 6.52
CD KCX B 175 -25.02 2.81 5.79
CE KCX B 175 -24.66 2.85 4.31
NZ KCX B 175 -25.53 1.95 3.49
C KCX B 175 -22.06 0.61 8.23
O KCX B 175 -21.00 0.97 8.76
CX KCX B 175 -25.51 2.29 2.22
OQ1 KCX B 175 -25.00 1.57 1.39
OQ2 KCX B 175 -26.09 3.45 1.85
N VAL B 176 -22.09 -0.61 7.33
CA VAL B 176 -20.79 -1.03 6.86
C VAL B 176 -20.99 -1.47 5.42
N ARG B 177 -20.63 -0.38 4.50
CA ARG B 177 -20.74 -0.69 3.07
C ARG B 177 -19.66 -1.69 2.68
N ALA B 178 -20.00 -2.94 2.53
CA ALA B 178 -19.09 -4.03 2.20
C ALA B 178 -19.03 -4.42 0.73
N SER B 179 -18.24 -3.70 -0.04
CA SER B 179 -18.02 -3.97 -1.46
C SER B 179 -16.60 -3.45 -1.71
N HIS B 180 -15.91 -3.99 -2.71
CA HIS B 180 -14.53 -3.56 -2.94
C HIS B 180 -14.32 -2.09 -3.29
N VAL B 181 -15.28 -1.47 -3.99
CA VAL B 181 -15.13 -0.06 -4.36
C VAL B 181 -14.79 0.75 -3.10
N ILE B 182 -15.30 0.27 -1.96
CA ILE B 182 -15.07 0.90 -0.68
C ILE B 182 -14.02 0.14 0.13
N THR B 183 -14.33 -1.11 0.48
CA THR B 183 -13.41 -1.91 1.29
C THR B 183 -12.22 -2.55 0.58
N GLY B 184 -12.02 -2.20 -0.69
CA GLY B 184 -10.90 -2.74 -1.44
C GLY B 184 -10.72 -4.25 -1.32
N SER B 185 -9.57 -4.67 -0.83
CA SER B 185 -9.27 -6.11 -0.72
C SER B 185 -9.53 -6.66 0.66
N TRP B 186 -10.14 -5.84 1.51
CA TRP B 186 -10.47 -6.28 2.86
C TRP B 186 -11.71 -7.17 2.75
N GLY B 187 -11.72 -8.28 3.48
CA GLY B 187 -12.85 -9.20 3.37
C GLY B 187 -14.12 -8.76 4.08
N VAL B 188 -14.69 -9.68 4.84
CA VAL B 188 -15.89 -9.40 5.59
C VAL B 188 -15.40 -8.96 6.94
N THR B 189 -14.08 -8.91 7.10
CA THR B 189 -13.44 -8.48 8.36
C THR B 189 -14.18 -7.25 8.91
N PRO B 190 -14.27 -6.17 8.11
CA PRO B 190 -14.96 -4.97 8.57
C PRO B 190 -16.38 -5.33 9.03
N VAL B 191 -17.06 -6.18 8.26
CA VAL B 191 -18.42 -6.60 8.58
C VAL B 191 -18.46 -7.32 9.92
N LYS B 192 -17.42 -8.11 10.21
CA LYS B 192 -17.32 -8.85 11.46
C LYS B 192 -17.14 -7.87 12.62
N LEU B 193 -16.28 -6.87 12.42
CA LEU B 193 -16.04 -5.85 13.44
C LEU B 193 -17.34 -5.08 13.67
N GLY B 194 -17.91 -4.60 12.57
CA GLY B 194 -19.15 -3.86 12.66
C GLY B 194 -20.19 -4.60 13.49
N LYS B 195 -20.27 -5.92 13.30
CA LYS B 195 -21.23 -6.75 14.01
C LYS B 195 -20.91 -6.78 15.51
N LYS B 196 -19.64 -6.95 15.84
CA LYS B 196 -19.20 -7.01 17.23
C LYS B 196 -19.59 -5.73 17.95
N ILE B 197 -19.41 -4.58 17.30
CA ILE B 197 -19.75 -3.30 17.91
C ILE B 197 -21.24 -3.08 18.05
N ALA B 198 -22.00 -3.41 17.00
CA ALA B 198 -23.46 -3.27 17.05
C ALA B 198 -24.02 -4.02 18.26
N LYS B 199 -23.43 -5.18 18.56
CA LYS B 199 -23.84 -5.98 19.71
C LYS B 199 -23.60 -5.22 21.00
N ILE B 200 -22.41 -4.63 21.11
CA ILE B 200 -22.04 -3.85 22.29
C ILE B 200 -23.02 -2.69 22.45
N LEU B 201 -23.37 -2.03 21.35
CA LEU B 201 -24.31 -0.90 21.37
C LEU B 201 -25.75 -1.38 21.45
N LYS B 202 -25.95 -2.68 21.29
CA LYS B 202 -27.29 -3.29 21.35
C LYS B 202 -28.21 -2.67 20.30
N VAL B 203 -27.67 -2.47 19.10
CA VAL B 203 -28.43 -1.87 18.00
C VAL B 203 -28.22 -2.68 16.71
N PRO B 204 -29.12 -2.53 15.73
CA PRO B 204 -28.96 -3.31 14.50
C PRO B 204 -27.92 -2.74 13.54
N MSE B 205 -27.51 -3.56 12.59
CA MSE B 205 -26.51 -3.17 11.60
C MSE B 205 -27.06 -3.24 10.20
O MSE B 205 -27.57 -4.28 9.81
CB MSE B 205 -25.26 -4.05 11.72
CG MSE B 205 -24.13 -3.74 10.70
SE MSE B 205 -22.59 -4.55 11.17
CE MSE B 205 -23.09 -6.27 10.92
N MSE B 206 -27.00 -2.14 9.46
CA MSE B 206 -27.43 -2.13 8.06
C MSE B 206 -26.18 -2.35 7.18
O MSE B 206 -25.22 -1.56 7.23
CB MSE B 206 -28.10 -0.80 7.69
CG MSE B 206 -28.36 -0.68 6.17
SE MSE B 206 -29.36 0.73 5.60
CE MSE B 206 -28.18 1.80 5.30
N VAL B 207 -26.17 -3.42 6.39
CA VAL B 207 -25.02 -3.69 5.55
C VAL B 207 -25.37 -3.59 4.06
N HIS B 208 -24.46 -3.01 3.31
CA HIS B 208 -24.61 -2.86 1.87
C HIS B 208 -23.81 -3.95 1.19
N VAL B 209 -24.39 -4.55 0.15
CA VAL B 209 -23.72 -5.61 -0.60
C VAL B 209 -23.49 -5.12 -2.01
N GLY B 210 -22.33 -5.45 -2.56
CA GLY B 210 -22.01 -5.03 -3.90
C GLY B 210 -20.95 -5.92 -4.50
N GLU B 211 -20.10 -5.32 -5.34
CA GLU B 211 -19.02 -6.03 -6.02
C GLU B 211 -18.48 -7.14 -5.11
N PRO B 212 -18.66 -8.40 -5.53
CA PRO B 212 -18.27 -9.67 -4.89
C PRO B 212 -17.07 -9.76 -3.93
N PRO B 213 -16.05 -8.89 -4.09
CA PRO B 213 -14.89 -8.95 -3.20
C PRO B 213 -15.18 -9.12 -1.70
N ALA B 214 -16.44 -8.89 -1.33
CA ALA B 214 -16.97 -9.08 0.03
C ALA B 214 -18.31 -9.78 -0.26
N LEU B 215 -18.28 -11.12 -0.29
CA LEU B 215 -19.46 -11.95 -0.61
C LEU B 215 -20.78 -11.81 0.13
N TYR B 216 -21.82 -11.56 -0.65
CA TYR B 216 -23.19 -11.42 -0.15
C TYR B 216 -23.45 -12.62 0.75
N ASP B 217 -23.09 -13.79 0.24
CA ASP B 217 -23.28 -15.05 0.94
C ASP B 217 -22.65 -15.02 2.33
N GLU B 218 -21.60 -14.24 2.49
CA GLU B 218 -20.87 -14.14 3.76
C GLU B 218 -21.48 -13.12 4.72
N VAL B 219 -22.07 -12.07 4.15
CA VAL B 219 -22.69 -11.03 4.95
C VAL B 219 -23.84 -11.63 5.71
N LEU B 220 -24.74 -12.29 4.97
CA LEU B 220 -25.92 -12.96 5.54
C LEU B 220 -25.54 -13.88 6.70
N GLU B 221 -24.42 -14.56 6.55
CA GLU B 221 -23.94 -15.48 7.56
C GLU B 221 -23.50 -14.77 8.83
N ILE B 222 -23.02 -13.53 8.74
CA ILE B 222 -22.57 -12.79 9.92
C ILE B 222 -23.79 -12.13 10.61
N LEU B 223 -24.65 -11.54 9.79
CA LEU B 223 -25.84 -10.86 10.26
C LEU B 223 -26.79 -11.71 11.09
N GLY B 224 -27.65 -11.05 11.85
CA GLY B 224 -28.61 -11.69 12.71
C GLY B 224 -29.98 -11.04 12.55
N PRO B 225 -30.98 -11.49 13.34
CA PRO B 225 -32.30 -10.87 13.21
C PRO B 225 -32.29 -9.40 13.65
N GLY B 226 -33.01 -8.56 12.92
CA GLY B 226 -33.05 -7.15 13.22
C GLY B 226 -32.17 -6.41 12.25
N ASP B 227 -31.04 -7.04 11.93
CA ASP B 227 -30.09 -6.48 10.99
C ASP B 227 -30.76 -6.28 9.64
N VAL B 228 -30.25 -5.33 8.87
CA VAL B 228 -30.81 -5.05 7.56
C VAL B 228 -29.76 -5.25 6.46
N VAL B 229 -30.21 -5.58 5.27
CA VAL B 229 -29.34 -5.74 4.13
C VAL B 229 -29.95 -4.87 3.05
N THR B 230 -29.22 -3.86 2.59
CA THR B 230 -29.73 -2.98 1.52
C THR B 230 -29.14 -3.49 0.21
N HIS B 231 -29.73 -3.05 -0.89
CA HIS B 231 -29.32 -3.44 -2.23
C HIS B 231 -29.59 -4.92 -2.41
N CYS B 232 -30.57 -5.41 -1.65
CA CYS B 232 -30.97 -6.82 -1.64
C CYS B 232 -31.49 -7.38 -2.97
N PHE B 233 -31.87 -6.50 -3.89
CA PHE B 233 -32.38 -6.93 -5.19
C PHE B 233 -31.57 -6.33 -6.36
N ASN B 234 -30.25 -6.23 -6.21
CA ASN B 234 -29.42 -5.65 -7.26
C ASN B 234 -29.27 -6.63 -8.41
N GLY B 235 -28.91 -6.11 -9.57
CA GLY B 235 -28.73 -6.93 -10.76
C GLY B 235 -27.31 -6.91 -11.28
N LYS B 236 -26.35 -6.77 -10.36
CA LYS B 236 -24.94 -6.73 -10.72
C LYS B 236 -24.26 -8.10 -10.51
N SER B 237 -23.44 -8.51 -11.48
CA SER B 237 -22.73 -9.78 -11.40
C SER B 237 -21.80 -9.81 -10.19
N GLY B 238 -21.88 -10.90 -9.43
CA GLY B 238 -21.05 -11.04 -8.25
C GLY B 238 -21.82 -10.84 -6.97
N SER B 239 -22.91 -10.08 -7.05
CA SER B 239 -23.74 -9.82 -5.88
C SER B 239 -25.25 -10.00 -6.07
N SER B 240 -25.67 -10.45 -7.25
CA SER B 240 -27.09 -10.67 -7.50
C SER B 240 -27.55 -11.96 -6.82
N ILE B 241 -28.83 -12.04 -6.46
CA ILE B 241 -29.36 -13.24 -5.80
C ILE B 241 -29.95 -14.24 -6.79
N MSE B 242 -30.16 -13.80 -8.04
CA MSE B 242 -30.73 -14.70 -9.03
C MSE B 242 -29.71 -15.56 -9.78
O MSE B 242 -30.01 -16.70 -10.14
CB MSE B 242 -31.58 -13.91 -10.02
CG MSE B 242 -32.88 -13.38 -9.42
SE MSE B 242 -33.80 -14.62 -8.46
CE MSE B 242 -34.59 -15.55 -9.80
N GLU B 243 -28.50 -15.02 -9.98
CA GLU B 243 -27.47 -15.76 -10.71
C GLU B 243 -26.85 -16.92 -9.94
N ASP B 244 -27.04 -16.93 -8.63
CA ASP B 244 -26.48 -17.97 -7.77
C ASP B 244 -27.60 -18.60 -6.94
N GLU B 245 -28.05 -19.79 -7.34
CA GLU B 245 -29.13 -20.47 -6.66
C GLU B 245 -28.85 -20.84 -5.20
N ASP B 246 -27.57 -20.88 -4.84
CA ASP B 246 -27.19 -21.21 -3.47
C ASP B 246 -27.34 -19.98 -2.61
N LEU B 247 -27.11 -18.82 -3.21
CA LEU B 247 -27.25 -17.54 -2.51
C LEU B 247 -28.74 -17.24 -2.31
N PHE B 248 -29.51 -17.33 -3.39
CA PHE B 248 -30.93 -17.04 -3.28
C PHE B 248 -31.55 -17.80 -2.13
N ASN B 249 -31.28 -19.10 -2.05
CA ASN B 249 -31.84 -19.93 -1.00
C ASN B 249 -31.43 -19.41 0.36
N LEU B 250 -30.18 -19.01 0.52
CA LEU B 250 -29.65 -18.48 1.79
C LEU B 250 -30.32 -17.16 2.14
N ALA B 251 -30.72 -16.40 1.13
CA ALA B 251 -31.38 -15.12 1.34
C ALA B 251 -32.76 -15.32 1.96
N GLU B 252 -33.52 -16.28 1.46
CA GLU B 252 -34.84 -16.51 2.01
C GLU B 252 -34.77 -17.20 3.36
N ARG B 253 -33.77 -18.06 3.54
CA ARG B 253 -33.60 -18.75 4.81
C ARG B 253 -33.36 -17.64 5.82
N CYS B 254 -32.46 -16.72 5.49
CA CYS B 254 -32.14 -15.59 6.36
C CYS B 254 -33.29 -14.62 6.56
N GLU B 257 -35.48 -15.10 7.89
CA GLU B 257 -35.87 -15.52 9.24
C GLU B 257 -35.29 -14.55 10.29
N GLY B 258 -35.63 -13.27 10.18
CA GLY B 258 -35.11 -12.31 11.15
C GLY B 258 -34.27 -11.21 10.53
N ILE B 259 -33.61 -11.53 9.42
CA ILE B 259 -32.76 -10.56 8.73
C ILE B 259 -33.61 -9.79 7.73
N ARG B 260 -33.64 -8.46 7.89
CA ARG B 260 -34.44 -7.62 7.02
C ARG B 260 -33.76 -7.28 5.69
N LEU B 261 -34.50 -7.49 4.60
CA LEU B 261 -34.00 -7.18 3.27
C LEU B 261 -34.59 -5.83 2.87
N ASP B 262 -33.74 -4.85 2.60
CA ASP B 262 -34.21 -3.52 2.22
C ASP B 262 -33.71 -3.14 0.84
N ILE B 263 -34.61 -2.72 -0.04
CA ILE B 263 -34.18 -2.33 -1.37
C ILE B 263 -33.44 -0.99 -1.29
N GLY B 264 -32.21 -0.96 -1.76
CA GLY B 264 -31.48 0.28 -1.72
C GLY B 264 -31.43 0.83 -3.12
N HIS B 265 -32.59 0.94 -3.75
CA HIS B 265 -32.61 1.43 -5.12
C HIS B 265 -31.82 2.72 -5.09
N GLY B 266 -30.71 2.72 -5.81
CA GLY B 266 -29.88 3.90 -5.86
C GLY B 266 -29.58 4.09 -7.32
N GLY B 267 -28.30 4.01 -7.67
CA GLY B 267 -27.93 4.14 -9.06
C GLY B 267 -27.41 2.81 -9.56
N ALA B 268 -27.30 1.83 -8.68
CA ALA B 268 -26.77 0.54 -9.08
C ALA B 268 -27.27 -0.66 -8.29
N SER B 269 -28.26 -0.47 -7.41
CA SER B 269 -28.71 -1.57 -6.57
C SER B 269 -30.09 -2.17 -6.75
N PHE B 270 -30.82 -1.80 -7.80
CA PHE B 270 -32.15 -2.37 -8.01
C PHE B 270 -32.35 -2.87 -9.44
N SER B 271 -33.10 -3.94 -9.57
CA SER B 271 -33.41 -4.53 -10.87
C SER B 271 -34.82 -5.11 -10.88
N PHE B 272 -35.73 -4.60 -11.80
CA PHE B 272 -37.07 -5.16 -11.86
C PHE B 272 -36.88 -6.67 -11.97
N LYS B 273 -36.10 -7.06 -12.97
CA LYS B 273 -35.78 -8.44 -13.25
C LYS B 273 -35.57 -9.29 -12.00
N VAL B 274 -34.73 -8.82 -11.08
CA VAL B 274 -34.44 -9.58 -9.86
C VAL B 274 -35.63 -9.61 -8.91
N ALA B 275 -36.26 -8.45 -8.72
CA ALA B 275 -37.42 -8.33 -7.84
C ALA B 275 -38.57 -9.21 -8.31
N GLU B 276 -38.95 -9.02 -9.57
CA GLU B 276 -40.03 -9.79 -10.17
C GLU B 276 -39.75 -11.28 -9.96
N ALA B 277 -38.48 -11.66 -10.10
CA ALA B 277 -38.08 -13.06 -9.92
C ALA B 277 -38.16 -13.51 -8.47
N ALA B 278 -37.70 -12.64 -7.57
CA ALA B 278 -37.70 -12.96 -6.15
C ALA B 278 -39.08 -12.87 -5.52
N ILE B 279 -39.95 -12.03 -6.07
CA ILE B 279 -41.30 -11.85 -5.55
C ILE B 279 -42.17 -13.01 -6.03
N ALA B 280 -41.92 -13.48 -7.25
CA ALA B 280 -42.67 -14.60 -7.80
C ALA B 280 -42.47 -15.79 -6.86
N ARG B 281 -41.23 -15.97 -6.41
CA ARG B 281 -40.88 -17.05 -5.50
C ARG B 281 -41.24 -16.73 -4.06
N GLY B 282 -42.17 -15.81 -3.85
CA GLY B 282 -42.59 -15.45 -2.51
C GLY B 282 -41.52 -14.91 -1.56
N LEU B 283 -40.61 -14.09 -2.17
CA LEU B 283 -39.64 -13.44 -1.29
C LEU B 283 -39.68 -11.93 -1.51
N LEU B 284 -40.45 -11.22 -0.69
CA LEU B 284 -40.59 -9.77 -0.83
C LEU B 284 -39.66 -9.00 0.10
N PRO B 285 -39.32 -7.77 -0.26
CA PRO B 285 -38.43 -6.96 0.56
C PRO B 285 -39.13 -6.55 1.86
N PHE B 286 -38.38 -6.48 2.95
CA PHE B 286 -38.93 -6.08 4.25
C PHE B 286 -39.30 -4.60 4.26
N SER B 287 -38.42 -3.78 3.67
CA SER B 287 -38.65 -2.35 3.60
C SER B 287 -38.33 -1.86 2.19
N ILE B 288 -38.92 -0.74 1.81
CA ILE B 288 -38.68 -0.16 0.48
C ILE B 288 -38.05 1.21 0.66
N SER B 289 -36.72 1.27 0.52
CA SER B 289 -35.98 2.53 0.64
C SER B 289 -35.39 2.99 -0.68
N THR B 290 -35.17 4.30 -0.78
CA THR B 290 -34.61 4.93 -1.96
C THR B 290 -33.23 5.48 -1.62
N ASP B 291 -32.17 4.76 -1.98
CA ASP B 291 -30.82 5.23 -1.70
C ASP B 291 -30.61 6.57 -2.44
N LEU B 292 -31.32 7.60 -1.99
CA LEU B 292 -31.27 8.94 -2.57
C LEU B 292 -30.05 9.78 -2.22
N HIS B 293 -29.46 10.38 -3.24
CA HIS B 293 -28.31 11.27 -3.12
C HIS B 293 -28.18 12.05 -4.42
N GLY B 294 -27.21 12.96 -4.48
CA GLY B 294 -27.01 13.77 -5.67
C GLY B 294 -27.12 13.00 -6.98
N HIS B 295 -26.29 11.97 -7.12
CA HIS B 295 -26.27 11.14 -8.33
C HIS B 295 -27.41 10.14 -8.53
N SER B 296 -28.33 10.02 -7.58
CA SER B 296 -29.43 9.07 -7.77
C SER B 296 -30.81 9.71 -7.79
N MSE B 297 -30.93 10.95 -7.34
CA MSE B 297 -32.23 11.62 -7.31
C MSE B 297 -32.74 11.96 -8.70
O MSE B 297 -33.90 11.74 -9.02
CB MSE B 297 -32.17 12.91 -6.50
CG MSE B 297 -33.47 13.72 -6.51
SE MSE B 297 -33.46 15.13 -5.40
CE MSE B 297 -34.08 14.38 -4.01
N ASN B 298 -31.85 12.51 -9.51
CA ASN B 298 -32.19 12.92 -10.85
C ASN B 298 -32.51 11.82 -11.84
N PHE B 299 -31.70 10.76 -11.90
CA PHE B 299 -32.00 9.73 -12.88
C PHE B 299 -32.67 8.43 -12.48
N PRO B 300 -31.91 7.44 -11.98
CA PRO B 300 -32.58 6.18 -11.61
C PRO B 300 -33.82 6.34 -10.73
N VAL B 301 -33.62 6.46 -9.43
CA VAL B 301 -34.72 6.63 -8.48
C VAL B 301 -35.10 8.10 -8.46
N TRP B 302 -36.37 8.44 -8.26
CA TRP B 302 -36.70 9.85 -8.24
C TRP B 302 -37.09 10.32 -6.85
N ASP B 303 -38.02 9.58 -6.26
CA ASP B 303 -38.51 9.86 -4.92
C ASP B 303 -38.97 8.50 -4.41
N LEU B 304 -39.28 8.41 -3.12
CA LEU B 304 -39.70 7.14 -2.55
C LEU B 304 -40.99 6.64 -3.21
N ALA B 305 -41.89 7.55 -3.56
CA ALA B 305 -43.16 7.20 -4.20
C ALA B 305 -42.95 6.29 -5.41
N THR B 306 -42.10 6.73 -6.35
CA THR B 306 -41.83 5.99 -7.57
C THR B 306 -41.26 4.60 -7.30
N THR B 307 -40.39 4.50 -6.31
CA THR B 307 -39.78 3.23 -5.96
C THR B 307 -40.89 2.30 -5.43
N MSE B 308 -41.87 2.87 -4.74
CA MSE B 308 -42.98 2.08 -4.22
C MSE B 308 -43.75 1.53 -5.44
O MSE B 308 -44.07 0.34 -5.51
CB MSE B 308 -43.91 2.93 -3.34
CG MSE B 308 -43.39 3.27 -1.94
SE MSE B 308 -44.23 4.72 -1.24
CE MSE B 308 -45.72 3.94 -0.65
N SER B 309 -44.03 2.40 -6.41
CA SER B 309 -44.74 2.00 -7.63
C SER B 309 -43.93 0.95 -8.37
N LYS B 310 -42.61 0.98 -8.21
CA LYS B 310 -41.75 0.01 -8.88
C LYS B 310 -41.96 -1.38 -8.32
N LEU B 311 -42.06 -1.49 -7.00
CA LEU B 311 -42.24 -2.79 -6.36
C LEU B 311 -43.66 -3.31 -6.53
N LEU B 312 -44.61 -2.39 -6.66
CA LEU B 312 -46.00 -2.78 -6.87
C LEU B 312 -46.09 -3.36 -8.29
N SER B 313 -45.27 -2.78 -9.17
CA SER B 313 -45.19 -3.18 -10.57
C SER B 313 -44.70 -4.61 -10.77
N VAL B 314 -43.90 -5.12 -9.83
CA VAL B 314 -43.38 -6.47 -9.96
C VAL B 314 -44.14 -7.50 -9.12
N ASP B 315 -45.39 -7.17 -8.83
CA ASP B 315 -46.33 -8.03 -8.08
C ASP B 315 -46.37 -8.00 -6.55
N MSE B 316 -45.61 -7.12 -5.92
CA MSE B 316 -45.69 -7.03 -4.48
C MSE B 316 -47.03 -6.29 -4.23
O MSE B 316 -47.24 -5.19 -4.76
CB MSE B 316 -44.51 -6.22 -3.93
CG MSE B 316 -44.42 -6.11 -2.41
SE MSE B 316 -42.92 -5.28 -1.89
CE MSE B 316 -43.29 -3.78 -2.26
N PRO B 317 -47.95 -6.91 -3.47
CA PRO B 317 -49.28 -6.34 -3.16
C PRO B 317 -49.28 -4.95 -2.52
N PHE B 318 -50.30 -4.16 -2.85
CA PHE B 318 -50.45 -2.81 -2.33
C PHE B 318 -50.32 -2.70 -0.81
N GLU B 319 -51.11 -3.46 -0.05
CA GLU B 319 -51.03 -3.37 1.40
C GLU B 319 -49.60 -3.67 1.82
N ASN B 320 -49.01 -4.65 1.16
CA ASN B 320 -47.63 -5.07 1.41
C ASN B 320 -46.62 -3.93 1.14
N VAL B 321 -46.84 -3.16 0.07
CA VAL B 321 -45.96 -2.05 -0.29
C VAL B 321 -46.05 -0.94 0.75
N VAL B 322 -47.27 -0.62 1.18
CA VAL B 322 -47.48 0.40 2.20
C VAL B 322 -46.82 0.02 3.53
N GLU B 323 -46.81 -1.28 3.82
CA GLU B 323 -46.21 -1.75 5.05
C GLU B 323 -44.69 -1.64 4.97
N ALA B 324 -44.12 -1.86 3.78
CA ALA B 324 -42.67 -1.79 3.56
C ALA B 324 -42.14 -0.34 3.64
N VAL B 325 -43.05 0.60 3.83
CA VAL B 325 -42.72 2.02 3.88
C VAL B 325 -43.20 2.66 5.18
N THR B 326 -43.67 1.82 6.11
CA THR B 326 -44.20 2.33 7.38
C THR B 326 -43.86 1.49 8.60
N ARG B 327 -44.60 0.39 8.80
CA ARG B 327 -44.37 -0.45 9.96
C ARG B 327 -43.04 -1.20 9.93
N ASN B 328 -42.68 -1.73 8.75
CA ASN B 328 -41.44 -2.47 8.65
C ASN B 328 -40.21 -1.57 8.90
N PRO B 329 -40.04 -0.49 8.12
CA PRO B 329 -38.87 0.34 8.40
C PRO B 329 -38.87 0.88 9.82
N ALA B 330 -40.05 1.30 10.28
CA ALA B 330 -40.21 1.83 11.63
C ALA B 330 -39.80 0.82 12.70
N SER B 331 -40.06 -0.45 12.46
CA SER B 331 -39.69 -1.46 13.44
C SER B 331 -38.15 -1.54 13.54
N VAL B 332 -37.45 -1.16 12.47
CA VAL B 332 -36.00 -1.21 12.48
C VAL B 332 -35.45 -0.05 13.28
N ILE B 333 -35.98 1.13 13.08
CA ILE B 333 -35.51 2.31 13.81
C ILE B 333 -36.23 2.50 15.14
N ARG B 334 -36.90 1.45 15.60
CA ARG B 334 -37.63 1.49 16.87
C ARG B 334 -38.58 2.68 17.00
N LEU B 335 -39.21 3.05 15.89
CA LEU B 335 -40.18 4.14 15.89
C LEU B 335 -41.56 3.56 16.14
N ASP B 336 -42.11 3.81 17.34
CA ASP B 336 -43.44 3.31 17.70
C ASP B 336 -44.50 3.81 16.73
N MSE B 337 -45.31 2.90 16.23
CA MSE B 337 -46.35 3.25 15.27
C MSE B 337 -47.73 2.63 15.62
O MSE B 337 -48.58 2.41 14.74
CB MSE B 337 -45.88 2.81 13.87
CG MSE B 337 -46.32 3.72 12.74
SE MSE B 337 -45.52 3.36 11.19
CE MSE B 337 -44.52 4.73 11.03
N GLU B 338 -47.95 2.36 16.90
CA GLU B 338 -49.20 1.77 17.37
C GLU B 338 -50.27 2.82 17.70
N ASN B 339 -51.51 2.46 17.43
CA ASN B 339 -52.64 3.34 17.75
C ASN B 339 -52.51 4.76 17.22
N ARG B 340 -51.86 4.93 16.08
CA ARG B 340 -51.67 6.25 15.49
C ARG B 340 -52.90 7.11 15.28
N LEU B 341 -54.08 6.51 15.10
CA LEU B 341 -55.29 7.31 14.89
C LEU B 341 -56.01 7.69 16.18
N ASP B 342 -55.50 7.24 17.32
CA ASP B 342 -56.12 7.57 18.60
C ASP B 342 -56.15 9.08 18.86
N VAL B 343 -56.98 9.49 19.80
CA VAL B 343 -57.07 10.89 20.17
C VAL B 343 -55.85 11.09 21.07
N GLY B 344 -55.19 12.23 20.94
CA GLY B 344 -54.02 12.51 21.74
C GLY B 344 -52.72 12.16 21.06
N GLN B 345 -52.79 11.35 20.01
CA GLN B 345 -51.56 11.00 19.30
C GLN B 345 -51.15 12.11 18.35
N ARG B 346 -49.84 12.36 18.29
CA ARG B 346 -49.35 13.42 17.43
C ARG B 346 -49.71 13.11 15.97
N ALA B 347 -50.33 14.06 15.27
CA ALA B 347 -50.68 13.82 13.89
C ALA B 347 -49.41 13.60 13.05
N ASP B 348 -49.36 12.52 12.31
CA ASP B 348 -48.20 12.23 11.49
C ASP B 348 -48.64 11.28 10.40
N PHE B 349 -49.06 11.81 9.26
CA PHE B 349 -49.52 10.97 8.16
C PHE B 349 -49.06 11.41 6.78
N THR B 350 -49.30 10.52 5.81
CA THR B 350 -49.01 10.76 4.40
C THR B 350 -50.33 10.55 3.66
N VAL B 351 -50.86 11.64 3.13
CA VAL B 351 -52.10 11.58 2.36
C VAL B 351 -51.66 11.38 0.91
N PHE B 352 -51.98 10.22 0.37
CA PHE B 352 -51.60 9.87 -1.00
C PHE B 352 -52.72 9.20 -1.79
N ASP B 353 -52.60 9.26 -3.11
CA ASP B 353 -53.56 8.63 -4.01
C ASP B 353 -52.83 7.51 -4.72
N LEU B 354 -53.58 6.67 -5.42
CA LEU B 354 -53.02 5.57 -6.18
C LEU B 354 -53.71 5.72 -7.52
N VAL B 355 -53.08 6.46 -8.42
CA VAL B 355 -53.65 6.73 -9.75
C VAL B 355 -53.21 5.77 -10.85
N ASP B 356 -54.03 5.66 -11.89
CA ASP B 356 -53.72 4.81 -13.04
C ASP B 356 -52.89 5.61 -14.04
N ALA B 357 -51.81 5.03 -14.54
CA ALA B 357 -50.95 5.74 -15.48
C ALA B 357 -50.15 4.81 -16.39
N ASP B 358 -49.23 5.41 -17.14
CA ASP B 358 -48.39 4.65 -18.07
C ASP B 358 -47.09 5.39 -18.36
N LEU B 359 -46.35 5.76 -17.31
CA LEU B 359 -45.08 6.46 -17.51
C LEU B 359 -43.88 5.52 -17.38
N GLU B 360 -42.88 5.75 -18.23
CA GLU B 360 -41.67 4.94 -18.25
C GLU B 360 -40.72 5.34 -17.14
N ALA B 361 -40.18 4.33 -16.49
CA ALA B 361 -39.22 4.50 -15.40
C ALA B 361 -38.27 3.34 -15.54
N THR B 362 -37.05 3.49 -15.03
CA THR B 362 -36.10 2.41 -15.14
C THR B 362 -35.28 2.16 -13.88
N ASP B 363 -34.75 0.94 -13.77
CA ASP B 363 -33.97 0.56 -12.61
C ASP B 363 -32.48 0.91 -12.72
N SER B 364 -31.67 0.38 -11.81
CA SER B 364 -30.26 0.67 -11.83
C SER B 364 -29.47 -0.21 -12.79
N ASN B 365 -30.19 -0.90 -13.68
CA ASN B 365 -29.56 -1.76 -14.69
C ASN B 365 -30.06 -1.34 -16.09
N GLY B 366 -30.62 -0.13 -16.17
CA GLY B 366 -31.13 0.37 -17.44
C GLY B 366 -32.45 -0.25 -17.83
N ASP B 367 -32.71 -1.48 -17.39
CA ASP B 367 -33.94 -2.17 -17.71
C ASP B 367 -35.18 -1.32 -17.40
N VAL B 368 -35.87 -0.91 -18.46
CA VAL B 368 -37.06 -0.07 -18.35
C VAL B 368 -38.29 -0.93 -18.04
N SER B 369 -39.36 -0.25 -17.61
CA SER B 369 -40.62 -0.90 -17.28
C SER B 369 -41.73 0.14 -17.40
N ARG B 370 -42.97 -0.33 -17.54
CA ARG B 370 -44.10 0.58 -17.67
C ARG B 370 -45.02 0.46 -16.44
N LEU B 371 -45.11 1.54 -15.68
CA LEU B 371 -45.91 1.58 -14.46
C LEU B 371 -47.35 1.98 -14.77
N LYS B 372 -48.28 1.04 -14.53
CA LYS B 372 -49.69 1.28 -14.81
C LYS B 372 -50.44 1.90 -13.63
N ARG B 373 -49.78 1.96 -12.48
CA ARG B 373 -50.36 2.55 -11.28
C ARG B 373 -49.26 3.36 -10.58
N LEU B 374 -49.62 4.54 -10.09
CA LEU B 374 -48.64 5.39 -9.40
C LEU B 374 -49.12 6.01 -8.08
N PHE B 375 -48.29 5.88 -7.05
CA PHE B 375 -48.60 6.47 -5.76
C PHE B 375 -48.40 7.98 -5.93
N GLU B 376 -49.36 8.77 -5.47
CA GLU B 376 -49.25 10.20 -5.61
C GLU B 376 -49.37 11.01 -4.33
N PRO B 377 -48.24 11.33 -3.70
CA PRO B 377 -48.27 12.11 -2.46
C PRO B 377 -49.07 13.39 -2.68
N ARG B 378 -49.94 13.69 -1.73
CA ARG B 378 -50.78 14.89 -1.80
C ARG B 378 -50.37 15.82 -0.68
N TYR B 379 -50.32 15.27 0.53
CA TYR B 379 -49.92 16.05 1.70
C TYR B 379 -49.18 15.16 2.67
N ALA B 380 -48.31 15.80 3.45
CA ALA B 380 -47.56 15.12 4.50
C ALA B 380 -48.01 15.90 5.74
N VAL B 381 -48.58 15.22 6.72
CA VAL B 381 -49.04 15.95 7.89
C VAL B 381 -48.14 15.62 9.06
N ILE B 382 -47.44 16.63 9.55
CA ILE B 382 -46.55 16.42 10.68
C ILE B 382 -47.06 17.34 11.77
N GLY B 383 -47.59 16.76 12.84
CA GLY B 383 -48.13 17.55 13.93
C GLY B 383 -49.21 18.48 13.39
N ALA B 384 -49.13 19.75 13.77
CA ALA B 384 -50.10 20.75 13.34
C ALA B 384 -49.81 21.32 11.96
N GLU B 385 -48.78 20.80 11.30
CA GLU B 385 -48.37 21.28 9.98
C GLU B 385 -48.66 20.31 8.82
N ALA B 386 -49.42 20.78 7.83
CA ALA B 386 -49.73 19.95 6.66
C ALA B 386 -49.09 20.59 5.43
N ILE B 387 -48.04 19.95 4.93
CA ILE B 387 -47.32 20.45 3.77
C ILE B 387 -47.81 19.79 2.49
N ALA B 388 -47.99 20.60 1.46
CA ALA B 388 -48.42 20.06 0.18
C ALA B 388 -47.27 19.22 -0.35
N ALA B 389 -47.60 18.09 -0.96
CA ALA B 389 -46.58 17.20 -1.49
C ALA B 389 -46.87 16.80 -2.94
N SER B 390 -45.88 16.17 -3.57
CA SER B 390 -45.99 15.70 -4.96
C SER B 390 -44.81 14.83 -5.37
N ARG B 391 -44.92 14.18 -6.52
CA ARG B 391 -43.85 13.34 -7.02
C ARG B 391 -42.78 14.22 -7.66
N TYR B 392 -41.53 13.75 -7.62
CA TYR B 392 -40.38 14.50 -8.15
C TYR B 392 -40.54 14.85 -9.63
N LEU C 19 14.85 -27.66 55.69
CA LEU C 19 13.77 -26.63 55.86
C LEU C 19 12.81 -27.03 56.96
N THR C 20 12.35 -26.04 57.72
CA THR C 20 11.43 -26.28 58.82
C THR C 20 10.34 -25.22 58.94
N ASN C 21 9.22 -25.57 59.58
CA ASN C 21 8.11 -24.68 59.82
C ASN C 21 7.50 -24.23 58.50
N VAL C 22 7.45 -25.11 57.52
CA VAL C 22 6.90 -24.83 56.20
C VAL C 22 5.64 -25.65 55.93
N LYS C 23 4.56 -24.98 55.54
CA LYS C 23 3.30 -25.63 55.24
C LYS C 23 3.14 -25.94 53.75
N PRO C 24 3.41 -27.20 53.36
CA PRO C 24 3.29 -27.60 51.95
C PRO C 24 1.89 -27.40 51.38
N VAL C 25 1.83 -26.94 50.14
CA VAL C 25 0.57 -26.69 49.44
C VAL C 25 0.66 -26.98 47.94
N GLY C 26 -0.39 -27.60 47.40
CA GLY C 26 -0.42 -27.88 45.98
C GLY C 26 0.33 -29.13 45.51
N PHE C 27 1.06 -29.79 46.40
CA PHE C 27 1.79 -30.99 46.00
C PHE C 27 0.82 -32.14 45.71
N LEU C 39 17.90 -29.09 53.53
CA LEU C 39 18.09 -30.53 53.57
C LEU C 39 18.47 -31.10 52.20
N ILE C 40 19.49 -30.51 51.56
CA ILE C 40 19.96 -30.98 50.26
C ILE C 40 21.47 -30.66 50.21
N GLY C 41 22.15 -31.14 49.16
CA GLY C 41 23.57 -30.88 49.03
C GLY C 41 24.08 -31.18 47.65
N ASP C 58 25.12 -27.20 57.19
CA ASP C 58 24.28 -26.23 56.49
C ASP C 58 23.16 -25.76 57.42
N THR C 59 22.18 -25.04 56.86
CA THR C 59 21.07 -24.54 57.66
C THR C 59 19.70 -24.68 56.99
N GLN C 60 18.69 -24.15 57.67
CA GLN C 60 17.30 -24.17 57.21
C GLN C 60 16.58 -23.21 58.14
N ARG C 61 15.87 -22.23 57.58
CA ARG C 61 15.18 -21.22 58.40
C ARG C 61 13.79 -21.63 58.90
N ILE C 62 13.25 -20.82 59.80
CA ILE C 62 11.93 -21.07 60.39
C ILE C 62 10.89 -20.12 59.82
N ALA C 67 4.75 -18.88 56.20
CA ALA C 67 5.23 -20.20 56.60
C ALA C 67 4.87 -21.29 55.59
N PHE C 68 4.20 -20.92 54.49
CA PHE C 68 3.82 -21.90 53.46
C PHE C 68 5.04 -22.30 52.63
N ILE C 69 4.81 -23.25 51.73
CA ILE C 69 5.84 -23.74 50.82
C ILE C 69 5.18 -24.54 49.69
N SER C 70 5.60 -24.27 48.47
CA SER C 70 5.06 -24.94 47.31
C SER C 70 6.15 -25.04 46.24
N PRO C 71 5.87 -25.72 45.12
CA PRO C 71 6.90 -25.82 44.08
C PRO C 71 7.17 -24.45 43.46
N GLY C 72 8.45 -24.14 43.25
CA GLY C 72 8.84 -22.86 42.67
C GLY C 72 7.84 -22.31 41.67
N TRP C 73 7.24 -21.17 42.00
CA TRP C 73 6.24 -20.53 41.13
C TRP C 73 6.71 -20.41 39.69
N VAL C 74 5.76 -20.35 38.76
CA VAL C 74 6.08 -20.22 37.35
C VAL C 74 5.23 -19.15 36.65
N ASP C 75 5.90 -18.17 36.06
CA ASP C 75 5.22 -17.09 35.35
C ASP C 75 5.19 -17.50 33.88
N LEU C 76 4.01 -17.83 33.38
CA LEU C 76 3.85 -18.29 32.00
C LEU C 76 3.95 -17.17 30.97
N HIS C 77 3.84 -15.91 31.41
CA HIS C 77 3.90 -14.78 30.48
C HIS C 77 4.76 -13.63 30.99
N VAL C 78 6.03 -13.62 30.62
CA VAL C 78 6.96 -12.57 31.03
C VAL C 78 7.87 -12.15 29.86
N HIS C 79 8.54 -11.01 29.98
CA HIS C 79 9.43 -10.54 28.92
C HIS C 79 10.83 -10.28 29.48
N ILE C 80 11.69 -11.26 29.30
CA ILE C 80 13.04 -11.19 29.83
C ILE C 80 14.15 -11.25 28.77
N TRP C 81 13.85 -10.80 27.56
CA TRP C 81 14.84 -10.78 26.49
C TRP C 81 15.56 -9.45 26.67
N HIS C 82 16.12 -9.26 27.87
CA HIS C 82 16.85 -8.03 28.18
C HIS C 82 17.95 -7.73 27.17
N GLY C 83 18.07 -6.45 26.82
CA GLY C 83 19.08 -6.05 25.86
C GLY C 83 18.71 -6.30 24.40
N GLY C 84 18.20 -7.48 24.11
CA GLY C 84 17.81 -7.80 22.75
C GLY C 84 16.56 -7.08 22.27
N THR C 85 15.70 -6.69 23.22
CA THR C 85 14.47 -5.97 22.90
C THR C 85 14.42 -4.72 23.76
N ASP C 86 13.67 -3.72 23.31
CA ASP C 86 13.54 -2.46 24.03
C ASP C 86 12.60 -2.54 25.24
N ILE C 87 11.62 -3.43 25.15
CA ILE C 87 10.62 -3.57 26.20
C ILE C 87 10.91 -4.58 27.32
N SER C 88 11.78 -5.55 27.08
CA SER C 88 12.09 -6.56 28.11
C SER C 88 12.83 -6.09 29.35
N ILE C 89 12.64 -6.82 30.44
CA ILE C 89 13.28 -6.51 31.72
C ILE C 89 14.31 -7.59 32.00
N ARG C 90 15.19 -7.33 32.96
CA ARG C 90 16.22 -8.30 33.31
C ARG C 90 15.56 -9.52 33.92
N PRO C 91 16.18 -10.71 33.76
CA PRO C 91 15.60 -11.93 34.31
C PRO C 91 15.62 -11.97 35.86
N SER C 92 16.22 -10.97 36.48
CA SER C 92 16.30 -10.92 37.94
C SER C 92 15.48 -9.78 38.55
N GLU C 93 14.50 -9.29 37.83
CA GLU C 93 13.59 -8.27 38.34
C GLU C 93 12.20 -8.85 38.57
N CYS C 94 12.18 -10.14 38.15
CA CYS C 94 11.02 -11.01 38.26
C CYS C 94 11.72 -12.34 38.36
N GLY C 95 11.30 -13.20 39.27
CA GLY C 95 11.97 -14.48 39.38
C GLY C 95 12.43 -14.87 40.76
N ALA C 96 13.52 -15.61 40.82
CA ALA C 96 14.08 -16.10 42.08
C ALA C 96 13.87 -15.16 43.28
N GLU C 97 14.43 -13.95 43.20
CA GLU C 97 14.36 -12.97 44.28
C GLU C 97 12.94 -12.44 44.45
N ARG C 98 11.99 -12.99 43.72
CA ARG C 98 10.58 -12.60 43.81
C ARG C 98 9.78 -13.87 44.05
N GLY C 99 10.49 -14.98 44.21
CA GLY C 99 9.85 -16.26 44.47
C GLY C 99 9.40 -17.01 43.24
N VAL C 100 9.98 -16.68 42.09
CA VAL C 100 9.63 -17.33 40.83
C VAL C 100 10.83 -18.06 40.24
N THR C 101 10.81 -19.39 40.27
CA THR C 101 11.93 -20.17 39.77
C THR C 101 11.77 -20.66 38.33
N THR C 102 10.64 -20.32 37.72
CA THR C 102 10.38 -20.72 36.34
C THR C 102 9.80 -19.56 35.53
N LEU C 103 10.63 -18.95 34.70
CA LEU C 103 10.20 -17.84 33.85
C LEU C 103 9.94 -18.30 32.41
N VAL C 104 8.87 -17.77 31.83
CA VAL C 104 8.54 -18.10 30.45
C VAL C 104 8.32 -16.83 29.62
N ASP C 105 9.25 -16.57 28.70
CA ASP C 105 9.19 -15.40 27.84
C ASP C 105 8.09 -15.58 26.80
N ALA C 106 7.17 -14.61 26.75
CA ALA C 106 6.04 -14.65 25.82
C ALA C 106 6.27 -14.03 24.44
N GLY C 107 7.18 -14.61 23.67
CA GLY C 107 7.44 -14.13 22.33
C GLY C 107 8.33 -12.93 22.14
N SER C 108 9.16 -12.61 23.13
CA SER C 108 10.06 -11.48 22.98
C SER C 108 10.96 -11.78 21.80
N ALA C 109 11.27 -13.05 21.64
CA ALA C 109 12.11 -13.48 20.53
C ALA C 109 11.40 -14.29 19.47
N GLY C 110 11.83 -14.07 18.23
CA GLY C 110 11.33 -14.83 17.11
C GLY C 110 12.53 -15.65 16.67
N GLU C 111 12.44 -16.33 15.54
CA GLU C 111 13.56 -17.14 15.07
C GLU C 111 14.84 -16.33 14.80
N ALA C 112 14.68 -15.09 14.35
CA ALA C 112 15.79 -14.22 14.00
C ALA C 112 16.82 -14.05 15.08
N ASN C 113 16.42 -14.07 16.34
CA ASN C 113 17.39 -13.89 17.40
C ASN C 113 17.11 -14.69 18.65
N PHE C 114 16.52 -15.88 18.49
CA PHE C 114 16.26 -16.71 19.67
C PHE C 114 17.61 -17.15 20.23
N HIS C 115 18.57 -17.45 19.36
CA HIS C 115 19.87 -17.89 19.84
C HIS C 115 20.43 -16.86 20.81
N GLY C 116 20.27 -15.58 20.49
CA GLY C 116 20.74 -14.54 21.38
C GLY C 116 20.04 -14.60 22.73
N PHE C 117 18.74 -14.91 22.71
CA PHE C 117 17.96 -15.05 23.94
C PHE C 117 18.51 -16.22 24.74
N ARG C 118 18.78 -17.29 24.02
CA ARG C 118 19.30 -18.52 24.62
C ARG C 118 20.61 -18.37 25.41
N GLU C 119 21.62 -17.74 24.82
CA GLU C 119 22.89 -17.59 25.52
C GLU C 119 23.04 -16.38 26.43
N TYR C 120 22.29 -15.33 26.16
CA TYR C 120 22.37 -14.14 26.99
C TYR C 120 21.40 -14.20 28.16
N ILE C 121 20.29 -14.93 28.00
CA ILE C 121 19.29 -15.00 29.07
C ILE C 121 19.09 -16.37 29.72
N ILE C 122 18.70 -17.35 28.93
CA ILE C 122 18.44 -18.69 29.43
C ILE C 122 19.59 -19.38 30.17
N GLU C 123 20.68 -19.63 29.46
CA GLU C 123 21.84 -20.32 30.03
C GLU C 123 22.51 -19.71 31.26
N PRO C 124 22.78 -18.40 31.25
CA PRO C 124 23.42 -17.77 32.41
C PRO C 124 22.49 -17.48 33.57
N SER C 125 21.20 -17.74 33.40
CA SER C 125 20.23 -17.46 34.45
C SER C 125 20.02 -18.62 35.42
N ARG C 126 19.64 -18.31 36.66
CA ARG C 126 19.42 -19.34 37.68
C ARG C 126 18.09 -20.06 37.52
N GLU C 127 17.03 -19.30 37.27
CA GLU C 127 15.71 -19.88 37.12
C GLU C 127 15.61 -20.75 35.87
N ARG C 128 14.54 -21.53 35.77
CA ARG C 128 14.32 -22.38 34.60
C ARG C 128 13.63 -21.49 33.59
N ILE C 129 14.36 -21.04 32.58
CA ILE C 129 13.78 -20.17 31.55
C ILE C 129 13.40 -20.91 30.28
N LYS C 130 12.11 -20.90 29.98
CA LYS C 130 11.56 -21.50 28.79
C LYS C 130 10.99 -20.34 27.97
N ALA C 131 10.48 -20.62 26.78
CA ALA C 131 9.97 -19.53 25.99
C ALA C 131 9.07 -19.91 24.83
N PHE C 132 8.12 -19.04 24.54
CA PHE C 132 7.22 -19.24 23.42
C PHE C 132 7.94 -18.49 22.30
N LEU C 133 8.09 -19.14 21.15
CA LEU C 133 8.76 -18.47 20.04
C LEU C 133 7.69 -17.70 19.28
N ASN C 134 7.99 -16.45 18.94
CA ASN C 134 7.05 -15.60 18.23
C ASN C 134 6.94 -16.06 16.77
N LEU C 135 5.71 -16.11 16.26
CA LEU C 135 5.48 -16.51 14.88
C LEU C 135 6.17 -15.51 13.98
N GLY C 136 6.39 -14.31 14.52
CA GLY C 136 7.03 -13.22 13.80
C GLY C 136 8.53 -13.12 14.03
N SER C 137 9.28 -13.24 12.95
CA SER C 137 10.73 -13.17 12.97
C SER C 137 11.37 -12.20 13.95
N ILE C 138 11.18 -10.90 13.71
CA ILE C 138 11.81 -9.87 14.55
C ILE C 138 11.43 -9.83 16.01
N GLY C 139 10.31 -10.46 16.37
CA GLY C 139 9.90 -10.43 17.76
C GLY C 139 9.54 -9.03 18.28
N LEU C 140 9.67 -8.84 19.58
CA LEU C 140 9.32 -7.53 20.16
C LEU C 140 10.53 -6.62 20.31
N VAL C 141 11.40 -6.60 19.31
CA VAL C 141 12.59 -5.75 19.39
C VAL C 141 12.21 -4.29 19.61
N ALA C 142 11.11 -3.88 18.99
CA ALA C 142 10.60 -2.52 19.10
C ALA C 142 9.09 -2.66 19.33
N CYS C 143 8.75 -3.22 20.49
CA CYS C 143 7.35 -3.49 20.86
C CYS C 143 6.28 -2.46 20.50
N ASN C 144 5.34 -2.92 19.70
CA ASN C 144 4.23 -2.12 19.23
C ASN C 144 4.67 -1.06 18.25
N ARG C 145 5.84 -0.48 18.48
CA ARG C 145 6.35 0.56 17.58
C ARG C 145 6.57 -0.04 16.20
N VAL C 146 7.27 -1.16 16.14
CA VAL C 146 7.47 -1.82 14.86
C VAL C 146 6.88 -3.22 14.97
N PRO C 147 5.62 -3.36 14.57
CA PRO C 147 4.85 -4.63 14.60
C PRO C 147 5.56 -5.85 14.02
N GLU C 148 5.44 -6.99 14.70
CA GLU C 148 6.09 -8.23 14.26
C GLU C 148 5.30 -9.02 13.23
N LEU C 149 3.98 -8.90 13.24
CA LEU C 149 3.14 -9.61 12.28
C LEU C 149 2.42 -8.63 11.38
N ARG C 150 3.16 -7.93 10.55
CA ARG C 150 2.57 -6.94 9.64
C ARG C 150 2.02 -7.64 8.40
N ASP C 151 2.82 -8.54 7.85
CA ASP C 151 2.46 -9.25 6.63
C ASP C 151 3.07 -10.62 6.63
N ILE C 152 2.71 -11.43 5.64
CA ILE C 152 3.20 -12.78 5.54
C ILE C 152 4.72 -12.83 5.48
N LYS C 153 5.33 -11.76 4.99
CA LYS C 153 6.78 -11.71 4.88
C LYS C 153 7.43 -11.81 6.26
N ASP C 154 6.63 -11.64 7.31
CA ASP C 154 7.14 -11.72 8.67
C ASP C 154 7.23 -13.14 9.24
N ILE C 155 6.55 -14.09 8.61
CA ILE C 155 6.59 -15.47 9.07
C ILE C 155 7.51 -16.30 8.18
N ASP C 156 8.37 -17.09 8.80
CA ASP C 156 9.29 -17.94 8.05
C ASP C 156 9.11 -19.35 8.59
N LEU C 157 8.17 -20.08 8.00
CA LEU C 157 7.86 -21.45 8.41
C LEU C 157 9.11 -22.32 8.50
N ASP C 158 9.96 -22.25 7.48
CA ASP C 158 11.19 -23.04 7.45
C ASP C 158 12.14 -22.68 8.59
N ARG C 159 12.28 -21.39 8.90
CA ARG C 159 13.16 -20.99 9.99
C ARG C 159 12.51 -21.25 11.35
N ILE C 160 11.19 -21.22 11.42
CA ILE C 160 10.53 -21.49 12.69
C ILE C 160 10.78 -22.96 12.99
N LEU C 161 10.62 -23.80 11.98
CA LEU C 161 10.85 -25.24 12.13
C LEU C 161 12.31 -25.46 12.53
N GLU C 162 13.21 -24.87 11.76
CA GLU C 162 14.64 -24.99 12.02
C GLU C 162 14.96 -24.61 13.46
N CYS C 163 14.44 -23.46 13.87
CA CYS C 163 14.65 -22.93 15.20
C CYS C 163 14.18 -23.90 16.28
N TYR C 164 12.98 -24.45 16.14
CA TYR C 164 12.49 -25.39 17.14
C TYR C 164 13.44 -26.57 17.20
N ALA C 165 13.58 -27.26 16.07
CA ALA C 165 14.48 -28.41 15.97
C ALA C 165 15.74 -28.23 16.79
N GLU C 166 16.30 -27.02 16.72
CA GLU C 166 17.55 -26.67 17.35
C GLU C 166 17.35 -26.31 18.82
N ASN C 167 16.17 -25.90 19.25
CA ASN C 167 15.98 -25.52 20.66
C ASN C 167 14.75 -26.12 21.33
N SER C 168 14.30 -27.27 20.84
CA SER C 168 13.12 -27.96 21.39
C SER C 168 13.13 -28.10 22.91
N GLU C 169 14.31 -28.03 23.53
CA GLU C 169 14.40 -28.17 24.98
C GLU C 169 14.32 -26.81 25.65
N HIS C 170 14.07 -25.78 24.85
CA HIS C 170 13.97 -24.41 25.35
C HIS C 170 12.60 -23.83 25.02
N ILE C 171 12.21 -23.95 23.75
CA ILE C 171 10.95 -23.42 23.27
C ILE C 171 9.79 -24.32 23.65
N VAL C 172 8.77 -23.71 24.24
CA VAL C 172 7.60 -24.44 24.71
C VAL C 172 6.36 -24.23 23.85
N GLY C 173 6.46 -23.33 22.89
CA GLY C 173 5.33 -23.07 22.01
C GLY C 173 5.52 -21.85 21.13
N LEU C 174 4.52 -21.56 20.30
CA LEU C 174 4.50 -20.41 19.40
C LEU C 174 3.51 -19.37 19.89
N KCX C 175 3.83 -18.15 19.90
CA KCX C 175 2.96 -17.08 20.35
CB KCX C 175 3.71 -16.18 21.34
CG KCX C 175 2.89 -14.98 21.80
CD KCX C 175 3.62 -14.20 22.89
CE KCX C 175 3.15 -12.75 22.94
NZ KCX C 175 2.03 -12.57 23.90
C KCX C 175 2.42 -16.28 19.18
O KCX C 175 2.94 -16.34 18.06
CX KCX C 175 1.89 -11.32 24.26
OQ1 KCX C 175 0.91 -10.67 23.92
OQ2 KCX C 175 2.85 -10.75 25.02
N VAL C 176 1.25 -15.62 19.34
CA VAL C 176 0.74 -14.79 18.26
C VAL C 176 0.00 -13.65 18.91
N ARG C 177 0.38 -12.42 18.59
CA ARG C 177 -0.27 -11.23 19.13
C ARG C 177 -1.35 -10.75 18.16
N ALA C 178 -2.49 -11.43 18.17
CA ALA C 178 -3.62 -11.11 17.28
C ALA C 178 -4.45 -9.89 17.69
N SER C 179 -3.98 -8.70 17.34
CA SER C 179 -4.65 -7.43 17.63
C SER C 179 -4.27 -6.46 16.51
N HIS C 180 -5.08 -5.43 16.26
CA HIS C 180 -4.74 -4.49 15.18
C HIS C 180 -3.49 -3.68 15.41
N VAL C 181 -3.06 -3.56 16.66
CA VAL C 181 -1.83 -2.82 16.94
C VAL C 181 -0.64 -3.57 16.35
N ILE C 182 -0.78 -4.88 16.20
CA ILE C 182 0.29 -5.71 15.66
C ILE C 182 -0.04 -6.25 14.27
N THR C 183 -1.24 -6.78 14.09
CA THR C 183 -1.63 -7.35 12.81
C THR C 183 -2.41 -6.42 11.90
N GLY C 184 -2.49 -5.16 12.28
CA GLY C 184 -3.19 -4.19 11.46
C GLY C 184 -4.55 -4.65 10.95
N SER C 185 -4.67 -4.81 9.64
CA SER C 185 -5.94 -5.18 9.05
C SER C 185 -6.18 -6.65 8.76
N TRP C 186 -5.16 -7.49 8.84
CA TRP C 186 -5.40 -8.92 8.61
C TRP C 186 -5.56 -9.56 9.99
N GLY C 187 -6.80 -9.91 10.31
CA GLY C 187 -7.12 -10.46 11.63
C GLY C 187 -6.76 -11.86 12.07
N VAL C 188 -7.46 -12.87 11.55
CA VAL C 188 -7.21 -14.25 11.95
C VAL C 188 -6.15 -14.99 11.13
N THR C 189 -5.89 -14.53 9.91
CA THR C 189 -4.91 -15.17 9.03
C THR C 189 -3.60 -15.58 9.71
N PRO C 190 -3.01 -14.70 10.53
CA PRO C 190 -1.76 -15.13 11.18
C PRO C 190 -2.01 -16.06 12.35
N VAL C 191 -3.27 -16.19 12.76
CA VAL C 191 -3.60 -17.08 13.86
C VAL C 191 -3.85 -18.46 13.29
N LYS C 192 -4.58 -18.54 12.19
CA LYS C 192 -4.87 -19.81 11.53
C LYS C 192 -3.55 -20.42 11.05
N LEU C 193 -2.66 -19.55 10.60
CA LEU C 193 -1.36 -19.94 10.09
C LEU C 193 -0.50 -20.40 11.25
N GLY C 194 -0.63 -19.70 12.37
CA GLY C 194 0.12 -20.04 13.56
C GLY C 194 -0.26 -21.42 14.06
N LYS C 195 -1.56 -21.69 14.12
CA LYS C 195 -2.05 -22.97 14.57
C LYS C 195 -1.45 -24.06 13.69
N LYS C 196 -1.58 -23.90 12.38
CA LYS C 196 -1.05 -24.82 11.38
C LYS C 196 0.41 -25.19 11.66
N ILE C 197 1.24 -24.18 11.87
CA ILE C 197 2.66 -24.42 12.15
C ILE C 197 2.86 -25.12 13.49
N ALA C 198 2.26 -24.57 14.54
CA ALA C 198 2.38 -25.16 15.89
C ALA C 198 1.89 -26.61 15.86
N LYS C 199 0.83 -26.85 15.10
CA LYS C 199 0.26 -28.18 14.93
C LYS C 199 1.37 -29.09 14.40
N ILE C 200 1.81 -28.81 13.17
CA ILE C 200 2.87 -29.58 12.53
C ILE C 200 4.20 -29.36 13.26
N LEU C 201 4.11 -28.95 14.52
CA LEU C 201 5.28 -28.72 15.35
C LEU C 201 5.08 -29.47 16.66
N LYS C 202 3.83 -29.86 16.91
CA LYS C 202 3.47 -30.60 18.12
C LYS C 202 3.82 -29.82 19.39
N VAL C 203 3.42 -28.56 19.43
CA VAL C 203 3.69 -27.72 20.58
C VAL C 203 2.46 -26.85 20.85
N PRO C 204 2.33 -26.31 22.06
CA PRO C 204 1.15 -25.47 22.30
C PRO C 204 1.30 -24.08 21.67
N MSE C 205 0.20 -23.34 21.63
CA MSE C 205 0.22 -21.99 21.07
C MSE C 205 -0.37 -21.00 22.05
O MSE C 205 -1.44 -21.22 22.59
CB MSE C 205 -0.58 -21.97 19.77
CG MSE C 205 -0.83 -20.58 19.22
SE MSE C 205 -1.79 -20.61 17.69
CE MSE C 205 -0.71 -19.70 16.66
N MSE C 206 0.34 -19.90 22.31
CA MSE C 206 -0.16 -18.86 23.21
C MSE C 206 -0.65 -17.70 22.35
O MSE C 206 0.12 -17.07 21.63
CB MSE C 206 0.92 -18.38 24.17
CG MSE C 206 0.43 -17.27 25.09
SE MSE C 206 1.64 -16.66 26.24
CE MSE C 206 0.92 -17.20 27.76
N VAL C 207 -1.96 -17.41 22.42
CA VAL C 207 -2.55 -16.34 21.63
C VAL C 207 -3.11 -15.21 22.49
N HIS C 208 -2.60 -14.00 22.25
CA HIS C 208 -3.02 -12.82 22.97
C HIS C 208 -4.15 -12.12 22.21
N VAL C 209 -5.20 -11.75 22.92
CA VAL C 209 -6.33 -11.06 22.29
C VAL C 209 -6.28 -9.61 22.74
N GLY C 210 -6.92 -8.72 21.99
CA GLY C 210 -6.92 -7.32 22.37
C GLY C 210 -7.88 -6.55 21.49
N GLU C 211 -7.45 -5.39 21.02
CA GLU C 211 -8.26 -4.55 20.14
C GLU C 211 -8.99 -5.40 19.09
N PRO C 212 -10.34 -5.30 19.05
CA PRO C 212 -11.31 -5.99 18.19
C PRO C 212 -10.93 -6.55 16.82
N PRO C 213 -10.23 -5.78 15.97
CA PRO C 213 -9.82 -6.24 14.63
C PRO C 213 -9.73 -7.76 14.50
N ALA C 214 -8.85 -8.38 15.28
CA ALA C 214 -8.77 -9.83 15.30
C ALA C 214 -9.63 -10.18 16.51
N LEU C 215 -10.86 -10.61 16.23
CA LEU C 215 -11.88 -10.95 17.24
C LEU C 215 -11.57 -12.07 18.23
N TYR C 216 -11.65 -11.73 19.51
CA TYR C 216 -11.45 -12.66 20.62
C TYR C 216 -12.21 -13.93 20.18
N ASP C 217 -13.50 -13.73 19.92
CA ASP C 217 -14.41 -14.78 19.48
C ASP C 217 -13.74 -15.65 18.42
N GLU C 218 -13.37 -15.01 17.30
CA GLU C 218 -12.73 -15.66 16.16
C GLU C 218 -11.46 -16.44 16.53
N VAL C 219 -10.72 -15.99 17.54
CA VAL C 219 -9.50 -16.68 17.96
C VAL C 219 -9.85 -17.99 18.66
N LEU C 220 -10.79 -17.95 19.59
CA LEU C 220 -11.23 -19.14 20.33
C LEU C 220 -11.66 -20.28 19.42
N GLU C 221 -12.24 -19.94 18.28
CA GLU C 221 -12.70 -20.95 17.32
C GLU C 221 -11.53 -21.71 16.68
N ILE C 222 -10.39 -21.03 16.52
CA ILE C 222 -9.20 -21.65 15.91
C ILE C 222 -8.46 -22.57 16.87
N LEU C 223 -8.29 -22.11 18.10
CA LEU C 223 -7.57 -22.87 19.12
C LEU C 223 -8.08 -24.28 19.45
N GLY C 224 -7.22 -25.07 20.08
CA GLY C 224 -7.52 -26.44 20.47
C GLY C 224 -7.07 -26.68 21.91
N PRO C 225 -7.31 -27.89 22.45
CA PRO C 225 -6.89 -28.16 23.82
C PRO C 225 -5.39 -27.96 23.98
N GLY C 226 -4.97 -27.42 25.12
CA GLY C 226 -3.55 -27.21 25.34
C GLY C 226 -3.11 -25.82 24.94
N ASP C 227 -3.86 -25.19 24.04
CA ASP C 227 -3.55 -23.84 23.59
C ASP C 227 -3.89 -22.85 24.71
N VAL C 228 -3.16 -21.74 24.77
CA VAL C 228 -3.37 -20.75 25.81
C VAL C 228 -3.71 -19.35 25.32
N VAL C 229 -4.79 -18.81 25.87
CA VAL C 229 -5.24 -17.45 25.54
C VAL C 229 -4.78 -16.53 26.66
N THR C 230 -3.95 -15.54 26.36
CA THR C 230 -3.50 -14.65 27.41
C THR C 230 -4.29 -13.35 27.35
N HIS C 231 -4.40 -12.68 28.50
CA HIS C 231 -5.17 -11.44 28.65
C HIS C 231 -6.65 -11.79 28.78
N CYS C 232 -6.94 -13.05 29.06
CA CYS C 232 -8.32 -13.54 29.19
C CYS C 232 -9.32 -12.61 29.88
N PHE C 233 -8.94 -12.03 31.02
CA PHE C 233 -9.87 -11.16 31.72
C PHE C 233 -9.63 -9.67 31.52
N ASN C 234 -9.37 -9.25 30.28
CA ASN C 234 -9.14 -7.85 29.99
C ASN C 234 -10.48 -7.11 30.00
N GLY C 235 -10.46 -5.89 30.52
CA GLY C 235 -11.68 -5.09 30.59
C GLY C 235 -11.66 -3.93 29.63
N LYS C 236 -11.13 -4.15 28.43
CA LYS C 236 -11.07 -3.10 27.42
C LYS C 236 -12.20 -3.32 26.43
N SER C 237 -12.67 -2.24 25.81
CA SER C 237 -13.76 -2.31 24.85
C SER C 237 -13.45 -3.23 23.66
N GLY C 238 -14.48 -3.77 23.05
CA GLY C 238 -14.31 -4.64 21.89
C GLY C 238 -13.63 -5.97 22.12
N SER C 239 -12.92 -6.11 23.24
CA SER C 239 -12.22 -7.35 23.53
C SER C 239 -12.57 -8.00 24.87
N SER C 240 -13.44 -7.36 25.63
CA SER C 240 -13.84 -7.89 26.94
C SER C 240 -14.89 -9.00 26.88
N ILE C 241 -14.68 -10.06 27.67
CA ILE C 241 -15.60 -11.20 27.70
C ILE C 241 -16.88 -10.94 28.51
N MSE C 242 -16.99 -9.75 29.09
CA MSE C 242 -18.15 -9.34 29.88
C MSE C 242 -19.01 -8.27 29.21
O MSE C 242 -19.79 -7.59 29.88
CB MSE C 242 -17.72 -8.84 31.26
CG MSE C 242 -17.26 -9.93 32.20
SE MSE C 242 -18.53 -11.17 32.44
CE MSE C 242 -19.77 -10.20 33.29
N GLU C 243 -18.86 -8.09 27.90
CA GLU C 243 -19.64 -7.09 27.15
C GLU C 243 -20.32 -7.77 25.97
N ASP C 244 -20.32 -9.10 26.00
CA ASP C 244 -20.90 -9.92 24.94
C ASP C 244 -21.17 -11.31 25.51
N GLU C 245 -22.41 -11.56 25.91
CA GLU C 245 -22.80 -12.83 26.48
C GLU C 245 -22.24 -13.98 25.62
N ASP C 246 -22.27 -13.80 24.31
CA ASP C 246 -21.78 -14.80 23.37
C ASP C 246 -20.32 -15.20 23.63
N LEU C 247 -19.48 -14.20 23.90
CA LEU C 247 -18.06 -14.44 24.14
C LEU C 247 -17.83 -15.24 25.42
N PHE C 248 -18.39 -14.76 26.53
CA PHE C 248 -18.25 -15.45 27.81
C PHE C 248 -18.71 -16.91 27.70
N ASN C 249 -19.77 -17.13 26.92
CA ASN C 249 -20.30 -18.48 26.73
C ASN C 249 -19.24 -19.27 25.99
N LEU C 250 -18.73 -18.69 24.90
CA LEU C 250 -17.69 -19.35 24.12
C LEU C 250 -16.45 -19.53 25.00
N ALA C 251 -16.19 -18.55 25.86
CA ALA C 251 -15.06 -18.58 26.77
C ALA C 251 -15.15 -19.80 27.69
N GLU C 252 -16.26 -19.92 28.41
CA GLU C 252 -16.47 -21.04 29.31
C GLU C 252 -16.50 -22.34 28.50
N ARG C 253 -17.32 -22.34 27.44
CA ARG C 253 -17.46 -23.49 26.55
C ARG C 253 -16.11 -24.00 26.02
N CYS C 254 -15.10 -23.15 26.03
CA CYS C 254 -13.77 -23.54 25.56
C CYS C 254 -12.88 -23.86 26.75
N GLU C 257 -12.87 -25.96 28.37
CA GLU C 257 -12.74 -27.42 28.36
C GLU C 257 -11.58 -27.89 27.46
N GLY C 258 -10.45 -27.22 27.58
CA GLY C 258 -9.29 -27.55 26.79
C GLY C 258 -8.47 -26.30 26.72
N ILE C 259 -8.97 -25.33 25.97
CA ILE C 259 -8.32 -24.03 25.81
C ILE C 259 -8.09 -23.44 27.21
N ARG C 260 -6.84 -23.07 27.48
CA ARG C 260 -6.47 -22.50 28.77
C ARG C 260 -6.61 -20.98 28.76
N LEU C 261 -7.11 -20.44 29.86
CA LEU C 261 -7.26 -19.00 29.99
C LEU C 261 -6.13 -18.53 30.90
N ASP C 262 -5.35 -17.56 30.43
CA ASP C 262 -4.24 -17.05 31.23
C ASP C 262 -4.49 -15.59 31.52
N ILE C 263 -4.06 -15.13 32.69
CA ILE C 263 -4.23 -13.73 33.07
C ILE C 263 -3.03 -12.92 32.62
N GLY C 264 -3.11 -12.38 31.41
CA GLY C 264 -2.00 -11.57 30.95
C GLY C 264 -2.10 -10.18 31.55
N HIS C 265 -1.94 -10.06 32.86
CA HIS C 265 -2.03 -8.74 33.48
C HIS C 265 -0.87 -7.90 33.01
N GLY C 266 -1.14 -7.03 32.04
CA GLY C 266 -0.09 -6.19 31.52
C GLY C 266 -0.40 -4.74 31.80
N GLY C 267 -0.09 -3.88 30.84
CA GLY C 267 -0.37 -2.48 31.02
C GLY C 267 -1.83 -2.18 30.73
N ALA C 268 -2.58 -3.18 30.27
CA ALA C 268 -3.99 -2.94 29.96
C ALA C 268 -4.80 -4.21 29.70
N SER C 269 -4.47 -5.31 30.35
CA SER C 269 -5.20 -6.55 30.10
C SER C 269 -5.91 -7.24 31.27
N PHE C 270 -5.79 -6.72 32.49
CA PHE C 270 -6.51 -7.33 33.63
C PHE C 270 -7.50 -6.35 34.24
N SER C 271 -8.72 -6.82 34.46
CA SER C 271 -9.77 -6.01 35.04
C SER C 271 -10.43 -6.67 36.25
N PHE C 272 -10.50 -5.90 37.36
CA PHE C 272 -11.10 -6.41 38.59
C PHE C 272 -12.58 -6.71 38.36
N LYS C 273 -13.29 -5.76 37.76
CA LYS C 273 -14.70 -5.91 37.48
C LYS C 273 -14.93 -7.15 36.63
N VAL C 274 -14.22 -7.23 35.52
CA VAL C 274 -14.34 -8.37 34.61
C VAL C 274 -13.95 -9.65 35.30
N ALA C 275 -12.91 -9.57 36.12
CA ALA C 275 -12.44 -10.72 36.86
C ALA C 275 -13.59 -11.24 37.74
N GLU C 276 -14.09 -10.39 38.64
CA GLU C 276 -15.19 -10.75 39.53
C GLU C 276 -16.28 -11.52 38.77
N ALA C 277 -16.99 -10.75 37.94
CA ALA C 277 -18.09 -11.26 37.14
C ALA C 277 -17.86 -12.66 36.57
N ALA C 278 -16.65 -12.92 36.06
CA ALA C 278 -16.35 -14.22 35.48
C ALA C 278 -16.04 -15.26 36.54
N ILE C 279 -14.97 -15.02 37.29
CA ILE C 279 -14.56 -15.94 38.33
C ILE C 279 -15.69 -16.20 39.32
N ALA C 280 -16.59 -15.24 39.47
CA ALA C 280 -17.73 -15.36 40.38
C ALA C 280 -18.96 -15.83 39.60
N ARG C 281 -18.74 -16.80 38.72
CA ARG C 281 -19.81 -17.31 37.88
C ARG C 281 -19.34 -18.63 37.29
N GLY C 282 -18.15 -19.06 37.72
CA GLY C 282 -17.59 -20.31 37.24
C GLY C 282 -16.23 -20.22 36.55
N LEU C 283 -16.18 -19.52 35.32
CA LEU C 283 -14.90 -19.41 34.65
C LEU C 283 -13.82 -18.70 35.46
N LEU C 284 -12.81 -19.45 35.88
CA LEU C 284 -11.68 -18.88 36.61
C LEU C 284 -10.43 -19.13 35.76
N PRO C 285 -9.38 -18.32 35.93
CA PRO C 285 -8.14 -18.48 35.15
C PRO C 285 -7.40 -19.81 35.32
N PHE C 286 -7.04 -20.42 34.20
CA PHE C 286 -6.31 -21.68 34.20
C PHE C 286 -4.95 -21.42 34.79
N SER C 287 -4.48 -20.18 34.68
CA SER C 287 -3.16 -19.81 35.22
C SER C 287 -3.06 -18.30 35.43
N ILE C 288 -2.33 -17.89 36.47
CA ILE C 288 -2.14 -16.48 36.78
C ILE C 288 -0.78 -16.05 36.26
N SER C 289 -0.78 -15.02 35.42
CA SER C 289 0.45 -14.51 34.83
C SER C 289 0.57 -13.00 34.96
N THR C 290 1.76 -12.48 34.67
CA THR C 290 2.01 -11.05 34.77
C THR C 290 2.79 -10.57 33.56
N ASP C 291 2.11 -10.04 32.55
CA ASP C 291 2.80 -9.55 31.36
C ASP C 291 3.76 -8.44 31.83
N LEU C 292 4.82 -8.88 32.51
CA LEU C 292 5.83 -7.99 33.06
C LEU C 292 6.85 -7.49 32.05
N HIS C 293 6.71 -6.23 31.64
CA HIS C 293 7.65 -5.63 30.71
C HIS C 293 8.09 -4.28 31.24
N GLY C 294 9.10 -3.69 30.60
CA GLY C 294 9.61 -2.40 31.04
C GLY C 294 8.61 -1.31 31.36
N HIS C 295 7.34 -1.50 31.00
CA HIS C 295 6.30 -0.50 31.26
C HIS C 295 5.11 -0.97 32.10
N SER C 296 5.19 -2.19 32.61
CA SER C 296 4.11 -2.71 33.43
C SER C 296 4.58 -3.08 34.84
N MSE C 297 5.83 -3.50 34.95
CA MSE C 297 6.40 -3.90 36.25
C MSE C 297 6.31 -2.78 37.28
O MSE C 297 5.80 -2.98 38.38
CB MSE C 297 7.86 -4.29 36.08
CG MSE C 297 8.58 -4.56 37.38
SE MSE C 297 10.33 -4.86 37.12
CE MSE C 297 11.00 -3.20 37.19
N ASN C 298 6.80 -1.60 36.91
CA ASN C 298 6.80 -0.46 37.81
C ASN C 298 5.47 0.19 38.18
N PHE C 299 4.37 -0.13 37.49
CA PHE C 299 3.13 0.50 37.90
C PHE C 299 1.89 -0.31 38.23
N PRO C 300 1.22 -0.89 37.22
CA PRO C 300 0.00 -1.67 37.49
C PRO C 300 0.17 -3.08 38.06
N VAL C 301 1.07 -3.85 37.47
CA VAL C 301 1.31 -5.22 37.90
C VAL C 301 2.73 -5.32 38.42
N TRP C 302 2.93 -4.95 39.67
CA TRP C 302 4.27 -4.96 40.25
C TRP C 302 4.99 -6.32 40.25
N ASP C 303 4.37 -7.35 40.80
CA ASP C 303 5.03 -8.64 40.86
C ASP C 303 4.03 -9.78 40.75
N LEU C 304 4.52 -10.98 40.43
CA LEU C 304 3.66 -12.14 40.28
C LEU C 304 2.76 -12.30 41.49
N ALA C 305 3.33 -12.06 42.67
CA ALA C 305 2.57 -12.21 43.92
C ALA C 305 1.36 -11.30 43.96
N THR C 306 1.58 -10.01 43.76
CA THR C 306 0.51 -9.03 43.78
C THR C 306 -0.67 -9.47 42.92
N THR C 307 -0.36 -10.00 41.74
CA THR C 307 -1.39 -10.47 40.81
C THR C 307 -2.11 -11.68 41.40
N MSE C 308 -1.35 -12.53 42.08
CA MSE C 308 -1.92 -13.71 42.72
C MSE C 308 -2.94 -13.25 43.74
O MSE C 308 -4.06 -13.77 43.82
CB MSE C 308 -0.82 -14.51 43.45
CG MSE C 308 0.18 -15.19 42.56
SE MSE C 308 1.51 -15.93 43.52
CE MSE C 308 0.81 -17.47 43.94
N SER C 309 -2.53 -12.25 44.52
CA SER C 309 -3.37 -11.65 45.54
C SER C 309 -4.62 -10.98 44.96
N LYS C 310 -4.47 -10.39 43.77
CA LYS C 310 -5.58 -9.72 43.11
C LYS C 310 -6.63 -10.74 42.69
N LEU C 311 -6.16 -11.89 42.24
CA LEU C 311 -7.05 -12.97 41.82
C LEU C 311 -7.50 -13.81 43.02
N LEU C 312 -7.27 -13.28 44.22
CA LEU C 312 -7.68 -13.93 45.45
C LEU C 312 -8.63 -12.96 46.12
N SER C 313 -8.46 -11.68 45.80
CA SER C 313 -9.28 -10.60 46.35
C SER C 313 -10.62 -10.53 45.64
N VAL C 314 -10.84 -11.44 44.70
CA VAL C 314 -12.10 -11.44 43.96
C VAL C 314 -12.98 -12.62 44.34
N ASP C 315 -12.55 -13.84 44.04
CA ASP C 315 -13.36 -15.01 44.36
C ASP C 315 -12.67 -16.35 44.09
N MSE C 316 -11.38 -16.30 43.74
CA MSE C 316 -10.64 -17.53 43.47
C MSE C 316 -10.03 -18.03 44.78
O MSE C 316 -9.29 -17.31 45.45
CB MSE C 316 -9.56 -17.26 42.40
CG MSE C 316 -8.72 -18.48 41.98
SE MSE C 316 -7.86 -18.31 40.38
CE MSE C 316 -6.77 -17.02 40.75
N PRO C 317 -10.38 -19.27 45.17
CA PRO C 317 -9.88 -19.89 46.41
C PRO C 317 -8.37 -20.20 46.42
N PHE C 318 -7.75 -19.96 47.57
CA PHE C 318 -6.31 -20.20 47.77
C PHE C 318 -5.87 -21.41 46.96
N GLU C 319 -6.57 -22.52 47.15
CA GLU C 319 -6.27 -23.77 46.46
C GLU C 319 -6.09 -23.61 44.96
N ASN C 320 -6.95 -22.79 44.34
CA ASN C 320 -6.87 -22.56 42.90
C ASN C 320 -5.87 -21.50 42.47
N VAL C 321 -5.68 -20.47 43.30
CA VAL C 321 -4.71 -19.44 42.98
C VAL C 321 -3.31 -20.07 42.95
N VAL C 322 -2.93 -20.70 44.06
CA VAL C 322 -1.62 -21.34 44.17
C VAL C 322 -1.42 -22.43 43.13
N GLU C 323 -2.52 -23.04 42.68
CA GLU C 323 -2.40 -24.10 41.66
C GLU C 323 -2.20 -23.48 40.27
N ALA C 324 -2.82 -22.32 40.04
CA ALA C 324 -2.69 -21.63 38.76
C ALA C 324 -1.41 -20.79 38.72
N VAL C 325 -0.41 -21.22 39.48
CA VAL C 325 0.88 -20.54 39.52
C VAL C 325 1.97 -21.61 39.61
N THR C 326 1.53 -22.86 39.72
CA THR C 326 2.45 -23.99 39.81
C THR C 326 2.08 -25.12 38.87
N ARG C 327 1.13 -25.97 39.27
CA ARG C 327 0.71 -27.09 38.43
C ARG C 327 0.22 -26.70 37.03
N ASN C 328 -0.94 -26.06 36.97
CA ASN C 328 -1.56 -25.65 35.70
C ASN C 328 -0.61 -25.04 34.67
N PRO C 329 0.13 -23.98 35.05
CA PRO C 329 1.06 -23.38 34.09
C PRO C 329 2.19 -24.34 33.71
N ALA C 330 2.58 -25.17 34.68
CA ALA C 330 3.62 -26.15 34.47
C ALA C 330 3.18 -27.17 33.43
N SER C 331 1.88 -27.44 33.38
CA SER C 331 1.37 -28.40 32.41
C SER C 331 1.37 -27.82 31.00
N VAL C 332 1.52 -26.50 30.90
CA VAL C 332 1.53 -25.82 29.60
C VAL C 332 2.92 -25.90 28.99
N ILE C 333 3.95 -25.72 29.82
CA ILE C 333 5.32 -25.78 29.34
C ILE C 333 5.86 -27.20 29.57
N ARG C 334 4.96 -28.11 29.92
CA ARG C 334 5.29 -29.51 30.17
C ARG C 334 6.37 -29.66 31.22
N LEU C 335 6.08 -29.21 32.44
CA LEU C 335 7.01 -29.29 33.55
C LEU C 335 6.40 -30.19 34.65
N ASP C 336 7.18 -30.53 35.68
CA ASP C 336 6.70 -31.37 36.78
C ASP C 336 6.70 -30.62 38.11
N ALA C 347 14.76 -29.42 46.02
CA ALA C 347 15.44 -29.12 44.78
C ALA C 347 14.92 -27.78 44.22
N ASP C 348 13.60 -27.57 44.31
CA ASP C 348 12.98 -26.34 43.81
C ASP C 348 11.77 -25.94 44.67
N PHE C 349 11.91 -24.88 45.47
CA PHE C 349 10.82 -24.43 46.33
C PHE C 349 10.53 -22.93 46.30
N THR C 350 9.36 -22.59 46.85
CA THR C 350 8.87 -21.22 46.98
C THR C 350 8.01 -21.12 48.24
N VAL C 351 8.57 -20.51 49.29
CA VAL C 351 7.88 -20.35 50.57
C VAL C 351 7.26 -18.95 50.72
N PHE C 352 5.96 -18.91 51.05
CA PHE C 352 5.24 -17.65 51.19
C PHE C 352 4.28 -17.64 52.39
N ASP C 353 3.75 -16.47 52.73
CA ASP C 353 2.85 -16.35 53.87
C ASP C 353 1.81 -15.25 53.71
N LEU C 354 0.59 -15.63 53.33
CA LEU C 354 -0.50 -14.66 53.16
C LEU C 354 -0.68 -13.88 54.46
N VAL C 355 -0.60 -12.55 54.37
CA VAL C 355 -0.73 -11.68 55.54
C VAL C 355 -1.99 -10.81 55.47
N ASP C 356 -1.98 -9.70 56.21
CA ASP C 356 -3.11 -8.78 56.24
C ASP C 356 -2.79 -7.41 55.67
N ALA C 357 -3.85 -6.69 55.28
CA ALA C 357 -3.75 -5.36 54.70
C ALA C 357 -5.05 -5.09 53.97
N ARG C 373 -5.66 -9.03 52.39
CA ARG C 373 -4.73 -10.16 52.37
C ARG C 373 -3.94 -10.24 51.06
N LEU C 374 -2.63 -10.48 51.17
CA LEU C 374 -1.77 -10.59 50.00
C LEU C 374 -0.59 -11.57 50.20
N PHE C 375 -0.11 -12.16 49.11
CA PHE C 375 1.00 -13.10 49.17
C PHE C 375 2.32 -12.41 49.43
N GLU C 376 3.25 -13.13 50.06
CA GLU C 376 4.55 -12.57 50.38
C GLU C 376 5.64 -13.59 50.13
N PRO C 377 6.39 -13.44 49.01
CA PRO C 377 7.45 -14.39 48.76
C PRO C 377 8.51 -14.29 49.87
N ARG C 378 8.97 -15.43 50.35
CA ARG C 378 9.97 -15.46 51.42
C ARG C 378 11.32 -15.96 50.93
N TYR C 379 11.33 -17.17 50.39
CA TYR C 379 12.55 -17.76 49.88
C TYR C 379 12.35 -18.51 48.59
N ALA C 380 13.44 -18.61 47.84
CA ALA C 380 13.48 -19.33 46.58
C ALA C 380 14.63 -20.29 46.80
N VAL C 381 14.40 -21.57 46.55
CA VAL C 381 15.45 -22.55 46.76
C VAL C 381 15.70 -23.37 45.51
N ILE C 382 16.81 -23.09 44.84
CA ILE C 382 17.19 -23.80 43.63
C ILE C 382 18.44 -24.64 43.92
N GLY C 383 18.23 -25.84 44.46
CA GLY C 383 19.34 -26.73 44.78
C GLY C 383 20.40 -26.09 45.65
N ALA C 384 20.29 -26.28 46.96
CA ALA C 384 21.25 -25.70 47.88
C ALA C 384 21.46 -24.21 47.65
N GLU C 385 20.45 -23.53 47.14
CA GLU C 385 20.55 -22.09 46.93
C GLU C 385 19.26 -21.41 47.31
N ALA C 386 19.26 -20.76 48.49
CA ALA C 386 18.09 -20.06 48.97
C ALA C 386 18.33 -18.57 48.80
N ILE C 387 17.41 -17.90 48.11
CA ILE C 387 17.53 -16.47 47.88
C ILE C 387 16.43 -15.73 48.63
N ALA C 388 16.80 -14.58 49.20
CA ALA C 388 15.85 -13.78 49.97
C ALA C 388 14.82 -13.10 49.07
N ALA C 389 13.73 -13.81 48.79
CA ALA C 389 12.66 -13.27 47.96
C ALA C 389 11.96 -12.12 48.67
N SER C 390 11.44 -11.19 47.90
CA SER C 390 10.77 -10.01 48.44
C SER C 390 10.05 -9.26 47.32
N ARG C 391 8.76 -9.00 47.50
CA ARG C 391 8.00 -8.30 46.46
C ARG C 391 8.57 -6.94 46.05
N TYR C 392 8.13 -6.47 44.89
CA TYR C 392 8.55 -5.21 44.29
C TYR C 392 8.11 -3.97 45.08
N ILE C 393 8.84 -2.86 44.86
CA ILE C 393 8.56 -1.58 45.53
C ILE C 393 8.21 -0.42 44.59
N PRO D 16 56.24 -5.54 31.41
CA PRO D 16 55.95 -6.97 31.17
C PRO D 16 56.23 -7.42 29.73
N ILE D 17 55.99 -6.53 28.76
CA ILE D 17 56.20 -6.87 27.35
C ILE D 17 57.11 -5.88 26.61
N LEU D 18 58.08 -6.43 25.88
CA LEU D 18 59.04 -5.65 25.09
C LEU D 18 59.07 -6.18 23.67
N LEU D 19 58.70 -5.33 22.71
CA LEU D 19 58.73 -5.74 21.31
C LEU D 19 60.09 -5.47 20.70
N THR D 20 60.61 -6.41 19.92
CA THR D 20 61.91 -6.26 19.30
C THR D 20 61.89 -6.52 17.79
N ASN D 21 62.77 -5.82 17.07
CA ASN D 21 62.90 -5.97 15.62
C ASN D 21 61.57 -5.78 14.85
N VAL D 22 61.12 -4.54 14.77
CA VAL D 22 59.88 -4.20 14.08
C VAL D 22 59.99 -2.82 13.40
N LYS D 23 59.55 -2.72 12.15
CA LYS D 23 59.63 -1.47 11.40
C LYS D 23 58.34 -0.62 11.44
N PRO D 24 58.42 0.58 12.03
CA PRO D 24 57.30 1.53 12.17
C PRO D 24 56.63 1.94 10.87
N VAL D 25 55.30 1.90 10.86
CA VAL D 25 54.52 2.30 9.70
C VAL D 25 53.15 2.83 10.12
N GLY D 26 52.70 3.88 9.45
CA GLY D 26 51.40 4.44 9.76
C GLY D 26 51.37 5.63 10.69
N PHE D 27 52.40 6.46 10.67
CA PHE D 27 52.46 7.65 11.51
C PHE D 27 52.87 8.85 10.66
N GLY D 28 52.50 10.06 11.10
CA GLY D 28 52.82 11.29 10.36
C GLY D 28 54.23 11.30 9.77
N LYS D 29 55.19 11.81 10.53
CA LYS D 29 56.58 11.86 10.05
C LYS D 29 57.57 11.57 11.18
N GLY D 30 57.32 10.48 11.90
CA GLY D 30 58.20 10.09 13.00
C GLY D 30 59.16 8.99 12.62
N GLN D 33 61.23 5.16 9.48
CA GLN D 33 60.69 3.84 9.20
C GLN D 33 61.66 2.71 9.53
N SER D 34 62.92 3.06 9.83
CA SER D 34 63.92 2.05 10.14
C SER D 34 63.49 1.21 11.33
N SER D 35 63.87 -0.06 11.29
CA SER D 35 63.52 -0.99 12.36
C SER D 35 63.94 -0.46 13.72
N THR D 36 63.21 -0.89 14.75
CA THR D 36 63.46 -0.49 16.13
C THR D 36 62.80 -1.53 17.01
N ASP D 37 62.42 -1.10 18.19
CA ASP D 37 61.74 -1.95 19.16
C ASP D 37 61.26 -1.05 20.29
N ILE D 38 60.19 -1.45 20.94
CA ILE D 38 59.64 -0.65 22.02
C ILE D 38 59.23 -1.47 23.24
N LEU D 39 59.31 -0.84 24.40
CA LEU D 39 58.95 -1.47 25.67
C LEU D 39 57.71 -0.78 26.26
N ILE D 40 56.81 -1.58 26.79
CA ILE D 40 55.59 -1.06 27.38
C ILE D 40 55.52 -1.46 28.84
N GLY D 41 55.13 -0.51 29.69
CA GLY D 41 55.04 -0.78 31.12
C GLY D 41 53.92 -1.75 31.45
N GLY D 42 53.71 -2.01 32.73
CA GLY D 42 52.65 -2.92 33.12
C GLY D 42 51.31 -2.26 32.93
N ASP D 43 51.30 -0.94 32.94
CA ASP D 43 50.09 -0.16 32.75
C ASP D 43 49.66 -0.11 31.29
N GLY D 44 50.39 -0.84 30.44
CA GLY D 44 50.06 -0.89 29.03
C GLY D 44 50.42 0.31 28.17
N LYS D 45 51.28 1.19 28.68
CA LYS D 45 51.68 2.36 27.92
C LYS D 45 53.17 2.26 27.52
N ILE D 46 53.54 2.96 26.45
CA ILE D 46 54.91 2.93 25.93
C ILE D 46 55.89 3.67 26.84
N ALA D 47 56.90 2.95 27.34
CA ALA D 47 57.90 3.54 28.21
C ALA D 47 59.28 3.64 27.57
N ALA D 48 59.55 2.78 26.59
CA ALA D 48 60.84 2.79 25.92
C ALA D 48 60.77 2.71 24.38
N VAL D 49 61.83 3.16 23.73
CA VAL D 49 61.91 3.15 22.27
C VAL D 49 63.36 3.18 21.81
N LEU D 53 67.47 -0.95 23.51
CA LEU D 53 66.67 -1.00 24.72
C LEU D 53 67.10 -2.17 25.61
N GLN D 54 67.05 -1.95 26.92
CA GLN D 54 67.37 -2.98 27.90
C GLN D 54 66.15 -3.37 28.72
N ALA D 55 66.33 -4.01 29.86
CA ALA D 55 65.21 -4.41 30.70
C ALA D 55 65.66 -5.36 31.83
N GLN D 60 59.51 -11.51 26.34
CA GLN D 60 59.67 -10.47 25.33
C GLN D 60 59.18 -10.98 23.97
N ARG D 61 59.05 -10.07 23.01
CA ARG D 61 58.58 -10.41 21.67
C ARG D 61 59.56 -9.94 20.60
N ILE D 62 59.47 -10.54 19.42
CA ILE D 62 60.33 -10.17 18.30
C ILE D 62 59.83 -10.82 17.00
N ASP D 63 59.88 -10.07 15.90
CA ASP D 63 59.44 -10.57 14.60
C ASP D 63 60.09 -9.73 13.49
N ALA D 67 59.51 -7.27 10.91
CA ALA D 67 58.05 -7.25 10.89
C ALA D 67 57.51 -5.83 11.06
N PHE D 68 56.35 -5.58 10.49
CA PHE D 68 55.75 -4.25 10.58
C PHE D 68 54.97 -3.99 11.86
N ILE D 69 54.80 -2.71 12.16
CA ILE D 69 54.03 -2.29 13.32
C ILE D 69 53.36 -0.97 12.95
N SER D 70 52.05 -0.90 13.22
CA SER D 70 51.28 0.30 12.93
C SER D 70 50.32 0.58 14.08
N PRO D 71 49.69 1.76 14.08
CA PRO D 71 48.72 2.24 15.06
C PRO D 71 47.53 1.36 15.46
N GLY D 72 47.58 0.05 15.20
CA GLY D 72 46.45 -0.78 15.58
C GLY D 72 45.32 -0.68 14.57
N TRP D 73 45.05 -1.79 13.88
CA TRP D 73 44.03 -1.79 12.85
C TRP D 73 42.60 -1.43 13.25
N VAL D 74 41.91 -0.78 12.31
CA VAL D 74 40.53 -0.35 12.47
C VAL D 74 39.61 -0.79 11.33
N ASP D 75 38.65 -1.65 11.63
CA ASP D 75 37.68 -2.08 10.61
C ASP D 75 36.44 -1.15 10.76
N LEU D 76 36.23 -0.26 9.80
CA LEU D 76 35.11 0.69 9.86
C LEU D 76 33.72 0.15 9.49
N HIS D 77 33.61 -1.16 9.23
CA HIS D 77 32.32 -1.75 8.85
C HIS D 77 32.22 -3.25 9.14
N VAL D 78 31.72 -3.60 10.33
CA VAL D 78 31.53 -4.99 10.70
C VAL D 78 30.16 -5.17 11.32
N HIS D 79 29.79 -6.42 11.60
CA HIS D 79 28.50 -6.70 12.23
C HIS D 79 28.73 -7.63 13.40
N ILE D 80 29.01 -7.03 14.56
CA ILE D 80 29.31 -7.79 15.77
C ILE D 80 28.25 -7.81 16.86
N TRP D 81 26.99 -7.51 16.51
CA TRP D 81 25.90 -7.51 17.48
C TRP D 81 25.43 -8.96 17.54
N HIS D 82 26.36 -9.84 17.93
CA HIS D 82 26.10 -11.28 18.06
C HIS D 82 24.89 -11.50 18.98
N GLY D 83 24.06 -12.49 18.64
CA GLY D 83 22.90 -12.79 19.46
C GLY D 83 21.72 -11.85 19.28
N GLY D 84 21.95 -10.55 19.38
CA GLY D 84 20.88 -9.61 19.18
C GLY D 84 20.47 -9.64 17.72
N THR D 85 21.44 -10.00 16.89
CA THR D 85 21.23 -10.05 15.45
C THR D 85 21.50 -11.42 14.83
N ASP D 86 20.63 -11.80 13.89
CA ASP D 86 20.75 -13.06 13.18
C ASP D 86 22.03 -13.13 12.33
N ILE D 87 22.31 -12.03 11.64
CA ILE D 87 23.45 -11.94 10.73
C ILE D 87 24.82 -11.62 11.34
N SER D 88 24.87 -11.13 12.57
CA SER D 88 26.17 -10.78 13.15
C SER D 88 27.02 -11.95 13.63
N ILE D 89 28.30 -11.67 13.85
CA ILE D 89 29.25 -12.67 14.33
C ILE D 89 29.92 -12.07 15.55
N ARG D 90 30.55 -12.91 16.36
CA ARG D 90 31.22 -12.45 17.57
C ARG D 90 32.37 -11.49 17.25
N PRO D 91 32.60 -10.48 18.11
CA PRO D 91 33.68 -9.52 17.86
C PRO D 91 35.02 -10.25 17.87
N SER D 92 35.08 -11.31 18.68
CA SER D 92 36.29 -12.11 18.79
C SER D 92 36.71 -12.74 17.47
N GLU D 93 35.86 -12.63 16.45
CA GLU D 93 36.11 -13.26 15.16
C GLU D 93 36.59 -12.24 14.13
N CYS D 94 36.65 -10.97 14.46
CA CYS D 94 37.09 -9.95 13.52
C CYS D 94 37.91 -8.85 14.17
N GLY D 95 38.56 -9.19 15.27
CA GLY D 95 39.41 -8.22 15.96
C GLY D 95 40.44 -8.92 16.82
N ALA D 96 41.43 -8.18 17.32
CA ALA D 96 42.48 -8.76 18.17
C ALA D 96 43.17 -9.96 17.51
N GLU D 97 42.58 -11.14 17.67
CA GLU D 97 43.11 -12.36 17.08
C GLU D 97 43.30 -12.21 15.57
N ARG D 98 42.69 -11.20 14.97
CA ARG D 98 42.81 -10.98 13.53
C ARG D 98 43.61 -9.71 13.24
N GLY D 99 44.22 -9.14 14.27
CA GLY D 99 45.02 -7.95 14.11
C GLY D 99 44.24 -6.65 14.12
N VAL D 100 42.96 -6.71 14.49
CA VAL D 100 42.14 -5.51 14.52
C VAL D 100 41.86 -5.07 15.97
N THR D 101 42.23 -3.84 16.31
CA THR D 101 42.04 -3.34 17.66
C THR D 101 40.80 -2.45 17.84
N THR D 102 40.26 -1.95 16.73
CA THR D 102 39.08 -1.11 16.77
C THR D 102 38.02 -1.69 15.84
N LEU D 103 36.85 -2.01 16.37
CA LEU D 103 35.77 -2.55 15.55
C LEU D 103 34.59 -1.60 15.59
N VAL D 104 34.08 -1.24 14.42
CA VAL D 104 32.93 -0.34 14.35
C VAL D 104 31.77 -1.09 13.71
N ASP D 105 30.69 -1.28 14.47
CA ASP D 105 29.53 -1.97 13.94
C ASP D 105 28.75 -1.02 13.04
N ALA D 106 28.37 -1.49 11.85
CA ALA D 106 27.65 -0.66 10.90
C ALA D 106 26.13 -0.72 10.95
N GLY D 107 25.55 -0.23 12.05
CA GLY D 107 24.11 -0.19 12.18
C GLY D 107 23.40 -1.51 12.39
N SER D 108 24.02 -2.45 13.10
CA SER D 108 23.38 -3.71 13.37
C SER D 108 22.28 -3.45 14.38
N ALA D 109 22.33 -2.27 15.00
CA ALA D 109 21.34 -1.86 15.98
C ALA D 109 20.82 -0.43 15.72
N GLY D 110 19.56 -0.21 16.11
CA GLY D 110 18.95 1.09 15.96
C GLY D 110 18.77 1.52 17.39
N GLU D 111 17.83 2.42 17.66
CA GLU D 111 17.62 2.83 19.04
C GLU D 111 16.95 1.75 19.86
N ALA D 112 16.15 0.91 19.19
CA ALA D 112 15.41 -0.14 19.88
C ALA D 112 16.22 -1.05 20.80
N ASN D 113 17.43 -1.42 20.41
CA ASN D 113 18.22 -2.29 21.28
C ASN D 113 19.71 -2.03 21.38
N PHE D 114 20.13 -0.78 21.17
CA PHE D 114 21.55 -0.44 21.26
C PHE D 114 22.05 -0.67 22.68
N HIS D 115 21.20 -0.41 23.67
CA HIS D 115 21.59 -0.61 25.06
C HIS D 115 22.07 -2.04 25.22
N GLY D 116 21.43 -2.96 24.51
CA GLY D 116 21.82 -4.36 24.58
C GLY D 116 23.20 -4.55 23.96
N PHE D 117 23.42 -3.92 22.81
CA PHE D 117 24.69 -3.99 22.09
C PHE D 117 25.82 -3.51 22.99
N ARG D 118 25.59 -2.37 23.65
CA ARG D 118 26.59 -1.79 24.54
C ARG D 118 26.89 -2.73 25.72
N GLU D 119 25.85 -3.37 26.26
CA GLU D 119 26.05 -4.26 27.39
C GLU D 119 26.66 -5.62 27.04
N TYR D 120 26.29 -6.18 25.89
CA TYR D 120 26.77 -7.50 25.50
C TYR D 120 28.01 -7.51 24.62
N ILE D 121 28.22 -6.46 23.84
CA ILE D 121 29.35 -6.42 22.93
C ILE D 121 30.44 -5.43 23.31
N ILE D 122 30.09 -4.17 23.52
CA ILE D 122 31.06 -3.16 23.84
C ILE D 122 31.80 -3.35 25.15
N GLU D 123 31.05 -3.27 26.23
CA GLU D 123 31.63 -3.39 27.56
C GLU D 123 32.59 -4.54 27.82
N PRO D 124 32.18 -5.79 27.48
CA PRO D 124 33.02 -6.97 27.68
C PRO D 124 34.18 -7.15 26.70
N SER D 125 34.31 -6.24 25.75
CA SER D 125 35.36 -6.35 24.73
C SER D 125 36.68 -5.66 25.08
N ARG D 126 37.78 -6.23 24.62
CA ARG D 126 39.08 -5.64 24.90
C ARG D 126 39.42 -4.74 23.73
N GLU D 127 38.64 -4.84 22.66
CA GLU D 127 38.85 -4.00 21.48
C GLU D 127 38.03 -2.73 21.62
N ARG D 128 38.52 -1.63 21.07
CA ARG D 128 37.74 -0.39 21.10
C ARG D 128 36.56 -0.72 20.17
N ILE D 129 35.34 -0.64 20.68
CA ILE D 129 34.19 -0.97 19.85
C ILE D 129 33.23 0.20 19.69
N LYS D 130 33.26 0.81 18.52
CA LYS D 130 32.39 1.94 18.23
C LYS D 130 31.23 1.46 17.40
N ALA D 131 30.36 2.38 16.99
CA ALA D 131 29.21 2.00 16.18
C ALA D 131 28.38 3.11 15.54
N PHE D 132 27.81 2.76 14.39
CA PHE D 132 26.94 3.64 13.64
C PHE D 132 25.53 3.17 14.04
N LEU D 133 24.66 4.09 14.40
CA LEU D 133 23.32 3.72 14.79
C LEU D 133 22.43 3.72 13.55
N ASN D 134 21.70 2.63 13.33
CA ASN D 134 20.83 2.54 12.18
C ASN D 134 19.67 3.52 12.38
N LEU D 135 19.26 4.18 11.29
CA LEU D 135 18.13 5.09 11.28
C LEU D 135 16.87 4.37 11.78
N SER D 137 15.76 1.38 12.99
CA SER D 137 15.18 1.26 14.34
C SER D 137 15.31 -0.16 14.90
N ILE D 138 14.77 -1.14 14.18
CA ILE D 138 14.92 -2.52 14.62
C ILE D 138 16.31 -3.01 14.21
N GLY D 139 17.10 -2.15 13.58
CA GLY D 139 18.42 -2.56 13.17
C GLY D 139 18.40 -3.73 12.21
N LEU D 140 19.27 -4.71 12.43
CA LEU D 140 19.31 -5.86 11.53
C LEU D 140 18.96 -7.15 12.23
N VAL D 141 17.93 -7.13 13.06
CA VAL D 141 17.54 -8.36 13.75
C VAL D 141 17.40 -9.51 12.75
N ALA D 142 16.76 -9.23 11.62
CA ALA D 142 16.54 -10.22 10.58
C ALA D 142 16.97 -9.57 9.27
N CYS D 143 18.28 -9.44 9.12
CA CYS D 143 18.89 -8.77 7.97
C CYS D 143 18.36 -9.12 6.60
N ASN D 144 17.94 -8.07 5.91
CA ASN D 144 17.40 -8.11 4.56
C ASN D 144 16.06 -8.82 4.46
N ARG D 145 15.80 -9.76 5.35
CA ARG D 145 14.55 -10.50 5.37
C ARG D 145 13.40 -9.59 5.79
N VAL D 146 13.58 -8.86 6.88
CA VAL D 146 12.57 -7.91 7.35
C VAL D 146 13.25 -6.55 7.37
N PRO D 147 13.21 -5.80 6.26
CA PRO D 147 13.83 -4.47 6.09
C PRO D 147 13.67 -3.50 7.29
N GLU D 148 14.69 -2.69 7.55
CA GLU D 148 14.62 -1.77 8.68
C GLU D 148 14.18 -0.35 8.34
N LEU D 149 14.16 -0.02 7.06
CA LEU D 149 13.73 1.30 6.61
C LEU D 149 12.59 1.15 5.62
N ARG D 150 11.49 0.55 6.07
CA ARG D 150 10.30 0.34 5.25
C ARG D 150 9.56 1.65 5.01
N ASP D 151 9.21 2.32 6.10
CA ASP D 151 8.47 3.58 6.05
C ASP D 151 8.81 4.45 7.26
N ILE D 152 8.18 5.62 7.40
CA ILE D 152 8.49 6.51 8.52
C ILE D 152 8.26 5.94 9.88
N LYS D 153 7.33 4.99 10.00
CA LYS D 153 7.09 4.43 11.32
C LYS D 153 8.27 3.62 11.81
N ASP D 154 9.37 3.64 11.07
CA ASP D 154 10.58 2.93 11.46
C ASP D 154 11.63 3.91 11.98
N ILE D 155 11.43 5.19 11.69
CA ILE D 155 12.38 6.19 12.15
C ILE D 155 11.83 7.01 13.31
N ASP D 156 12.35 6.76 14.51
CA ASP D 156 11.88 7.51 15.66
C ASP D 156 12.95 8.54 15.98
N LEU D 157 12.80 9.74 15.41
CA LEU D 157 13.78 10.81 15.64
C LEU D 157 14.08 11.10 17.12
N ASP D 158 13.06 11.40 17.92
CA ASP D 158 13.30 11.66 19.34
C ASP D 158 14.04 10.53 20.05
N ARG D 159 13.68 9.30 19.74
CA ARG D 159 14.35 8.15 20.36
C ARG D 159 15.84 8.04 19.94
N ILE D 160 16.15 8.50 18.73
CA ILE D 160 17.51 8.46 18.24
C ILE D 160 18.33 9.49 18.99
N LEU D 161 17.82 10.72 19.06
CA LEU D 161 18.52 11.82 19.75
C LEU D 161 18.68 11.46 21.21
N GLU D 162 17.67 10.76 21.73
CA GLU D 162 17.69 10.34 23.12
C GLU D 162 18.83 9.34 23.26
N CYS D 163 18.85 8.35 22.39
CA CYS D 163 19.86 7.32 22.38
C CYS D 163 21.28 7.84 22.18
N TYR D 164 21.45 8.78 21.25
CA TYR D 164 22.78 9.32 21.02
C TYR D 164 23.25 10.03 22.28
N ALA D 165 22.31 10.62 23.00
CA ALA D 165 22.59 11.35 24.23
C ALA D 165 23.13 10.45 25.33
N GLU D 166 22.56 9.25 25.50
CA GLU D 166 22.99 8.35 26.56
C GLU D 166 24.23 7.57 26.13
N ASN D 167 24.56 7.44 24.86
CA ASN D 167 25.72 6.66 24.43
C ASN D 167 26.65 7.39 23.47
N SER D 168 26.69 8.71 23.58
CA SER D 168 27.53 9.53 22.69
C SER D 168 29.00 9.10 22.70
N GLU D 169 29.39 8.33 23.72
CA GLU D 169 30.76 7.84 23.84
C GLU D 169 30.95 6.59 23.00
N HIS D 170 29.83 5.92 22.70
CA HIS D 170 29.83 4.69 21.92
C HIS D 170 29.32 4.83 20.49
N ILE D 171 28.58 5.90 20.21
CA ILE D 171 28.05 6.07 18.86
C ILE D 171 28.81 7.12 18.05
N VAL D 172 29.36 6.70 16.91
CA VAL D 172 30.11 7.60 16.05
C VAL D 172 29.37 8.09 14.81
N GLY D 173 28.05 7.83 14.76
CA GLY D 173 27.28 8.27 13.61
C GLY D 173 26.07 7.40 13.29
N LEU D 174 25.27 7.89 12.32
CA LEU D 174 24.09 7.18 11.87
C LEU D 174 24.35 6.46 10.56
N KCX D 175 23.79 5.34 10.31
CA KCX D 175 23.95 4.59 9.08
CB KCX D 175 24.48 3.18 9.38
CG KCX D 175 24.60 2.30 8.16
CD KCX D 175 25.25 0.97 8.50
CE KCX D 175 24.87 -0.11 7.49
NZ KCX D 175 25.84 -0.18 6.37
C KCX D 175 22.65 4.54 8.29
O KCX D 175 21.57 4.78 8.83
CX KCX D 175 25.76 -1.34 5.74
OQ1 KCX D 175 25.34 -1.42 4.61
OQ2 KCX D 175 26.17 -2.46 6.38
N VAL D 176 22.58 4.26 7.07
CA VAL D 176 21.36 4.08 6.30
C VAL D 176 21.77 3.17 5.14
N ARG D 177 20.94 2.16 4.91
CA ARG D 177 21.22 1.24 3.82
C ARG D 177 20.30 1.58 2.66
N ALA D 178 20.76 2.51 1.82
CA ALA D 178 19.97 2.99 0.70
C ALA D 178 19.97 2.11 -0.53
N SER D 179 19.03 1.17 -0.58
CA SER D 179 18.88 0.26 -1.72
C SER D 179 17.50 -0.40 -1.59
N HIS D 180 16.83 -0.62 -2.71
CA HIS D 180 15.48 -1.20 -2.68
C HIS D 180 15.29 -2.47 -1.85
N VAL D 181 16.36 -3.19 -1.57
CA VAL D 181 16.23 -4.39 -0.75
C VAL D 181 15.85 -4.03 0.69
N ILE D 182 16.20 -2.80 1.08
CA ILE D 182 15.91 -2.29 2.42
C ILE D 182 14.80 -1.23 2.42
N THR D 183 14.99 -0.20 1.62
CA THR D 183 14.04 0.90 1.55
C THR D 183 12.95 0.69 0.50
N GLY D 184 13.03 -0.45 -0.19
CA GLY D 184 12.02 -0.77 -1.18
C GLY D 184 11.83 0.28 -2.24
N SER D 185 10.66 0.93 -2.24
CA SER D 185 10.39 1.94 -3.26
C SER D 185 10.52 3.42 -2.91
N TRP D 186 10.87 3.83 -1.69
CA TRP D 186 10.95 5.27 -1.49
C TRP D 186 12.28 5.98 -1.67
N GLY D 187 13.28 5.23 -2.14
CA GLY D 187 14.58 5.80 -2.42
C GLY D 187 15.28 6.80 -1.53
N VAL D 188 15.57 7.98 -2.06
CA VAL D 188 16.31 9.01 -1.33
C VAL D 188 15.72 9.68 -0.10
N THR D 189 14.40 9.69 0.06
CA THR D 189 13.86 10.38 1.22
C THR D 189 14.44 9.89 2.54
N PRO D 190 14.54 8.56 2.76
CA PRO D 190 15.12 8.21 4.06
C PRO D 190 16.60 8.59 4.18
N VAL D 191 17.23 8.92 3.06
CA VAL D 191 18.63 9.33 3.09
C VAL D 191 18.63 10.79 3.54
N LYS D 192 17.91 11.64 2.83
CA LYS D 192 17.82 13.04 3.19
C LYS D 192 17.41 13.19 4.65
N LEU D 193 16.54 12.29 5.09
CA LEU D 193 16.05 12.31 6.46
C LEU D 193 17.13 11.93 7.46
N GLY D 194 17.90 10.90 7.16
CA GLY D 194 18.97 10.49 8.05
C GLY D 194 19.97 11.63 8.14
N LYS D 195 20.21 12.27 6.99
CA LYS D 195 21.16 13.37 6.92
C LYS D 195 20.72 14.54 7.80
N LYS D 196 19.41 14.76 7.84
CA LYS D 196 18.87 15.84 8.66
C LYS D 196 19.20 15.61 10.13
N ILE D 197 18.85 14.43 10.65
CA ILE D 197 19.11 14.16 12.06
C ILE D 197 20.60 13.96 12.38
N ALA D 198 21.40 13.66 11.36
CA ALA D 198 22.84 13.52 11.59
C ALA D 198 23.41 14.92 11.84
N LYS D 199 22.87 15.94 11.14
CA LYS D 199 23.31 17.32 11.31
C LYS D 199 22.93 17.82 12.70
N ILE D 200 21.81 17.32 13.21
CA ILE D 200 21.37 17.73 14.54
C ILE D 200 22.35 17.21 15.57
N LEU D 201 22.63 15.91 15.53
CA LEU D 201 23.56 15.32 16.49
C LEU D 201 24.97 15.79 16.19
N LYS D 202 25.16 16.40 15.01
CA LYS D 202 26.48 16.88 14.59
C LYS D 202 27.43 15.68 14.50
N VAL D 203 26.97 14.67 13.76
CA VAL D 203 27.72 13.43 13.61
C VAL D 203 27.81 13.02 12.13
N PRO D 204 28.76 12.14 11.79
CA PRO D 204 28.85 11.73 10.39
C PRO D 204 27.86 10.63 10.06
N MSE D 205 27.48 10.54 8.79
CA MSE D 205 26.53 9.51 8.34
C MSE D 205 27.17 8.56 7.31
O MSE D 205 27.74 8.99 6.32
CB MSE D 205 25.28 10.15 7.73
CG MSE D 205 24.19 9.15 7.31
SE MSE D 205 22.69 9.82 6.52
CE MSE D 205 23.40 10.87 5.37
N MSE D 206 27.09 7.24 7.59
CA MSE D 206 27.61 6.22 6.66
C MSE D 206 26.47 5.67 5.81
O MSE D 206 25.57 5.00 6.32
CB MSE D 206 28.27 5.05 7.43
CG MSE D 206 28.76 3.89 6.51
SE MSE D 206 29.57 2.45 7.25
CE MSE D 206 28.29 1.61 7.65
N VAL D 207 26.49 5.97 4.51
CA VAL D 207 25.46 5.49 3.62
C VAL D 207 25.93 4.33 2.72
N HIS D 208 25.22 3.22 2.78
CA HIS D 208 25.51 2.05 1.97
C HIS D 208 24.76 2.20 0.64
N VAL D 209 25.46 1.90 -0.45
CA VAL D 209 24.86 1.99 -1.78
C VAL D 209 24.75 0.59 -2.35
N GLY D 210 23.73 0.39 -3.17
CA GLY D 210 23.48 -0.90 -3.79
C GLY D 210 22.43 -0.77 -4.86
N GLU D 211 21.61 -1.82 -5.06
CA GLU D 211 20.55 -1.85 -6.07
C GLU D 211 19.85 -0.48 -6.19
N PRO D 212 20.10 0.22 -7.31
CA PRO D 212 19.65 1.53 -7.78
C PRO D 212 18.43 2.24 -7.20
N PRO D 213 17.41 1.50 -6.74
CA PRO D 213 16.27 2.24 -6.17
C PRO D 213 16.61 2.86 -4.81
N ALA D 214 17.38 3.94 -4.91
CA ALA D 214 17.89 4.73 -3.79
C ALA D 214 18.90 5.59 -4.53
N LEU D 215 19.56 4.99 -5.52
CA LEU D 215 20.53 5.61 -6.44
C LEU D 215 21.85 6.24 -5.95
N TYR D 216 22.95 5.57 -6.26
CA TYR D 216 24.29 6.00 -5.88
C TYR D 216 24.46 7.47 -6.19
N ASP D 217 24.13 7.85 -7.42
CA ASP D 217 24.22 9.23 -7.88
C ASP D 217 23.55 10.22 -6.91
N GLU D 218 22.37 9.84 -6.42
CA GLU D 218 21.60 10.66 -5.48
C GLU D 218 22.18 10.73 -4.08
N VAL D 219 22.62 9.59 -3.58
CA VAL D 219 23.22 9.53 -2.26
C VAL D 219 24.41 10.48 -2.15
N LEU D 220 25.17 10.63 -3.23
CA LEU D 220 26.34 11.50 -3.21
C LEU D 220 26.01 12.98 -3.22
N GLU D 221 24.89 13.35 -3.82
CA GLU D 221 24.49 14.75 -3.87
C GLU D 221 23.84 15.20 -2.57
N ILE D 222 23.75 14.29 -1.61
CA ILE D 222 23.15 14.62 -0.33
C ILE D 222 24.20 14.68 0.76
N LEU D 223 25.24 13.86 0.65
CA LEU D 223 26.29 13.81 1.66
C LEU D 223 27.17 15.06 1.69
N GLY D 224 27.98 15.16 2.73
CA GLY D 224 28.88 16.28 2.92
C GLY D 224 30.22 15.81 3.49
N PRO D 225 31.21 16.72 3.57
CA PRO D 225 32.51 16.35 4.12
C PRO D 225 32.45 15.60 5.44
N GLY D 226 33.11 14.45 5.51
CA GLY D 226 33.11 13.65 6.71
C GLY D 226 32.18 12.46 6.68
N ASP D 227 31.18 12.49 5.78
CA ASP D 227 30.24 11.38 5.66
C ASP D 227 30.93 10.23 4.94
N VAL D 228 30.39 9.03 5.11
CA VAL D 228 30.98 7.86 4.48
C VAL D 228 29.99 7.08 3.61
N VAL D 229 30.53 6.53 2.53
CA VAL D 229 29.78 5.73 1.59
C VAL D 229 30.52 4.38 1.52
N THR D 230 29.88 3.32 2.02
CA THR D 230 30.48 1.98 1.96
C THR D 230 30.01 1.28 0.68
N HIS D 231 30.70 0.20 0.33
CA HIS D 231 30.40 -0.56 -0.90
C HIS D 231 30.68 0.31 -2.12
N CYS D 232 31.61 1.25 -1.97
CA CYS D 232 31.94 2.21 -3.03
C CYS D 232 32.44 1.62 -4.34
N PHE D 233 33.18 0.52 -4.27
CA PHE D 233 33.70 -0.11 -5.47
C PHE D 233 32.95 -1.38 -5.84
N ASN D 234 31.67 -1.45 -5.51
CA ASN D 234 30.87 -2.65 -5.82
C ASN D 234 30.72 -2.77 -7.33
N GLY D 235 30.48 -3.98 -7.81
CA GLY D 235 30.33 -4.20 -9.24
C GLY D 235 28.96 -4.65 -9.71
N LYS D 236 27.91 -4.33 -8.95
CA LYS D 236 26.56 -4.71 -9.34
C LYS D 236 25.97 -3.64 -10.24
N SER D 237 25.32 -4.06 -11.32
CA SER D 237 24.71 -3.14 -12.28
C SER D 237 23.60 -2.28 -11.65
N GLY D 238 23.75 -0.96 -11.79
CA GLY D 238 22.78 -0.03 -11.23
C GLY D 238 23.41 0.74 -10.08
N SER D 239 24.64 0.39 -9.75
CA SER D 239 25.35 1.05 -8.65
C SER D 239 26.88 0.95 -8.75
N SER D 240 27.39 0.81 -9.97
CA SER D 240 28.83 0.70 -10.22
C SER D 240 29.36 2.05 -10.70
N ILE D 241 30.46 2.52 -10.12
CA ILE D 241 31.02 3.81 -10.55
C ILE D 241 31.69 3.74 -11.91
N MSE D 242 31.91 2.52 -12.42
CA MSE D 242 32.56 2.36 -13.72
C MSE D 242 31.62 2.11 -14.88
O MSE D 242 32.02 2.17 -16.03
CB MSE D 242 33.61 1.23 -13.67
CG MSE D 242 34.81 1.54 -12.81
SE MSE D 242 35.49 3.18 -13.14
CE MSE D 242 36.21 2.97 -14.74
N GLU D 243 30.35 1.83 -14.60
CA GLU D 243 29.38 1.58 -15.65
C GLU D 243 28.66 2.87 -16.09
N ASP D 244 28.91 3.95 -15.36
CA ASP D 244 28.25 5.23 -15.67
C ASP D 244 29.22 6.40 -15.49
N GLU D 245 29.92 6.77 -16.56
CA GLU D 245 30.87 7.86 -16.49
C GLU D 245 30.41 9.07 -15.67
N ASP D 246 29.12 9.34 -15.67
CA ASP D 246 28.57 10.47 -14.92
C ASP D 246 28.72 10.25 -13.41
N LEU D 247 28.34 9.07 -12.95
CA LEU D 247 28.45 8.72 -11.54
C LEU D 247 29.91 8.73 -11.11
N PHE D 248 30.80 8.36 -12.01
CA PHE D 248 32.22 8.34 -11.69
C PHE D 248 32.79 9.73 -11.46
N ASN D 249 32.55 10.63 -12.42
CA ASN D 249 33.04 12.00 -12.31
C ASN D 249 32.46 12.68 -11.08
N LEU D 250 31.39 12.09 -10.54
CA LEU D 250 30.73 12.62 -9.35
C LEU D 250 31.33 11.93 -8.13
N ALA D 251 31.65 10.66 -8.26
CA ALA D 251 32.25 9.92 -7.17
C ALA D 251 33.57 10.56 -6.80
N GLU D 252 34.32 11.01 -7.80
CA GLU D 252 35.61 11.61 -7.51
C GLU D 252 35.50 13.06 -7.08
N ARG D 253 34.56 13.80 -7.68
CA ARG D 253 34.38 15.20 -7.32
C ARG D 253 33.98 15.29 -5.85
N CYS D 254 33.05 14.42 -5.44
CA CYS D 254 32.55 14.35 -4.06
C CYS D 254 33.62 13.87 -3.10
N ALA D 255 34.47 12.96 -3.55
CA ALA D 255 35.52 12.46 -2.68
C ALA D 255 36.49 13.61 -2.40
N GLU D 257 35.69 16.49 -2.06
CA GLU D 257 34.96 17.45 -1.26
C GLU D 257 34.65 16.90 0.12
N GLY D 258 35.50 15.99 0.60
CA GLY D 258 35.33 15.43 1.93
C GLY D 258 34.56 14.13 2.07
N ILE D 259 33.81 13.73 1.05
CA ILE D 259 33.04 12.50 1.15
C ILE D 259 34.00 11.32 1.17
N ARG D 260 33.85 10.47 2.17
CA ARG D 260 34.74 9.33 2.35
C ARG D 260 34.27 8.00 1.75
N LEU D 261 35.05 7.46 0.84
CA LEU D 261 34.71 6.18 0.21
C LEU D 261 35.28 5.02 1.02
N ASP D 262 34.38 4.15 1.47
CA ASP D 262 34.74 2.96 2.25
C ASP D 262 34.51 1.72 1.38
N ILE D 263 35.29 0.68 1.61
CA ILE D 263 35.13 -0.51 0.79
C ILE D 263 33.87 -1.30 1.13
N GLY D 264 33.77 -1.72 2.39
CA GLY D 264 32.64 -2.50 2.85
C GLY D 264 32.49 -3.68 1.92
N HIS D 265 33.56 -4.47 1.78
CA HIS D 265 33.58 -5.63 0.88
C HIS D 265 32.29 -6.46 0.88
N GLY D 266 31.99 -7.05 2.03
CA GLY D 266 30.80 -7.88 2.15
C GLY D 266 30.73 -9.05 1.19
N GLY D 267 29.52 -9.41 0.79
CA GLY D 267 29.38 -10.52 -0.12
C GLY D 267 28.83 -10.08 -1.46
N ALA D 268 28.62 -8.78 -1.61
CA ALA D 268 28.06 -8.22 -2.84
C ALA D 268 28.54 -6.81 -3.14
N SER D 269 29.53 -6.33 -2.40
CA SER D 269 29.96 -4.96 -2.59
C SER D 269 31.38 -4.63 -3.07
N PHE D 270 32.20 -5.64 -3.33
CA PHE D 270 33.55 -5.36 -3.84
C PHE D 270 33.85 -6.07 -5.15
N SER D 271 34.47 -5.33 -6.06
CA SER D 271 34.85 -5.83 -7.37
C SER D 271 36.29 -5.49 -7.73
N PHE D 272 37.15 -6.44 -7.96
CA PHE D 272 38.55 -6.21 -8.37
C PHE D 272 38.50 -5.31 -9.59
N LYS D 273 37.60 -5.66 -10.52
CA LYS D 273 37.45 -4.91 -11.76
C LYS D 273 37.33 -3.41 -11.48
N VAL D 274 36.27 -3.02 -10.78
CA VAL D 274 36.03 -1.63 -10.45
C VAL D 274 37.18 -0.99 -9.69
N ALA D 275 37.67 -1.64 -8.64
CA ALA D 275 38.75 -1.07 -7.86
C ALA D 275 39.97 -0.77 -8.74
N GLU D 276 40.31 -1.74 -9.59
CA GLU D 276 41.45 -1.62 -10.50
C GLU D 276 41.29 -0.40 -11.42
N ALA D 277 40.16 -0.33 -12.11
CA ALA D 277 39.88 0.78 -13.02
C ALA D 277 39.88 2.12 -12.29
N ALA D 278 39.31 2.14 -11.09
CA ALA D 278 39.21 3.35 -10.28
C ALA D 278 40.56 3.82 -9.77
N ILE D 279 41.29 2.92 -9.14
CA ILE D 279 42.61 3.24 -8.60
C ILE D 279 43.57 3.69 -9.72
N ALA D 280 43.40 3.09 -10.90
CA ALA D 280 44.23 3.42 -12.04
C ALA D 280 43.95 4.86 -12.47
N ARG D 281 42.70 5.32 -12.29
CA ARG D 281 42.33 6.68 -12.67
C ARG D 281 42.56 7.75 -11.60
N GLY D 282 43.11 7.35 -10.44
CA GLY D 282 43.38 8.31 -9.38
C GLY D 282 42.52 8.15 -8.13
N LEU D 283 41.32 7.79 -8.27
CA LEU D 283 40.30 7.57 -7.25
C LEU D 283 40.70 6.37 -6.38
N LEU D 284 41.06 6.66 -5.13
CA LEU D 284 41.45 5.64 -4.17
C LEU D 284 40.42 5.44 -3.06
N PRO D 285 40.38 4.25 -2.47
CA PRO D 285 39.39 4.11 -1.41
C PRO D 285 39.97 4.88 -0.23
N PHE D 286 39.15 5.64 0.48
CA PHE D 286 39.62 6.40 1.63
C PHE D 286 39.80 5.43 2.80
N SER D 287 38.87 4.51 2.93
CA SER D 287 38.87 3.54 4.01
C SER D 287 38.69 2.11 3.48
N ILE D 288 39.36 1.14 4.09
CA ILE D 288 39.24 -0.27 3.67
C ILE D 288 38.57 -1.04 4.78
N SER D 289 37.42 -1.65 4.49
CA SER D 289 36.69 -2.41 5.50
C SER D 289 36.11 -3.73 4.98
N THR D 290 35.83 -4.66 5.88
CA THR D 290 35.32 -5.97 5.48
C THR D 290 33.82 -6.15 5.29
N ASP D 291 33.01 -5.53 6.15
CA ASP D 291 31.56 -5.71 6.14
C ASP D 291 31.40 -7.18 6.48
N LEU D 292 32.29 -7.63 7.35
CA LEU D 292 32.31 -8.99 7.79
C LEU D 292 31.03 -9.29 8.54
N HIS D 293 30.44 -10.45 8.30
CA HIS D 293 29.23 -10.85 8.99
C HIS D 293 28.95 -12.33 8.77
N GLY D 294 27.81 -12.79 9.23
CA GLY D 294 27.43 -14.19 9.11
C GLY D 294 27.41 -14.85 7.74
N HIS D 295 27.29 -14.06 6.67
CA HIS D 295 27.28 -14.64 5.35
C HIS D 295 28.36 -14.10 4.44
N SER D 296 29.38 -13.47 5.02
CA SER D 296 30.47 -12.92 4.24
C SER D 296 31.83 -13.36 4.76
N MSE D 297 31.98 -13.51 6.09
CA MSE D 297 33.25 -13.92 6.69
C MSE D 297 33.73 -15.28 6.23
O MSE D 297 34.93 -15.50 6.01
CB MSE D 297 33.16 -13.96 8.22
CG MSE D 297 34.39 -14.57 8.88
SE MSE D 297 34.28 -14.62 10.65
CE MSE D 297 33.33 -16.06 10.86
N ASN D 298 32.79 -16.20 6.09
CA ASN D 298 33.11 -17.55 5.67
C ASN D 298 33.51 -17.64 4.22
N PHE D 299 32.97 -16.78 3.35
CA PHE D 299 33.41 -16.89 1.98
C PHE D 299 34.10 -15.72 1.28
N PRO D 300 33.34 -14.86 0.57
CA PRO D 300 34.05 -13.77 -0.12
C PRO D 300 35.20 -13.09 0.66
N VAL D 301 34.85 -12.41 1.74
CA VAL D 301 35.85 -11.75 2.57
C VAL D 301 36.15 -12.73 3.70
N TRP D 302 37.33 -12.65 4.31
CA TRP D 302 37.62 -13.58 5.40
C TRP D 302 37.98 -12.78 6.64
N ASP D 303 38.79 -11.76 6.42
CA ASP D 303 39.26 -10.89 7.47
C ASP D 303 39.73 -9.62 6.76
N LEU D 304 40.23 -8.66 7.52
CA LEU D 304 40.69 -7.43 6.94
C LEU D 304 41.97 -7.66 6.13
N ALA D 305 42.95 -8.34 6.72
CA ALA D 305 44.22 -8.59 6.05
C ALA D 305 44.04 -8.96 4.59
N THR D 306 43.13 -9.88 4.32
CA THR D 306 42.87 -10.33 2.96
C THR D 306 42.30 -9.19 2.12
N THR D 307 41.31 -8.48 2.69
CA THR D 307 40.69 -7.34 2.02
C THR D 307 41.77 -6.31 1.77
N MSE D 308 42.73 -6.23 2.68
CA MSE D 308 43.85 -5.30 2.51
C MSE D 308 44.68 -5.78 1.32
O MSE D 308 44.92 -5.02 0.37
CB MSE D 308 44.74 -5.29 3.77
CG MSE D 308 44.11 -4.63 4.99
SE MSE D 308 45.27 -4.49 6.34
CE MSE D 308 44.46 -5.32 7.57
N SER D 309 45.08 -7.05 1.37
CA SER D 309 45.86 -7.68 0.32
C SER D 309 45.21 -7.44 -1.04
N LYS D 310 43.88 -7.56 -1.04
CA LYS D 310 43.07 -7.38 -2.24
C LYS D 310 43.21 -6.01 -2.90
N LEU D 311 43.37 -4.96 -2.11
CA LEU D 311 43.50 -3.62 -2.69
C LEU D 311 44.91 -3.37 -3.19
N LEU D 312 45.88 -4.09 -2.62
CA LEU D 312 47.28 -3.97 -3.02
C LEU D 312 47.44 -4.58 -4.41
N SER D 313 46.77 -5.70 -4.64
CA SER D 313 46.84 -6.37 -5.92
C SER D 313 46.26 -5.51 -7.02
N VAL D 314 45.49 -4.50 -6.63
CA VAL D 314 44.84 -3.62 -7.58
C VAL D 314 45.64 -2.34 -7.82
N ASP D 315 46.82 -2.25 -7.20
CA ASP D 315 47.72 -1.11 -7.35
C ASP D 315 47.59 0.04 -6.33
N MSE D 316 47.15 -0.27 -5.12
CA MSE D 316 47.04 0.75 -4.09
C MSE D 316 48.34 0.66 -3.31
O MSE D 316 48.64 -0.36 -2.66
CB MSE D 316 45.84 0.46 -3.18
CG MSE D 316 45.38 1.66 -2.34
SE MSE D 316 43.81 1.38 -1.49
CE MSE D 316 44.30 1.59 0.16
N PRO D 317 49.18 1.71 -3.38
CA PRO D 317 50.45 1.69 -2.66
C PRO D 317 50.34 1.30 -1.20
N PHE D 318 51.31 0.50 -0.77
CA PHE D 318 51.40 0.01 0.61
C PHE D 318 51.10 1.10 1.62
N GLU D 319 51.82 2.21 1.53
CA GLU D 319 51.65 3.32 2.46
C GLU D 319 50.19 3.79 2.53
N ASN D 320 49.50 3.76 1.39
CA ASN D 320 48.11 4.17 1.33
C ASN D 320 47.18 3.08 1.88
N VAL D 321 47.54 1.82 1.67
CA VAL D 321 46.73 0.70 2.16
C VAL D 321 46.73 0.66 3.69
N VAL D 322 47.89 0.87 4.29
CA VAL D 322 48.02 0.84 5.76
C VAL D 322 47.25 1.99 6.37
N GLU D 323 47.36 3.14 5.73
CA GLU D 323 46.67 4.34 6.17
C GLU D 323 45.15 4.06 6.13
N ALA D 324 44.70 3.53 5.01
CA ALA D 324 43.29 3.22 4.79
C ALA D 324 42.72 2.20 5.78
N VAL D 325 43.51 1.81 6.78
CA VAL D 325 43.06 0.86 7.79
C VAL D 325 43.44 1.35 9.19
N THR D 326 43.94 2.58 9.27
CA THR D 326 44.29 3.17 10.56
C THR D 326 43.92 4.65 10.62
N ARG D 327 44.83 5.52 10.19
CA ARG D 327 44.59 6.94 10.24
C ARG D 327 43.25 7.45 9.66
N ASN D 328 42.88 7.00 8.46
CA ASN D 328 41.65 7.45 7.84
C ASN D 328 40.36 7.01 8.54
N PRO D 329 40.13 5.69 8.65
CA PRO D 329 38.90 5.27 9.32
C PRO D 329 38.84 5.80 10.74
N ALA D 330 40.00 6.09 11.32
CA ALA D 330 40.06 6.60 12.68
C ALA D 330 39.55 8.03 12.71
N SER D 331 39.77 8.76 11.63
CA SER D 331 39.33 10.14 11.55
C SER D 331 37.80 10.24 11.52
N VAL D 332 37.12 9.33 10.86
CA VAL D 332 35.68 9.40 10.82
C VAL D 332 35.07 9.13 12.20
N ILE D 333 35.67 8.24 12.99
CA ILE D 333 35.11 7.97 14.31
C ILE D 333 35.71 8.87 15.39
N ARG D 334 36.37 9.95 14.94
CA ARG D 334 37.01 10.90 15.84
C ARG D 334 37.93 10.18 16.82
N LEU D 335 38.80 9.31 16.28
CA LEU D 335 39.75 8.58 17.11
C LEU D 335 41.15 9.15 16.95
N ASP D 336 41.61 9.79 18.02
CA ASP D 336 42.94 10.41 18.10
C ASP D 336 43.98 9.33 17.81
N MSE D 337 44.86 9.60 16.86
CA MSE D 337 45.88 8.63 16.50
C MSE D 337 47.26 9.25 16.25
O MSE D 337 48.19 8.56 15.83
CB MSE D 337 45.42 7.85 15.26
CG MSE D 337 46.11 6.51 15.09
SE MSE D 337 45.35 5.59 13.78
CE MSE D 337 44.52 4.34 14.68
N GLU D 338 47.39 10.55 16.52
CA GLU D 338 48.65 11.25 16.33
C GLU D 338 49.65 10.90 17.44
N ASN D 339 50.93 10.83 17.07
CA ASN D 339 52.03 10.53 17.99
C ASN D 339 51.94 9.24 18.81
N ARG D 340 51.23 8.25 18.29
CA ARG D 340 51.07 6.98 18.99
C ARG D 340 52.36 6.29 19.41
N LEU D 341 53.49 6.76 18.88
CA LEU D 341 54.77 6.15 19.21
C LEU D 341 55.53 6.80 20.37
N ASP D 342 54.97 7.86 20.96
CA ASP D 342 55.58 8.54 22.10
C ASP D 342 55.50 7.65 23.34
N VAL D 343 56.07 8.12 24.44
CA VAL D 343 56.01 7.38 25.70
C VAL D 343 54.84 7.97 26.48
N GLY D 344 54.27 7.19 27.38
CA GLY D 344 53.13 7.67 28.14
C GLY D 344 51.87 7.40 27.34
N GLN D 345 52.02 7.33 26.02
CA GLN D 345 50.87 7.06 25.16
C GLN D 345 50.50 5.58 25.18
N ARG D 346 49.28 5.26 25.57
CA ARG D 346 48.83 3.88 25.67
C ARG D 346 49.18 3.09 24.39
N ALA D 347 49.76 1.91 24.59
CA ALA D 347 50.17 1.04 23.50
C ALA D 347 49.01 0.32 22.82
N ASP D 348 48.87 0.55 21.52
CA ASP D 348 47.80 -0.06 20.73
C ASP D 348 48.38 -0.33 19.34
N PHE D 349 48.97 -1.51 19.15
CA PHE D 349 49.57 -1.82 17.85
C PHE D 349 49.15 -3.13 17.23
N THR D 350 49.47 -3.26 15.94
CA THR D 350 49.20 -4.46 15.17
C THR D 350 50.53 -4.78 14.47
N VAL D 351 51.13 -5.90 14.83
CA VAL D 351 52.39 -6.32 14.22
C VAL D 351 52.04 -7.33 13.13
N PHE D 352 52.49 -7.03 11.91
CA PHE D 352 52.20 -7.86 10.75
C PHE D 352 53.35 -7.89 9.74
N ASP D 353 53.33 -8.89 8.87
CA ASP D 353 54.33 -9.06 7.83
C ASP D 353 53.68 -8.99 6.46
N LEU D 354 54.50 -8.72 5.44
CA LEU D 354 54.04 -8.67 4.06
C LEU D 354 54.82 -9.77 3.36
N VAL D 355 54.24 -10.96 3.36
CA VAL D 355 54.86 -12.13 2.77
C VAL D 355 54.45 -12.27 1.32
N ASP D 356 55.18 -13.12 0.58
CA ASP D 356 54.88 -13.39 -0.82
C ASP D 356 54.13 -14.71 -0.84
N ALA D 357 53.22 -14.85 -1.79
CA ALA D 357 52.45 -16.07 -1.88
C ALA D 357 51.71 -16.07 -3.20
N ASP D 358 50.94 -17.13 -3.40
CA ASP D 358 50.16 -17.28 -4.61
C ASP D 358 48.86 -17.88 -4.12
N LEU D 359 47.90 -17.02 -3.81
CA LEU D 359 46.61 -17.46 -3.31
C LEU D 359 45.42 -16.86 -4.04
N GLU D 360 44.42 -17.71 -4.29
CA GLU D 360 43.19 -17.31 -4.98
C GLU D 360 42.19 -16.70 -4.01
N ALA D 361 41.76 -15.49 -4.35
CA ALA D 361 40.79 -14.75 -3.55
C ALA D 361 39.61 -14.42 -4.45
N THR D 362 38.41 -14.53 -3.92
CA THR D 362 37.23 -14.22 -4.71
C THR D 362 36.59 -12.93 -4.21
N ASP D 363 35.99 -12.20 -5.13
CA ASP D 363 35.33 -10.95 -4.75
C ASP D 363 33.82 -11.19 -4.78
N SER D 364 33.08 -10.15 -4.43
CA SER D 364 31.63 -10.20 -4.37
C SER D 364 31.02 -10.55 -5.72
N ASN D 365 31.75 -10.24 -6.79
CA ASN D 365 31.29 -10.51 -8.14
C ASN D 365 31.68 -11.88 -8.68
N GLY D 366 32.25 -12.72 -7.82
CA GLY D 366 32.63 -14.05 -8.24
C GLY D 366 33.97 -14.28 -8.92
N ASP D 367 34.52 -13.28 -9.61
CA ASP D 367 35.81 -13.51 -10.27
C ASP D 367 37.00 -13.47 -9.33
N VAL D 368 37.91 -14.42 -9.56
CA VAL D 368 39.11 -14.58 -8.75
C VAL D 368 40.28 -13.70 -9.20
N SER D 369 41.34 -13.72 -8.39
CA SER D 369 42.55 -12.95 -8.66
C SER D 369 43.61 -13.55 -7.75
N ARG D 370 44.72 -13.97 -8.34
CA ARG D 370 45.82 -14.55 -7.56
C ARG D 370 46.56 -13.44 -6.76
N LEU D 371 46.58 -13.58 -5.45
CA LEU D 371 47.24 -12.58 -4.60
C LEU D 371 48.72 -12.90 -4.41
N LYS D 372 49.59 -12.12 -5.08
CA LYS D 372 51.05 -12.33 -5.02
C LYS D 372 51.66 -11.98 -3.67
N ARG D 373 51.11 -10.95 -3.03
CA ARG D 373 51.60 -10.54 -1.72
C ARG D 373 50.42 -10.35 -0.79
N LEU D 374 50.57 -10.80 0.45
CA LEU D 374 49.49 -10.63 1.42
C LEU D 374 49.89 -10.29 2.86
N PHE D 375 49.08 -9.43 3.49
CA PHE D 375 49.31 -9.01 4.87
C PHE D 375 49.07 -10.19 5.80
N GLU D 376 49.97 -10.34 6.77
CA GLU D 376 49.89 -11.42 7.75
C GLU D 376 49.92 -10.85 9.17
N PRO D 377 48.75 -10.76 9.83
CA PRO D 377 48.80 -10.21 11.20
C PRO D 377 49.48 -11.22 12.11
N ARG D 378 50.46 -10.76 12.89
CA ARG D 378 51.19 -11.62 13.80
C ARG D 378 50.79 -11.35 15.25
N TYR D 379 50.67 -10.08 15.61
CA TYR D 379 50.25 -9.73 16.97
C TYR D 379 49.37 -8.49 17.01
N ALA D 380 48.55 -8.43 18.04
CA ALA D 380 47.66 -7.30 18.27
C ALA D 380 47.94 -6.91 19.71
N VAL D 381 48.53 -5.74 19.93
CA VAL D 381 48.82 -5.30 21.28
C VAL D 381 47.89 -4.19 21.74
N ILE D 382 47.16 -4.48 22.81
CA ILE D 382 46.22 -3.55 23.41
C ILE D 382 46.58 -3.39 24.88
N GLY D 383 47.39 -2.36 25.17
CA GLY D 383 47.82 -2.12 26.54
C GLY D 383 48.92 -3.11 26.89
N ALA D 384 48.71 -3.86 27.96
CA ALA D 384 49.69 -4.86 28.37
C ALA D 384 49.52 -6.11 27.52
N GLU D 385 48.27 -6.51 27.32
CA GLU D 385 47.96 -7.69 26.52
C GLU D 385 48.65 -7.68 25.16
N ALA D 386 49.13 -8.84 24.76
CA ALA D 386 49.78 -9.02 23.47
C ALA D 386 49.09 -10.26 22.92
N ILE D 387 48.14 -10.05 21.99
CA ILE D 387 47.37 -11.13 21.39
C ILE D 387 47.98 -11.68 20.11
N ALA D 388 48.05 -13.00 20.02
CA ALA D 388 48.57 -13.68 18.84
C ALA D 388 47.52 -13.49 17.75
N ALA D 389 47.95 -13.03 16.59
CA ALA D 389 47.03 -12.80 15.49
C ALA D 389 47.31 -13.71 14.32
N SER D 390 46.33 -13.79 13.42
CA SER D 390 46.43 -14.61 12.21
C SER D 390 45.16 -14.42 11.39
N ARG D 391 45.25 -14.70 10.08
CA ARG D 391 44.11 -14.58 9.20
C ARG D 391 43.06 -15.66 9.48
N TYR D 392 41.88 -15.48 8.91
CA TYR D 392 40.78 -16.44 9.10
C TYR D 392 41.04 -17.64 8.20
N ILE D 393 40.41 -18.76 8.52
CA ILE D 393 40.57 -19.96 7.73
C ILE D 393 39.23 -20.62 7.47
N GLN E 14 -5.67 -37.10 -46.90
CA GLN E 14 -5.54 -38.16 -47.95
C GLN E 14 -4.43 -39.13 -47.57
N ALA E 15 -4.29 -39.35 -46.27
CA ALA E 15 -3.27 -40.25 -45.76
C ALA E 15 -3.87 -41.43 -45.02
N PRO E 16 -4.49 -42.37 -45.75
CA PRO E 16 -5.07 -43.53 -45.04
C PRO E 16 -3.92 -44.25 -44.35
N ILE E 17 -4.16 -44.80 -43.16
CA ILE E 17 -3.10 -45.46 -42.40
C ILE E 17 -3.54 -46.77 -41.77
N LEU E 18 -2.74 -47.80 -42.00
CA LEU E 18 -2.99 -49.10 -41.44
C LEU E 18 -2.07 -49.24 -40.23
N LEU E 19 -2.65 -49.14 -39.04
CA LEU E 19 -1.90 -49.24 -37.80
C LEU E 19 -1.92 -50.69 -37.37
N THR E 20 -0.79 -51.38 -37.50
CA THR E 20 -0.70 -52.79 -37.20
C THR E 20 -0.19 -53.16 -35.81
N ASN E 21 -0.58 -54.31 -35.31
CA ASN E 21 -0.17 -54.91 -34.05
C ASN E 21 -0.06 -53.85 -32.97
N VAL E 22 -1.19 -53.44 -32.39
CA VAL E 22 -1.23 -52.50 -31.27
C VAL E 22 -2.13 -53.14 -30.22
N LYS E 23 -1.73 -53.10 -28.96
CA LYS E 23 -2.55 -53.68 -27.90
C LYS E 23 -3.38 -52.61 -27.18
N PRO E 24 -4.63 -52.37 -27.62
CA PRO E 24 -5.59 -51.39 -27.08
C PRO E 24 -5.85 -51.42 -25.58
N VAL E 25 -5.63 -50.27 -24.94
CA VAL E 25 -5.84 -50.09 -23.51
C VAL E 25 -6.40 -48.68 -23.27
N GLY E 26 -7.19 -48.52 -22.23
CA GLY E 26 -7.74 -47.22 -21.92
C GLY E 26 -9.10 -46.90 -22.51
N PHE E 27 -9.99 -47.90 -22.53
CA PHE E 27 -11.34 -47.68 -23.05
C PHE E 27 -12.32 -48.49 -22.18
N GLY E 28 -12.21 -49.82 -22.20
CA GLY E 28 -13.09 -50.70 -21.42
C GLY E 28 -12.46 -52.09 -21.26
N LYS E 29 -11.77 -52.29 -20.15
CA LYS E 29 -11.12 -53.56 -19.90
C LYS E 29 -9.64 -53.48 -20.27
N GLN E 33 -5.44 -57.49 -23.66
CA GLN E 33 -4.76 -58.77 -23.51
C GLN E 33 -4.31 -59.32 -24.86
N SER E 34 -4.69 -58.61 -25.93
CA SER E 34 -4.31 -59.03 -27.29
C SER E 34 -4.30 -57.87 -28.26
N SER E 35 -3.33 -57.88 -29.16
CA SER E 35 -3.18 -56.81 -30.15
C SER E 35 -4.20 -56.93 -31.27
N THR E 36 -4.20 -55.96 -32.17
CA THR E 36 -5.12 -55.95 -33.30
C THR E 36 -4.62 -54.89 -34.30
N ASP E 37 -5.48 -54.48 -35.23
CA ASP E 37 -5.11 -53.47 -36.22
C ASP E 37 -6.27 -52.49 -36.36
N ILE E 38 -5.98 -51.25 -36.71
CA ILE E 38 -7.01 -50.25 -36.93
C ILE E 38 -6.66 -49.52 -38.22
N LEU E 39 -7.60 -49.45 -39.13
CA LEU E 39 -7.36 -48.75 -40.39
C LEU E 39 -8.00 -47.38 -40.27
N ILE E 40 -7.27 -46.35 -40.68
CA ILE E 40 -7.79 -44.98 -40.61
C ILE E 40 -7.91 -44.41 -42.03
N GLY E 41 -9.12 -44.00 -42.41
CA GLY E 41 -9.31 -43.44 -43.74
C GLY E 41 -8.67 -42.09 -43.89
N GLY E 42 -8.58 -41.60 -45.13
CA GLY E 42 -7.98 -40.31 -45.41
C GLY E 42 -8.75 -39.12 -44.87
N ASP E 43 -9.95 -39.38 -44.33
CA ASP E 43 -10.79 -38.34 -43.75
C ASP E 43 -10.44 -38.18 -42.27
N GLY E 44 -9.59 -39.09 -41.79
CA GLY E 44 -9.15 -39.06 -40.40
C GLY E 44 -10.09 -39.77 -39.45
N LYS E 45 -10.99 -40.57 -40.01
CA LYS E 45 -11.95 -41.32 -39.22
C LYS E 45 -11.69 -42.83 -39.31
N ILE E 46 -11.86 -43.53 -38.20
CA ILE E 46 -11.66 -44.97 -38.16
C ILE E 46 -12.52 -45.69 -39.21
N ALA E 47 -11.86 -46.49 -40.05
CA ALA E 47 -12.56 -47.23 -41.08
C ALA E 47 -12.78 -48.69 -40.66
N ALA E 48 -11.92 -49.24 -39.81
CA ALA E 48 -12.10 -50.61 -39.37
C ALA E 48 -11.07 -51.01 -38.31
N VAL E 49 -11.41 -52.02 -37.53
CA VAL E 49 -10.55 -52.52 -36.46
C VAL E 49 -10.70 -54.04 -36.44
N GLY E 50 -9.57 -54.75 -36.54
CA GLY E 50 -9.60 -56.20 -36.54
C GLY E 50 -8.21 -56.78 -36.67
N SER E 51 -8.10 -58.09 -36.43
CA SER E 51 -6.81 -58.79 -36.48
C SER E 51 -6.04 -58.65 -37.78
N ALA E 52 -6.65 -59.02 -38.91
CA ALA E 52 -5.94 -58.92 -40.17
C ALA E 52 -6.75 -58.09 -41.15
N LEU E 53 -6.48 -56.80 -41.18
CA LEU E 53 -7.20 -55.91 -42.07
C LEU E 53 -6.46 -55.71 -43.37
N GLN E 54 -7.19 -55.49 -44.45
CA GLN E 54 -6.59 -55.24 -45.74
C GLN E 54 -6.68 -53.73 -45.99
N ALA E 55 -5.80 -53.19 -46.83
CA ALA E 55 -5.82 -51.77 -47.08
C ALA E 55 -5.28 -51.39 -48.45
N PRO E 56 -5.88 -50.38 -49.10
CA PRO E 56 -5.48 -49.91 -50.43
C PRO E 56 -4.50 -48.71 -50.36
N ALA E 57 -3.54 -48.68 -51.30
CA ALA E 57 -2.53 -47.61 -51.38
C ALA E 57 -2.45 -46.70 -50.15
N ASP E 58 -1.99 -47.25 -49.03
CA ASP E 58 -1.90 -46.51 -47.79
C ASP E 58 -0.62 -46.71 -46.98
N THR E 59 -0.38 -45.77 -46.07
CA THR E 59 0.78 -45.80 -45.20
C THR E 59 0.58 -46.84 -44.10
N GLN E 60 1.57 -47.73 -43.93
CA GLN E 60 1.47 -48.76 -42.91
C GLN E 60 2.40 -48.44 -41.72
N ARG E 61 2.22 -49.15 -40.61
CA ARG E 61 3.03 -48.93 -39.43
C ARG E 61 2.91 -50.07 -38.40
N ILE E 62 3.86 -51.00 -38.40
CA ILE E 62 3.79 -52.09 -37.44
C ILE E 62 4.41 -51.62 -36.14
N ASP E 63 4.50 -52.54 -35.17
CA ASP E 63 5.09 -52.29 -33.85
C ASP E 63 4.71 -53.41 -32.90
N ALA E 64 4.96 -54.28 -32.22
CA ALA E 64 5.27 -54.67 -30.85
C ALA E 64 5.21 -56.17 -30.64
N ALA E 67 3.56 -51.10 -28.80
CA ALA E 67 2.44 -52.02 -28.89
C ALA E 67 1.18 -51.39 -28.30
N PHE E 68 1.26 -50.86 -27.08
CA PHE E 68 0.09 -50.25 -26.47
C PHE E 68 -0.46 -49.08 -27.26
N ILE E 69 -1.79 -48.96 -27.28
CA ILE E 69 -2.44 -47.86 -27.97
C ILE E 69 -3.68 -47.45 -27.15
N SER E 70 -3.75 -46.17 -26.79
CA SER E 70 -4.86 -45.64 -26.00
C SER E 70 -5.32 -44.31 -26.60
N PRO E 71 -6.44 -43.76 -26.11
CA PRO E 71 -6.87 -42.49 -26.71
C PRO E 71 -5.74 -41.49 -26.42
N GLY E 72 -5.60 -40.47 -27.26
CA GLY E 72 -4.56 -39.49 -27.05
C GLY E 72 -4.44 -39.04 -25.60
N TRP E 73 -3.21 -39.06 -25.07
CA TRP E 73 -2.96 -38.64 -23.70
C TRP E 73 -3.32 -37.18 -23.52
N VAL E 74 -3.68 -36.81 -22.30
CA VAL E 74 -4.07 -35.46 -22.01
C VAL E 74 -3.22 -34.95 -20.86
N ASP E 75 -2.72 -33.74 -21.00
CA ASP E 75 -1.94 -33.14 -19.93
C ASP E 75 -2.83 -32.01 -19.44
N LEU E 76 -3.36 -32.15 -18.23
CA LEU E 76 -4.27 -31.16 -17.66
C LEU E 76 -3.57 -29.89 -17.18
N HIS E 77 -2.27 -29.96 -16.95
CA HIS E 77 -1.52 -28.82 -16.45
C HIS E 77 -0.19 -28.57 -17.16
N VAL E 78 -0.18 -27.63 -18.12
CA VAL E 78 1.02 -27.22 -18.86
C VAL E 78 0.90 -25.70 -19.11
N HIS E 79 2.03 -25.06 -19.40
CA HIS E 79 2.04 -23.62 -19.65
C HIS E 79 2.64 -23.47 -21.03
N ILE E 80 1.79 -23.25 -22.03
CA ILE E 80 2.19 -23.14 -23.42
C ILE E 80 1.80 -21.83 -24.09
N TRP E 81 1.72 -20.75 -23.31
CA TRP E 81 1.39 -19.45 -23.88
C TRP E 81 2.72 -18.82 -24.29
N HIS E 82 3.43 -19.54 -25.17
CA HIS E 82 4.73 -19.12 -25.67
C HIS E 82 4.68 -17.71 -26.23
N GLY E 83 5.67 -16.89 -25.87
CA GLY E 83 5.68 -15.52 -26.37
C GLY E 83 4.95 -14.50 -25.49
N GLY E 84 3.68 -14.78 -25.16
CA GLY E 84 2.91 -13.86 -24.35
C GLY E 84 3.37 -13.79 -22.91
N THR E 85 3.63 -14.93 -22.32
CA THR E 85 4.11 -14.97 -20.94
C THR E 85 5.62 -15.13 -21.07
N ASP E 86 6.29 -15.46 -19.96
CA ASP E 86 7.75 -15.60 -19.98
C ASP E 86 8.16 -17.01 -19.58
N ILE E 87 7.25 -17.71 -18.93
CA ILE E 87 7.50 -19.03 -18.40
C ILE E 87 7.06 -20.19 -19.30
N SER E 88 6.21 -19.89 -20.28
CA SER E 88 5.65 -20.88 -21.21
C SER E 88 6.60 -21.53 -22.20
N ILE E 89 6.35 -22.81 -22.50
CA ILE E 89 7.16 -23.49 -23.50
C ILE E 89 6.28 -23.59 -24.75
N ARG E 90 6.80 -24.17 -25.82
CA ARG E 90 6.01 -24.29 -27.05
C ARG E 90 5.16 -25.55 -26.99
N PRO E 91 3.97 -25.52 -27.62
CA PRO E 91 3.14 -26.74 -27.57
C PRO E 91 3.85 -27.96 -28.17
N SER E 92 4.73 -27.72 -29.13
CA SER E 92 5.47 -28.82 -29.77
C SER E 92 6.47 -29.47 -28.80
N GLU E 93 6.79 -28.79 -27.71
CA GLU E 93 7.76 -29.31 -26.75
C GLU E 93 7.09 -30.26 -25.76
N CYS E 94 5.78 -30.42 -25.83
CA CYS E 94 5.06 -31.28 -24.89
C CYS E 94 3.80 -31.84 -25.55
N GLY E 95 3.67 -31.63 -26.85
CA GLY E 95 2.50 -32.09 -27.56
C GLY E 95 2.66 -33.40 -28.33
N ALA E 96 2.29 -33.37 -29.61
CA ALA E 96 2.35 -34.53 -30.51
C ALA E 96 3.67 -35.29 -30.40
N GLU E 97 4.79 -34.58 -30.44
CA GLU E 97 6.12 -35.16 -30.37
C GLU E 97 6.30 -35.96 -29.08
N ARG E 98 5.50 -35.74 -28.07
CA ARG E 98 5.62 -36.45 -26.80
C ARG E 98 4.53 -37.50 -26.59
N GLY E 99 3.63 -37.62 -27.57
CA GLY E 99 2.53 -38.57 -27.47
C GLY E 99 1.36 -37.98 -26.69
N VAL E 100 1.20 -36.68 -26.78
CA VAL E 100 0.13 -36.00 -26.08
C VAL E 100 -0.73 -35.23 -27.10
N THR E 101 -2.01 -35.57 -27.18
CA THR E 101 -2.91 -34.93 -28.14
C THR E 101 -3.67 -33.73 -27.62
N THR E 102 -3.95 -33.74 -26.32
CA THR E 102 -4.69 -32.64 -25.68
C THR E 102 -3.87 -31.95 -24.59
N LEU E 103 -3.57 -30.66 -24.82
CA LEU E 103 -2.80 -29.85 -23.89
C LEU E 103 -3.70 -28.80 -23.26
N VAL E 104 -3.69 -28.71 -21.93
CA VAL E 104 -4.52 -27.74 -21.22
C VAL E 104 -3.64 -26.67 -20.54
N ASP E 105 -3.67 -25.45 -21.04
CA ASP E 105 -2.87 -24.42 -20.40
C ASP E 105 -3.48 -24.09 -19.04
N ALA E 106 -2.67 -24.23 -17.99
CA ALA E 106 -3.10 -24.01 -16.62
C ALA E 106 -3.03 -22.58 -16.06
N GLY E 107 -3.76 -21.65 -16.66
CA GLY E 107 -3.77 -20.28 -16.18
C GLY E 107 -2.60 -19.40 -16.56
N SER E 108 -2.05 -19.59 -17.75
CA SER E 108 -0.93 -18.76 -18.18
C SER E 108 -1.53 -17.49 -18.72
N ALA E 109 -2.84 -17.50 -18.90
CA ALA E 109 -3.52 -16.34 -19.43
C ALA E 109 -4.77 -15.97 -18.62
N GLY E 110 -5.06 -14.67 -18.60
CA GLY E 110 -6.23 -14.14 -17.95
C GLY E 110 -7.01 -13.46 -19.07
N GLU E 111 -8.07 -12.73 -18.74
CA GLU E 111 -8.86 -12.05 -19.77
C GLU E 111 -8.03 -11.05 -20.57
N ALA E 112 -7.07 -10.40 -19.91
CA ALA E 112 -6.20 -9.42 -20.54
C ALA E 112 -5.64 -9.84 -21.90
N ASN E 113 -5.07 -11.04 -22.01
CA ASN E 113 -4.55 -11.45 -23.32
C ASN E 113 -4.88 -12.87 -23.73
N PHE E 114 -6.09 -13.34 -23.41
CA PHE E 114 -6.46 -14.69 -23.81
C PHE E 114 -6.61 -14.80 -25.32
N HIS E 115 -7.03 -13.71 -25.95
CA HIS E 115 -7.21 -13.72 -27.40
C HIS E 115 -5.87 -13.98 -28.08
N GLY E 116 -4.80 -13.49 -27.48
CA GLY E 116 -3.49 -13.71 -28.03
C GLY E 116 -3.25 -15.20 -28.00
N PHE E 117 -3.48 -15.80 -26.84
CA PHE E 117 -3.31 -17.23 -26.66
C PHE E 117 -4.08 -18.05 -27.70
N ARG E 118 -5.33 -17.68 -27.94
CA ARG E 118 -6.18 -18.38 -28.91
C ARG E 118 -5.61 -18.33 -30.34
N GLU E 119 -5.31 -17.12 -30.81
CA GLU E 119 -4.79 -16.90 -32.18
C GLU E 119 -3.38 -17.47 -32.44
N TYR E 120 -2.52 -17.40 -31.45
CA TYR E 120 -1.17 -17.88 -31.63
C TYR E 120 -0.97 -19.33 -31.25
N ILE E 121 -1.56 -19.75 -30.15
CA ILE E 121 -1.36 -21.09 -29.65
C ILE E 121 -2.42 -22.11 -30.01
N ILE E 122 -3.68 -21.78 -29.73
CA ILE E 122 -4.77 -22.72 -29.98
C ILE E 122 -5.05 -23.07 -31.43
N GLU E 123 -5.32 -22.05 -32.23
CA GLU E 123 -5.66 -22.25 -33.62
C GLU E 123 -4.64 -22.95 -34.53
N PRO E 124 -3.36 -22.55 -34.45
CA PRO E 124 -2.38 -23.20 -35.31
C PRO E 124 -1.97 -24.62 -34.89
N SER E 125 -1.88 -24.86 -33.59
CA SER E 125 -1.50 -26.17 -33.07
C SER E 125 -2.34 -27.27 -33.68
N ARG E 126 -1.80 -28.47 -33.75
CA ARG E 126 -2.54 -29.58 -34.30
C ARG E 126 -3.15 -30.36 -33.15
N GLU E 127 -2.60 -30.19 -31.97
CA GLU E 127 -3.14 -30.84 -30.80
C GLU E 127 -4.42 -30.09 -30.40
N ARG E 128 -5.14 -30.63 -29.43
CA ARG E 128 -6.35 -29.96 -28.95
C ARG E 128 -5.85 -29.15 -27.77
N ILE E 129 -5.97 -27.84 -27.85
CA ILE E 129 -5.53 -27.01 -26.72
C ILE E 129 -6.70 -26.32 -26.03
N LYS E 130 -6.81 -26.59 -24.74
CA LYS E 130 -7.82 -25.98 -23.90
C LYS E 130 -7.03 -25.17 -22.87
N ALA E 131 -7.76 -24.39 -22.09
CA ALA E 131 -7.12 -23.56 -21.11
C ALA E 131 -7.99 -23.25 -19.90
N PHE E 132 -7.31 -23.06 -18.77
CA PHE E 132 -7.94 -22.63 -17.55
C PHE E 132 -7.65 -21.14 -17.60
N LEU E 133 -8.68 -20.31 -17.46
CA LEU E 133 -8.47 -18.87 -17.47
C LEU E 133 -8.02 -18.51 -16.07
N ASN E 134 -7.00 -17.68 -15.95
CA ASN E 134 -6.51 -17.27 -14.64
C ASN E 134 -7.52 -16.24 -14.10
N LEU E 135 -7.77 -16.32 -12.80
CA LEU E 135 -8.67 -15.39 -12.14
C LEU E 135 -8.03 -13.98 -12.27
N GLY E 136 -6.70 -13.94 -12.33
CA GLY E 136 -5.94 -12.69 -12.45
C GLY E 136 -5.75 -12.23 -13.90
N SER E 137 -6.07 -10.97 -14.15
CA SER E 137 -5.98 -10.39 -15.49
C SER E 137 -4.70 -10.57 -16.32
N ILE E 138 -3.53 -10.31 -15.72
CA ILE E 138 -2.27 -10.44 -16.44
C ILE E 138 -1.71 -11.87 -16.50
N GLY E 139 -2.36 -12.80 -15.80
CA GLY E 139 -1.90 -14.19 -15.80
C GLY E 139 -0.44 -14.33 -15.43
N LEU E 140 0.28 -15.23 -16.10
CA LEU E 140 1.69 -15.49 -15.83
C LEU E 140 2.76 -14.79 -16.71
N VAL E 141 2.48 -13.57 -17.19
CA VAL E 141 3.45 -12.84 -18.01
C VAL E 141 4.86 -12.82 -17.42
N ALA E 142 4.93 -12.56 -16.11
CA ALA E 142 6.17 -12.49 -15.38
C ALA E 142 5.96 -13.38 -14.17
N CYS E 143 5.63 -14.64 -14.47
CA CYS E 143 5.33 -15.65 -13.47
C CYS E 143 6.10 -15.54 -12.16
N ASN E 144 5.37 -15.29 -11.08
CA ASN E 144 5.95 -15.18 -9.74
C ASN E 144 6.75 -13.91 -9.46
N ARG E 145 7.14 -13.17 -10.49
CA ARG E 145 7.91 -11.97 -10.23
C ARG E 145 6.97 -10.79 -10.09
N VAL E 146 5.83 -10.88 -10.75
CA VAL E 146 4.81 -9.83 -10.67
C VAL E 146 3.48 -10.55 -10.60
N PRO E 147 3.11 -11.04 -9.40
CA PRO E 147 1.87 -11.76 -9.10
C PRO E 147 0.61 -11.28 -9.82
N GLU E 148 -0.17 -12.23 -10.33
CA GLU E 148 -1.41 -11.90 -11.04
C GLU E 148 -2.59 -11.77 -10.07
N LEU E 149 -2.36 -12.03 -8.78
CA LEU E 149 -3.40 -11.95 -7.75
C LEU E 149 -2.93 -11.24 -6.47
N ARG E 150 -2.66 -9.95 -6.57
CA ARG E 150 -2.18 -9.17 -5.43
C ARG E 150 -3.29 -8.46 -4.65
N ASP E 151 -4.26 -7.91 -5.37
CA ASP E 151 -5.38 -7.21 -4.76
C ASP E 151 -6.60 -7.38 -5.67
N ILE E 152 -7.75 -6.82 -5.33
CA ILE E 152 -8.89 -7.01 -6.22
C ILE E 152 -8.73 -6.29 -7.53
N LYS E 153 -7.84 -5.31 -7.59
CA LYS E 153 -7.69 -4.60 -8.86
C LYS E 153 -7.22 -5.59 -9.96
N ASP E 154 -6.80 -6.78 -9.54
CA ASP E 154 -6.34 -7.80 -10.49
C ASP E 154 -7.51 -8.63 -11.06
N ILE E 155 -8.49 -8.94 -10.24
CA ILE E 155 -9.67 -9.69 -10.67
C ILE E 155 -10.73 -8.77 -11.27
N ASP E 156 -11.15 -9.03 -12.51
CA ASP E 156 -12.17 -8.21 -13.13
C ASP E 156 -13.29 -9.10 -13.66
N LEU E 157 -14.30 -9.28 -12.81
CA LEU E 157 -15.46 -10.11 -13.09
C LEU E 157 -16.12 -9.87 -14.45
N ASP E 158 -16.44 -8.63 -14.75
CA ASP E 158 -17.08 -8.33 -16.01
C ASP E 158 -16.28 -8.79 -17.23
N ARG E 159 -14.96 -8.67 -17.19
CA ARG E 159 -14.15 -9.09 -18.32
C ARG E 159 -14.02 -10.61 -18.34
N ILE E 160 -13.87 -11.19 -17.16
CA ILE E 160 -13.77 -12.64 -17.06
C ILE E 160 -15.02 -13.24 -17.67
N LEU E 161 -16.19 -12.79 -17.25
CA LEU E 161 -17.45 -13.31 -17.79
C LEU E 161 -17.49 -13.05 -19.31
N GLU E 162 -17.11 -11.85 -19.69
CA GLU E 162 -17.09 -11.42 -21.08
C GLU E 162 -16.10 -12.24 -21.91
N CYS E 163 -14.98 -12.64 -21.29
CA CYS E 163 -13.98 -13.42 -22.01
C CYS E 163 -14.49 -14.84 -22.19
N TYR E 164 -15.11 -15.38 -21.15
CA TYR E 164 -15.64 -16.73 -21.23
C TYR E 164 -16.74 -16.84 -22.27
N ALA E 165 -17.53 -15.78 -22.44
CA ALA E 165 -18.60 -15.79 -23.42
C ALA E 165 -18.07 -16.04 -24.82
N GLU E 166 -16.96 -15.40 -25.19
CA GLU E 166 -16.42 -15.51 -26.54
C GLU E 166 -15.47 -16.70 -26.65
N ASN E 167 -15.15 -17.46 -25.63
CA ASN E 167 -14.22 -18.57 -25.75
C ASN E 167 -14.61 -19.78 -24.91
N SER E 168 -15.91 -19.96 -24.68
CA SER E 168 -16.39 -21.08 -23.88
C SER E 168 -15.93 -22.41 -24.46
N GLU E 169 -15.78 -22.42 -25.78
CA GLU E 169 -15.32 -23.58 -26.50
C GLU E 169 -13.88 -23.93 -26.14
N HIS E 170 -13.07 -22.89 -25.90
CA HIS E 170 -11.66 -23.07 -25.55
C HIS E 170 -11.39 -23.13 -24.05
N ILE E 171 -12.15 -22.36 -23.27
CA ILE E 171 -11.94 -22.31 -21.82
C ILE E 171 -12.70 -23.40 -21.09
N VAL E 172 -11.99 -24.09 -20.21
CA VAL E 172 -12.58 -25.19 -19.50
C VAL E 172 -12.73 -24.95 -18.02
N GLY E 173 -12.26 -23.80 -17.54
CA GLY E 173 -12.36 -23.51 -16.12
C GLY E 173 -11.53 -22.31 -15.73
N LEU E 174 -11.79 -21.88 -14.38
CA LEU E 174 -10.99 -20.78 -13.85
C LEU E 174 -9.92 -21.33 -12.93
N KCX E 175 -8.62 -20.43 -13.13
CA KCX E 175 -7.55 -20.89 -12.25
CB KCX E 175 -6.33 -21.28 -13.06
CG KCX E 175 -5.13 -21.71 -12.22
CD KCX E 175 -3.99 -22.22 -13.08
CE KCX E 175 -2.66 -22.09 -12.37
NZ KCX E 175 -2.32 -23.32 -11.59
C KCX E 175 -7.21 -19.84 -11.21
O KCX E 175 -7.54 -18.66 -11.36
CX KCX E 175 -1.04 -23.37 -11.33
OQ1 KCX E 175 -0.61 -23.26 -10.20
OQ2 KCX E 175 -0.17 -23.59 -12.35
N VAL E 176 -6.80 -20.56 -9.90
CA VAL E 176 -6.49 -19.61 -8.85
C VAL E 176 -5.32 -20.29 -8.19
N ARG E 177 -4.05 -19.70 -8.35
CA ARG E 177 -2.91 -20.33 -7.73
C ARG E 177 -3.07 -20.28 -6.20
N ALA E 178 -3.04 -19.11 -5.58
CA ALA E 178 -3.26 -19.07 -4.13
C ALA E 178 -2.15 -19.61 -3.27
N SER E 179 -1.02 -18.91 -3.27
CA SER E 179 0.14 -19.26 -2.48
C SER E 179 0.63 -17.87 -2.13
N HIS E 180 1.29 -17.71 -0.99
CA HIS E 180 1.70 -16.35 -0.64
C HIS E 180 2.62 -15.66 -1.62
N VAL E 181 3.43 -16.40 -2.38
CA VAL E 181 4.31 -15.73 -3.33
C VAL E 181 3.43 -15.08 -4.40
N ILE E 182 2.23 -15.62 -4.56
CA ILE E 182 1.30 -15.09 -5.54
C ILE E 182 0.23 -14.20 -4.88
N THR E 183 -0.64 -14.82 -4.08
CA THR E 183 -1.71 -14.09 -3.43
C THR E 183 -1.20 -13.23 -2.28
N GLY E 184 0.10 -13.31 -2.00
CA GLY E 184 0.65 -12.51 -0.93
C GLY E 184 0.11 -12.91 0.43
N SER E 185 -0.53 -11.97 1.12
CA SER E 185 -1.07 -12.31 2.44
C SER E 185 -2.57 -12.14 2.58
N TRP E 186 -3.30 -11.91 1.49
CA TRP E 186 -4.74 -11.75 1.63
C TRP E 186 -5.51 -13.06 1.52
N GLY E 187 -4.98 -14.04 2.24
CA GLY E 187 -5.56 -15.37 2.34
C GLY E 187 -6.34 -16.01 1.20
N VAL E 188 -7.40 -16.72 1.59
CA VAL E 188 -8.25 -17.43 0.67
C VAL E 188 -9.37 -16.60 0.04
N THR E 189 -9.32 -15.28 0.19
CA THR E 189 -10.36 -14.45 -0.39
C THR E 189 -10.51 -14.64 -1.91
N PRO E 190 -9.42 -14.49 -2.66
CA PRO E 190 -9.54 -14.66 -4.11
C PRO E 190 -9.99 -16.07 -4.52
N VAL E 191 -9.81 -17.04 -3.63
CA VAL E 191 -10.25 -18.40 -3.93
C VAL E 191 -11.78 -18.43 -3.79
N LYS E 192 -12.31 -17.66 -2.84
CA LYS E 192 -13.74 -17.57 -2.60
C LYS E 192 -14.40 -16.86 -3.78
N LEU E 193 -13.71 -15.86 -4.32
CA LEU E 193 -14.20 -15.12 -5.46
C LEU E 193 -14.15 -15.97 -6.72
N GLY E 194 -13.05 -16.70 -6.87
CA GLY E 194 -12.88 -17.56 -8.02
C GLY E 194 -14.01 -18.57 -8.05
N LYS E 195 -14.29 -19.16 -6.90
CA LYS E 195 -15.36 -20.14 -6.81
C LYS E 195 -16.73 -19.56 -7.19
N LYS E 196 -16.98 -18.32 -6.79
CA LYS E 196 -18.26 -17.66 -7.08
C LYS E 196 -18.35 -17.44 -8.58
N ILE E 197 -17.33 -16.78 -9.13
CA ILE E 197 -17.25 -16.50 -10.54
C ILE E 197 -17.31 -17.80 -11.34
N ALA E 198 -16.74 -18.87 -10.79
CA ALA E 198 -16.74 -20.17 -11.46
C ALA E 198 -18.17 -20.72 -11.49
N LYS E 199 -18.86 -20.62 -10.36
CA LYS E 199 -20.25 -21.09 -10.25
C LYS E 199 -21.16 -20.37 -11.24
N ILE E 200 -20.97 -19.06 -11.45
CA ILE E 200 -21.82 -18.35 -12.41
C ILE E 200 -21.50 -18.76 -13.83
N LEU E 201 -20.24 -19.09 -14.09
CA LEU E 201 -19.85 -19.51 -15.43
C LEU E 201 -20.29 -20.95 -15.66
N LYS E 202 -20.37 -21.72 -14.57
CA LYS E 202 -20.76 -23.13 -14.63
C LYS E 202 -19.61 -23.96 -15.19
N VAL E 203 -18.42 -23.73 -14.64
CA VAL E 203 -17.22 -24.44 -15.06
C VAL E 203 -16.46 -24.79 -13.80
N PRO E 204 -15.57 -25.77 -13.87
CA PRO E 204 -14.81 -26.15 -12.69
C PRO E 204 -13.70 -25.15 -12.36
N MSE E 205 -13.12 -25.28 -11.18
CA MSE E 205 -12.06 -24.39 -10.77
C MSE E 205 -10.81 -25.19 -10.45
O MSE E 205 -10.86 -26.14 -9.68
CB MSE E 205 -12.46 -23.59 -9.52
CG MSE E 205 -11.96 -22.13 -9.57
SE MSE E 205 -11.64 -21.26 -8.01
CE MSE E 205 -12.29 -22.48 -6.81
N MSE E 206 -9.69 -24.81 -11.08
CA MSE E 206 -8.43 -25.51 -10.79
C MSE E 206 -7.68 -24.65 -9.79
O MSE E 206 -7.42 -23.47 -10.04
CB MSE E 206 -7.57 -25.71 -12.05
CG MSE E 206 -6.19 -26.35 -11.76
SE MSE E 206 -5.16 -26.87 -13.18
CE MSE E 206 -4.60 -25.38 -13.67
N VAL E 207 -7.33 -25.24 -8.65
CA VAL E 207 -6.62 -24.52 -7.61
C VAL E 207 -5.31 -25.20 -7.21
N HIS E 208 -4.22 -24.45 -7.31
CA HIS E 208 -2.90 -24.93 -6.94
C HIS E 208 -2.67 -24.60 -5.47
N VAL E 209 -2.05 -25.52 -4.73
CA VAL E 209 -1.80 -25.25 -3.32
C VAL E 209 -0.31 -25.13 -3.07
N GLY E 210 0.07 -24.35 -2.08
CA GLY E 210 1.50 -24.18 -1.80
C GLY E 210 1.72 -23.52 -0.45
N GLU E 211 2.80 -22.74 -0.34
CA GLU E 211 3.14 -22.04 0.90
C GLU E 211 1.88 -21.64 1.66
N PRO E 212 1.69 -22.20 2.87
CA PRO E 212 0.60 -22.05 3.85
C PRO E 212 -0.33 -20.84 3.92
N PRO E 213 0.17 -19.62 3.67
CA PRO E 213 -0.64 -18.38 3.71
C PRO E 213 -2.03 -18.37 3.06
N ALA E 214 -2.22 -19.12 1.98
CA ALA E 214 -3.54 -19.21 1.35
C ALA E 214 -4.19 -20.51 1.82
N LEU E 215 -3.41 -21.31 2.54
CA LEU E 215 -3.78 -22.59 3.19
C LEU E 215 -4.62 -23.68 2.49
N TYR E 216 -3.95 -24.83 2.27
CA TYR E 216 -4.51 -26.02 1.63
C TYR E 216 -5.87 -26.46 2.21
N ASP E 217 -5.91 -26.64 3.52
CA ASP E 217 -7.11 -27.06 4.23
C ASP E 217 -8.31 -26.20 3.88
N GLU E 218 -8.14 -24.88 3.91
CA GLU E 218 -9.22 -23.95 3.60
C GLU E 218 -9.66 -24.03 2.15
N VAL E 219 -8.74 -24.44 1.29
CA VAL E 219 -9.02 -24.55 -0.13
C VAL E 219 -9.95 -25.74 -0.41
N LEU E 220 -9.57 -26.94 0.03
CA LEU E 220 -10.42 -28.12 -0.18
C LEU E 220 -11.79 -27.94 0.46
N GLU E 221 -11.89 -26.95 1.33
CA GLU E 221 -13.11 -26.63 2.05
C GLU E 221 -14.08 -25.87 1.16
N ILE E 222 -13.57 -24.94 0.36
CA ILE E 222 -14.43 -24.16 -0.54
C ILE E 222 -14.75 -24.90 -1.84
N LEU E 223 -13.86 -25.80 -2.23
CA LEU E 223 -14.03 -26.58 -3.46
C LEU E 223 -15.16 -27.61 -3.40
N GLY E 224 -15.89 -27.74 -4.50
CA GLY E 224 -17.01 -28.67 -4.60
C GLY E 224 -16.73 -29.73 -5.65
N PRO E 225 -17.68 -30.67 -5.87
CA PRO E 225 -17.47 -31.72 -6.87
C PRO E 225 -17.13 -31.18 -8.26
N GLY E 226 -16.12 -31.76 -8.89
CA GLY E 226 -15.74 -31.31 -10.23
C GLY E 226 -14.59 -30.33 -10.27
N ASP E 227 -14.20 -29.80 -9.11
CA ASP E 227 -13.10 -28.86 -9.04
C ASP E 227 -11.78 -29.63 -8.99
N VAL E 228 -10.68 -28.94 -9.31
CA VAL E 228 -9.37 -29.55 -9.33
C VAL E 228 -8.34 -28.90 -8.41
N VAL E 229 -7.65 -29.72 -7.61
CA VAL E 229 -6.60 -29.24 -6.73
C VAL E 229 -5.29 -29.75 -7.33
N THR E 230 -4.46 -28.86 -7.85
CA THR E 230 -3.20 -29.29 -8.45
C THR E 230 -2.14 -29.31 -7.39
N HIS E 231 -1.00 -29.92 -7.71
CA HIS E 231 0.12 -30.04 -6.77
C HIS E 231 -0.33 -30.74 -5.49
N CYS E 232 -1.23 -31.71 -5.61
CA CYS E 232 -1.76 -32.42 -4.44
C CYS E 232 -0.75 -33.23 -3.66
N PHE E 233 0.25 -33.79 -4.32
CA PHE E 233 1.26 -34.57 -3.60
C PHE E 233 2.60 -33.86 -3.46
N ASN E 234 2.56 -32.54 -3.30
CA ASN E 234 3.78 -31.78 -3.12
C ASN E 234 4.35 -32.16 -1.76
N GLY E 235 5.66 -31.99 -1.61
CA GLY E 235 6.32 -32.30 -0.35
C GLY E 235 6.97 -31.10 0.32
N LYS E 236 6.22 -30.00 0.42
CA LYS E 236 6.71 -28.78 1.03
C LYS E 236 5.91 -28.46 2.31
N SER E 237 6.61 -28.04 3.37
CA SER E 237 5.98 -27.72 4.66
C SER E 237 4.82 -26.73 4.60
N GLY E 238 3.77 -27.05 5.35
CA GLY E 238 2.59 -26.19 5.39
C GLY E 238 1.62 -26.43 4.24
N SER E 239 1.96 -27.33 3.31
CA SER E 239 1.10 -27.61 2.18
C SER E 239 1.01 -29.08 1.79
N SER E 240 1.69 -29.93 2.55
CA SER E 240 1.70 -31.37 2.30
C SER E 240 0.62 -32.11 3.09
N ILE E 241 0.00 -33.10 2.44
CA ILE E 241 -1.05 -33.89 3.09
C ILE E 241 -0.46 -35.07 3.86
N MSE E 242 0.85 -35.04 4.08
CA MSE E 242 1.49 -36.13 4.80
C MSE E 242 2.16 -35.60 6.06
O MSE E 242 2.76 -36.37 6.81
CB MSE E 242 2.53 -36.80 3.89
CG MSE E 242 2.54 -38.32 3.93
SE MSE E 242 0.89 -39.06 3.82
CE MSE E 242 0.33 -38.43 2.20
N GLU E 243 2.05 -34.30 6.29
CA GLU E 243 2.64 -33.68 7.47
C GLU E 243 1.56 -33.28 8.46
N ASP E 244 0.30 -33.45 8.07
CA ASP E 244 -0.82 -33.09 8.95
C ASP E 244 -1.88 -34.18 8.89
N GLU E 245 -1.90 -35.03 9.92
CA GLU E 245 -2.84 -36.13 10.02
C GLU E 245 -4.22 -35.84 9.42
N ASP E 246 -4.91 -34.84 9.93
CA ASP E 246 -6.24 -34.55 9.43
C ASP E 246 -6.32 -33.80 8.11
N LEU E 247 -5.18 -33.40 7.54
CA LEU E 247 -5.22 -32.74 6.24
C LEU E 247 -5.41 -33.84 5.21
N PHE E 248 -4.77 -34.98 5.47
CA PHE E 248 -4.86 -36.14 4.60
C PHE E 248 -6.30 -36.65 4.66
N ASN E 249 -6.79 -36.86 5.88
CA ASN E 249 -8.14 -37.35 6.11
C ASN E 249 -9.15 -36.47 5.42
N LEU E 250 -8.86 -35.17 5.36
CA LEU E 250 -9.75 -34.21 4.72
C LEU E 250 -9.60 -34.28 3.20
N ALA E 251 -8.38 -34.50 2.72
CA ALA E 251 -8.12 -34.59 1.29
C ALA E 251 -8.84 -35.80 0.72
N GLU E 252 -8.73 -36.93 1.43
CA GLU E 252 -9.38 -38.18 1.01
C GLU E 252 -10.89 -38.01 1.03
N ARG E 253 -11.41 -37.39 2.08
CA ARG E 253 -12.84 -37.18 2.21
C ARG E 253 -13.30 -36.47 0.95
N CYS E 254 -12.65 -35.36 0.64
CA CYS E 254 -12.99 -34.56 -0.53
C CYS E 254 -13.08 -35.38 -1.81
N GLU E 257 -15.08 -36.65 -2.93
CA GLU E 257 -16.54 -36.61 -3.05
C GLU E 257 -16.80 -36.03 -4.42
N GLY E 258 -15.72 -35.66 -5.10
CA GLY E 258 -15.84 -35.08 -6.42
C GLY E 258 -14.72 -34.10 -6.67
N ILE E 259 -13.90 -33.87 -5.66
CA ILE E 259 -12.76 -32.95 -5.81
C ILE E 259 -11.65 -33.78 -6.46
N ARG E 260 -11.17 -33.29 -7.60
CA ARG E 260 -10.15 -34.00 -8.36
C ARG E 260 -8.70 -33.69 -7.99
N LEU E 261 -8.01 -34.66 -7.42
CA LEU E 261 -6.62 -34.46 -7.06
C LEU E 261 -5.74 -34.66 -8.31
N ASP E 262 -5.03 -33.60 -8.68
CA ASP E 262 -4.16 -33.59 -9.85
C ASP E 262 -2.72 -33.40 -9.37
N ILE E 263 -1.77 -34.02 -10.08
CA ILE E 263 -0.37 -33.96 -9.70
C ILE E 263 0.28 -32.62 -10.00
N GLY E 264 0.33 -32.24 -11.26
CA GLY E 264 0.98 -30.98 -11.61
C GLY E 264 2.36 -31.01 -10.97
N HIS E 265 3.19 -31.94 -11.43
CA HIS E 265 4.55 -32.12 -10.90
C HIS E 265 5.28 -30.79 -10.71
N GLY E 266 5.55 -30.09 -11.81
CA GLY E 266 6.25 -28.82 -11.76
C GLY E 266 7.60 -28.91 -11.07
N GLY E 267 8.34 -27.80 -11.05
CA GLY E 267 9.64 -27.83 -10.42
C GLY E 267 9.63 -28.00 -8.89
N ALA E 268 8.46 -27.92 -8.28
CA ALA E 268 8.42 -28.06 -6.82
C ALA E 268 7.08 -28.55 -6.27
N SER E 269 6.42 -29.48 -6.97
CA SER E 269 5.13 -29.95 -6.47
C SER E 269 4.87 -31.46 -6.40
N PHE E 270 5.91 -32.28 -6.48
CA PHE E 270 5.69 -33.73 -6.40
C PHE E 270 6.75 -34.42 -5.54
N SER E 271 6.31 -35.36 -4.71
CA SER E 271 7.20 -36.11 -3.84
C SER E 271 6.87 -37.61 -3.86
N PHE E 272 7.92 -38.35 -4.18
CA PHE E 272 7.80 -39.80 -4.23
C PHE E 272 7.34 -40.27 -2.87
N LYS E 273 7.91 -39.67 -1.84
CA LYS E 273 7.56 -40.04 -0.47
C LYS E 273 6.08 -39.83 -0.20
N VAL E 274 5.56 -38.67 -0.59
CA VAL E 274 4.16 -38.36 -0.36
C VAL E 274 3.24 -39.25 -1.19
N ALA E 275 3.57 -39.44 -2.46
CA ALA E 275 2.76 -40.27 -3.34
C ALA E 275 2.78 -41.72 -2.85
N GLU E 276 3.96 -42.18 -2.46
CA GLU E 276 4.13 -43.54 -1.97
C GLU E 276 3.26 -43.73 -0.73
N ALA E 277 3.38 -42.82 0.22
CA ALA E 277 2.61 -42.89 1.46
C ALA E 277 1.10 -42.87 1.22
N ALA E 278 0.64 -41.95 0.35
CA ALA E 278 -0.78 -41.80 0.05
C ALA E 278 -1.36 -42.92 -0.81
N ILE E 279 -0.55 -43.50 -1.68
CA ILE E 279 -1.04 -44.57 -2.53
C ILE E 279 -1.20 -45.86 -1.73
N ALA E 280 -0.43 -46.00 -0.67
CA ALA E 280 -0.52 -47.19 0.17
C ALA E 280 -1.85 -47.13 0.92
N ARG E 281 -2.28 -45.92 1.26
CA ARG E 281 -3.52 -45.71 1.99
C ARG E 281 -4.74 -45.62 1.07
N GLY E 282 -4.61 -46.14 -0.15
CA GLY E 282 -5.71 -46.12 -1.10
C GLY E 282 -6.16 -44.77 -1.65
N LEU E 283 -5.34 -43.71 -1.50
CA LEU E 283 -5.63 -42.43 -2.12
C LEU E 283 -4.80 -42.23 -3.38
N LEU E 284 -5.40 -42.46 -4.54
CA LEU E 284 -4.69 -42.28 -5.81
C LEU E 284 -5.02 -40.90 -6.36
N PRO E 285 -4.15 -40.37 -7.23
CA PRO E 285 -4.44 -39.06 -7.80
C PRO E 285 -5.42 -39.24 -8.95
N PHE E 286 -6.38 -38.34 -9.07
CA PHE E 286 -7.38 -38.43 -10.12
C PHE E 286 -6.72 -38.36 -11.48
N SER E 287 -5.76 -37.47 -11.63
CA SER E 287 -5.06 -37.32 -12.91
C SER E 287 -3.58 -36.97 -12.78
N ILE E 288 -2.79 -37.50 -13.71
CA ILE E 288 -1.37 -37.23 -13.74
C ILE E 288 -1.11 -36.11 -14.75
N SER E 289 -0.44 -35.07 -14.28
CA SER E 289 -0.13 -33.93 -15.13
C SER E 289 1.31 -33.52 -14.88
N THR E 290 1.88 -32.83 -15.86
CA THR E 290 3.27 -32.41 -15.82
C THR E 290 3.61 -31.04 -15.20
N ASP E 291 2.75 -30.05 -15.43
CA ASP E 291 3.00 -28.67 -14.99
C ASP E 291 4.35 -28.31 -15.57
N LEU E 292 4.52 -28.71 -16.82
CA LEU E 292 5.74 -28.48 -17.57
C LEU E 292 5.78 -27.04 -18.02
N HIS E 293 6.96 -26.44 -17.93
CA HIS E 293 7.16 -25.05 -18.36
C HIS E 293 8.66 -24.73 -18.38
N GLY E 294 8.99 -23.54 -18.86
CA GLY E 294 10.38 -23.12 -18.96
C GLY E 294 11.35 -23.64 -17.91
N HIS E 295 11.04 -23.44 -16.64
CA HIS E 295 11.93 -23.85 -15.56
C HIS E 295 11.55 -25.16 -14.88
N SER E 296 11.06 -26.11 -15.68
CA SER E 296 10.66 -27.42 -15.17
C SER E 296 10.75 -28.47 -16.28
N MSE E 297 10.86 -28.02 -17.53
CA MSE E 297 10.95 -28.96 -18.65
C MSE E 297 12.35 -29.53 -18.79
O MSE E 297 12.53 -30.57 -19.44
CB MSE E 297 10.59 -28.29 -19.99
CG MSE E 297 10.78 -29.25 -21.15
SE MSE E 297 10.27 -28.63 -22.74
CE MSE E 297 11.83 -27.98 -23.34
N ASN E 298 13.33 -28.88 -18.20
CA ASN E 298 14.67 -29.39 -18.34
C ASN E 298 15.16 -30.39 -17.31
N PHE E 299 15.02 -30.07 -16.02
CA PHE E 299 15.52 -30.98 -15.01
C PHE E 299 14.50 -31.76 -14.19
N PRO E 300 13.63 -31.06 -13.46
CA PRO E 300 12.64 -31.76 -12.64
C PRO E 300 11.83 -32.77 -13.46
N VAL E 301 10.90 -32.26 -14.25
CA VAL E 301 10.04 -33.09 -15.07
C VAL E 301 10.65 -33.04 -16.45
N TRP E 302 10.41 -34.06 -17.25
CA TRP E 302 10.94 -34.06 -18.60
C TRP E 302 9.74 -34.09 -19.53
N ASP E 303 8.70 -34.76 -19.06
CA ASP E 303 7.48 -34.89 -19.83
C ASP E 303 6.43 -35.70 -19.08
N LEU E 304 5.27 -35.85 -19.73
CA LEU E 304 4.17 -36.60 -19.17
C LEU E 304 4.58 -38.05 -19.03
N ALA E 305 5.23 -38.59 -20.06
CA ALA E 305 5.70 -39.96 -20.08
C ALA E 305 6.53 -40.36 -18.84
N THR E 306 7.48 -39.52 -18.44
CA THR E 306 8.30 -39.84 -17.27
C THR E 306 7.50 -39.66 -15.97
N THR E 307 6.55 -38.72 -15.99
CA THR E 307 5.72 -38.46 -14.81
C THR E 307 4.86 -39.70 -14.56
N MSE E 308 4.26 -40.22 -15.63
CA MSE E 308 3.43 -41.43 -15.57
C MSE E 308 4.27 -42.57 -14.97
O MSE E 308 3.77 -43.36 -14.18
CB MSE E 308 2.95 -41.85 -16.99
CG MSE E 308 2.01 -40.86 -17.71
SE MSE E 308 1.67 -41.20 -19.44
CE MSE E 308 1.02 -42.76 -19.28
N SER E 309 5.54 -42.62 -15.37
CA SER E 309 6.47 -43.63 -14.87
C SER E 309 6.74 -43.42 -13.38
N LYS E 310 7.01 -42.17 -12.99
CA LYS E 310 7.27 -41.88 -11.58
C LYS E 310 6.13 -42.36 -10.69
N LEU E 311 4.90 -42.36 -11.20
CA LEU E 311 3.77 -42.82 -10.41
C LEU E 311 3.58 -44.33 -10.50
N LEU E 312 4.10 -44.93 -11.57
CA LEU E 312 3.97 -46.38 -11.72
C LEU E 312 4.94 -47.00 -10.71
N SER E 313 6.05 -46.31 -10.50
CA SER E 313 7.10 -46.77 -9.58
C SER E 313 6.63 -46.86 -8.13
N VAL E 314 5.75 -45.95 -7.71
CA VAL E 314 5.26 -46.04 -6.34
C VAL E 314 4.39 -47.28 -6.20
N ASP E 315 3.19 -47.25 -6.78
CA ASP E 315 2.29 -48.40 -6.72
C ASP E 315 1.02 -48.21 -7.53
N MSE E 316 0.85 -47.04 -8.13
CA MSE E 316 -0.34 -46.78 -8.93
C MSE E 316 -0.37 -47.76 -10.10
O MSE E 316 0.50 -47.74 -10.97
CB MSE E 316 -0.35 -45.32 -9.44
CG MSE E 316 -1.71 -44.87 -9.98
SE MSE E 316 -1.84 -43.07 -10.14
CE MSE E 316 -3.00 -42.88 -11.36
N PRO E 317 -1.37 -48.67 -10.09
CA PRO E 317 -1.50 -49.67 -11.15
C PRO E 317 -1.46 -49.09 -12.57
N PHE E 318 -0.93 -49.89 -13.48
CA PHE E 318 -0.82 -49.49 -14.89
C PHE E 318 -2.14 -48.92 -15.42
N GLU E 319 -3.18 -49.75 -15.39
CA GLU E 319 -4.48 -49.34 -15.91
C GLU E 319 -4.94 -48.03 -15.26
N ASN E 320 -4.56 -47.80 -14.01
CA ASN E 320 -4.93 -46.57 -13.31
C ASN E 320 -4.14 -45.36 -13.82
N VAL E 321 -2.84 -45.55 -14.02
CA VAL E 321 -1.98 -44.50 -14.53
C VAL E 321 -2.45 -44.13 -15.95
N VAL E 322 -2.88 -45.13 -16.70
CA VAL E 322 -3.34 -44.89 -18.07
C VAL E 322 -4.61 -44.06 -18.17
N GLU E 323 -5.55 -44.27 -17.27
CA GLU E 323 -6.77 -43.50 -17.34
C GLU E 323 -6.55 -42.12 -16.73
N ALA E 324 -5.55 -42.03 -15.87
CA ALA E 324 -5.23 -40.78 -15.22
C ALA E 324 -4.65 -39.77 -16.21
N VAL E 325 -4.38 -40.24 -17.43
CA VAL E 325 -3.79 -39.41 -18.48
C VAL E 325 -4.74 -39.33 -19.67
N THR E 326 -5.92 -39.92 -19.51
CA THR E 326 -6.89 -39.91 -20.58
C THR E 326 -8.30 -39.62 -20.08
N ARG E 327 -9.03 -40.68 -19.73
CA ARG E 327 -10.41 -40.61 -19.25
C ARG E 327 -10.63 -39.58 -18.14
N ASN E 328 -10.01 -39.80 -17.00
CA ASN E 328 -10.15 -38.88 -15.88
C ASN E 328 -9.96 -37.42 -16.29
N PRO E 329 -8.72 -37.02 -16.66
CA PRO E 329 -8.56 -35.61 -17.06
C PRO E 329 -9.51 -35.14 -18.15
N ALA E 330 -9.87 -36.03 -19.08
CA ALA E 330 -10.80 -35.66 -20.17
C ALA E 330 -12.20 -35.32 -19.63
N SER E 331 -12.57 -35.94 -18.52
CA SER E 331 -13.87 -35.66 -17.91
C SER E 331 -13.90 -34.28 -17.28
N VAL E 332 -12.73 -33.77 -16.89
CA VAL E 332 -12.57 -32.45 -16.31
C VAL E 332 -12.81 -31.35 -17.35
N ILE E 333 -12.29 -31.52 -18.57
CA ILE E 333 -12.47 -30.50 -19.61
C ILE E 333 -13.70 -30.79 -20.47
N ARG E 334 -14.44 -31.83 -20.07
CA ARG E 334 -15.66 -32.26 -20.75
C ARG E 334 -15.33 -32.85 -22.12
N LEU E 335 -14.17 -33.47 -22.24
CA LEU E 335 -13.75 -34.08 -23.49
C LEU E 335 -14.46 -35.42 -23.63
N ASP E 336 -15.23 -35.58 -24.72
CA ASP E 336 -15.95 -36.83 -24.94
C ASP E 336 -14.97 -37.92 -25.35
N MSE E 337 -14.84 -38.95 -24.52
CA MSE E 337 -13.92 -40.03 -24.81
C MSE E 337 -14.58 -41.42 -24.82
O MSE E 337 -14.00 -42.40 -24.34
CB MSE E 337 -12.76 -40.00 -23.82
CG MSE E 337 -11.45 -40.50 -24.36
SE MSE E 337 -10.19 -40.44 -23.13
CE MSE E 337 -9.30 -38.96 -23.71
N GLU E 338 -15.80 -41.50 -25.36
CA GLU E 338 -16.53 -42.76 -25.42
C GLU E 338 -16.44 -43.39 -26.80
N ASN E 339 -16.49 -44.71 -26.84
CA ASN E 339 -16.44 -45.47 -28.09
C ASN E 339 -15.36 -44.98 -29.05
N ARG E 340 -14.19 -44.64 -28.50
CA ARG E 340 -13.09 -44.13 -29.32
C ARG E 340 -12.50 -45.10 -30.33
N LEU E 341 -12.79 -46.40 -30.16
CA LEU E 341 -12.26 -47.40 -31.08
C LEU E 341 -13.19 -47.85 -32.20
N ASP E 342 -14.46 -47.50 -32.14
CA ASP E 342 -15.38 -47.97 -33.18
C ASP E 342 -15.49 -47.05 -34.41
N VAL E 343 -15.80 -47.67 -35.54
CA VAL E 343 -15.92 -47.00 -36.83
C VAL E 343 -16.62 -45.64 -36.77
N GLY E 344 -16.09 -44.68 -37.51
CA GLY E 344 -16.67 -43.35 -37.53
C GLY E 344 -15.89 -42.34 -36.69
N GLN E 345 -15.53 -42.71 -35.47
CA GLN E 345 -14.79 -41.82 -34.57
C GLN E 345 -13.50 -41.35 -35.22
N ARG E 346 -13.15 -40.08 -34.98
CA ARG E 346 -11.91 -39.49 -35.51
C ARG E 346 -10.76 -40.13 -34.75
N ALA E 347 -9.76 -40.61 -35.47
CA ALA E 347 -8.63 -41.27 -34.84
C ALA E 347 -7.83 -40.29 -34.00
N ASP E 348 -7.69 -40.62 -32.72
CA ASP E 348 -6.95 -39.80 -31.77
C ASP E 348 -6.28 -40.76 -30.78
N PHE E 349 -5.08 -41.23 -31.12
CA PHE E 349 -4.41 -42.18 -30.24
C PHE E 349 -2.98 -41.81 -29.91
N THR E 350 -2.43 -42.62 -29.00
CA THR E 350 -1.04 -42.53 -28.55
C THR E 350 -0.56 -43.99 -28.54
N VAL E 351 0.39 -44.32 -29.42
CA VAL E 351 0.94 -45.67 -29.45
C VAL E 351 2.12 -45.58 -28.50
N PHE E 352 2.28 -46.56 -27.62
CA PHE E 352 3.40 -46.48 -26.68
C PHE E 352 3.78 -47.82 -26.05
N ASP E 353 5.02 -47.90 -25.61
CA ASP E 353 5.53 -49.13 -24.98
C ASP E 353 5.81 -48.95 -23.50
N LEU E 354 5.84 -50.06 -22.78
CA LEU E 354 6.11 -50.05 -21.35
C LEU E 354 7.30 -50.97 -21.16
N VAL E 355 8.48 -50.45 -21.47
CA VAL E 355 9.71 -51.23 -21.38
C VAL E 355 10.45 -51.13 -20.07
N ASP E 356 11.19 -52.19 -19.75
CA ASP E 356 11.97 -52.24 -18.52
C ASP E 356 13.26 -51.45 -18.75
N ALA E 357 13.74 -50.80 -17.69
CA ALA E 357 14.97 -49.99 -17.77
C ALA E 357 15.15 -49.15 -16.51
N ASP E 358 16.28 -49.34 -15.81
CA ASP E 358 16.56 -48.61 -14.59
C ASP E 358 17.02 -47.18 -14.85
N LEU E 359 16.08 -46.25 -14.93
CA LEU E 359 16.40 -44.84 -15.15
C LEU E 359 16.21 -44.02 -13.87
N GLU E 360 17.17 -43.12 -13.62
CA GLU E 360 17.12 -42.27 -12.43
C GLU E 360 16.35 -41.00 -12.73
N ALA E 361 15.27 -40.80 -11.99
CA ALA E 361 14.42 -39.63 -12.14
C ALA E 361 14.41 -38.90 -10.80
N THR E 362 14.32 -37.58 -10.84
CA THR E 362 14.30 -36.79 -9.62
C THR E 362 13.02 -35.99 -9.47
N ASP E 363 12.37 -36.13 -8.33
CA ASP E 363 11.14 -35.38 -8.08
C ASP E 363 11.52 -33.95 -7.71
N SER E 364 10.51 -33.15 -7.33
CA SER E 364 10.73 -31.76 -6.99
C SER E 364 11.34 -31.49 -5.63
N ASN E 365 11.46 -32.53 -4.80
CA ASN E 365 12.08 -32.35 -3.49
C ASN E 365 13.48 -32.91 -3.52
N GLY E 366 14.00 -33.09 -4.73
CA GLY E 366 15.35 -33.61 -4.88
C GLY E 366 15.47 -35.12 -4.76
N ASP E 367 14.53 -35.74 -4.05
CA ASP E 367 14.53 -37.19 -3.86
C ASP E 367 14.64 -37.89 -5.21
N VAL E 368 15.65 -38.75 -5.33
CA VAL E 368 15.88 -39.49 -6.56
C VAL E 368 15.44 -40.94 -6.46
N SER E 369 14.66 -41.39 -7.44
CA SER E 369 14.16 -42.76 -7.47
C SER E 369 14.53 -43.38 -8.81
N ARG E 370 14.83 -44.67 -8.81
CA ARG E 370 15.19 -45.38 -10.04
C ARG E 370 13.95 -46.11 -10.55
N LEU E 371 13.62 -45.88 -11.81
CA LEU E 371 12.43 -46.50 -12.41
C LEU E 371 12.78 -47.80 -13.12
N LYS E 372 12.13 -48.89 -12.74
CA LYS E 372 12.40 -50.18 -13.36
C LYS E 372 11.60 -50.36 -14.66
N ARG E 373 10.51 -49.60 -14.80
CA ARG E 373 9.69 -49.64 -16.01
C ARG E 373 9.31 -48.22 -16.41
N LEU E 374 9.22 -47.98 -17.71
CA LEU E 374 8.83 -46.64 -18.19
C LEU E 374 8.04 -46.61 -19.49
N PHE E 375 7.10 -45.67 -19.54
CA PHE E 375 6.25 -45.47 -20.71
C PHE E 375 7.08 -44.84 -21.81
N GLU E 376 7.07 -45.46 -22.98
CA GLU E 376 7.86 -44.95 -24.09
C GLU E 376 6.98 -44.51 -25.27
N PRO E 377 6.71 -43.21 -25.39
CA PRO E 377 5.89 -42.75 -26.50
C PRO E 377 6.49 -43.21 -27.83
N ARG E 378 5.64 -43.56 -28.79
CA ARG E 378 6.10 -44.01 -30.10
C ARG E 378 5.44 -43.19 -31.20
N TYR E 379 4.12 -43.10 -31.12
CA TYR E 379 3.34 -42.37 -32.10
C TYR E 379 2.19 -41.62 -31.47
N ALA E 380 1.80 -40.55 -32.14
CA ALA E 380 0.68 -39.72 -31.73
C ALA E 380 -0.16 -39.61 -32.98
N VAL E 381 -1.26 -40.34 -33.04
CA VAL E 381 -2.10 -40.27 -34.21
C VAL E 381 -3.26 -39.32 -33.94
N ILE E 382 -3.32 -38.27 -34.74
CA ILE E 382 -4.34 -37.24 -34.68
C ILE E 382 -4.92 -37.11 -36.09
N GLY E 383 -6.07 -37.74 -36.32
CA GLY E 383 -6.69 -37.70 -37.64
C GLY E 383 -5.98 -38.63 -38.63
N ALA E 384 -5.68 -38.10 -39.82
CA ALA E 384 -4.96 -38.88 -40.84
C ALA E 384 -3.53 -38.41 -40.83
N GLU E 385 -3.02 -38.18 -39.64
CA GLU E 385 -1.66 -37.71 -39.45
C GLU E 385 -1.03 -38.47 -38.28
N ALA E 386 -0.07 -39.34 -38.59
CA ALA E 386 0.63 -40.11 -37.58
C ALA E 386 1.92 -39.33 -37.35
N ILE E 387 2.24 -39.05 -36.10
CA ILE E 387 3.42 -38.27 -35.77
C ILE E 387 4.30 -39.08 -34.84
N ALA E 388 5.56 -39.22 -35.24
CA ALA E 388 6.54 -39.96 -34.46
C ALA E 388 6.74 -39.25 -33.14
N ALA E 389 6.59 -39.99 -32.05
CA ALA E 389 6.74 -39.44 -30.72
C ALA E 389 8.01 -39.98 -30.07
N SER E 390 8.40 -39.36 -28.97
CA SER E 390 9.61 -39.73 -28.23
C SER E 390 9.62 -38.90 -26.97
N ARG E 391 10.00 -39.49 -25.84
CA ARG E 391 10.01 -38.68 -24.64
C ARG E 391 11.18 -37.69 -24.65
N TYR E 392 11.18 -36.76 -23.70
CA TYR E 392 12.23 -35.75 -23.61
C TYR E 392 13.57 -36.38 -23.26
N PRO F 16 9.88 -5.89 -59.96
CA PRO F 16 9.97 -5.17 -61.26
C PRO F 16 9.15 -3.88 -61.24
N ILE F 17 9.57 -2.87 -60.47
CA ILE F 17 8.80 -1.62 -60.37
C ILE F 17 9.30 -0.40 -61.14
N LEU F 18 8.35 0.43 -61.57
CA LEU F 18 8.61 1.64 -62.33
C LEU F 18 7.46 2.62 -62.07
N LEU F 19 7.65 3.51 -61.11
CA LEU F 19 6.63 4.48 -60.76
C LEU F 19 6.95 5.82 -61.42
N THR F 20 5.89 6.47 -61.91
CA THR F 20 5.98 7.78 -62.60
C THR F 20 5.16 8.91 -61.95
N ASN F 21 5.49 10.15 -62.35
CA ASN F 21 4.81 11.35 -61.85
C ASN F 21 4.84 11.55 -60.34
N VAL F 22 6.02 11.90 -59.81
CA VAL F 22 6.18 12.12 -58.37
C VAL F 22 7.15 13.27 -58.02
N LYS F 23 6.78 14.08 -57.02
CA LYS F 23 7.61 15.20 -56.57
C LYS F 23 8.24 14.79 -55.25
N PRO F 24 9.58 14.72 -55.20
CA PRO F 24 10.30 14.32 -53.97
C PRO F 24 10.33 15.29 -52.78
N VAL F 25 10.13 14.73 -51.59
CA VAL F 25 10.16 15.50 -50.35
C VAL F 25 10.77 14.65 -49.25
N GLY F 26 11.50 15.28 -48.34
CA GLY F 26 12.11 14.56 -47.23
C GLY F 26 13.53 14.06 -47.44
N PHE F 27 14.11 14.33 -48.60
CA PHE F 27 15.47 13.89 -48.86
C PHE F 27 16.46 15.06 -48.81
N ALA F 31 20.35 18.18 -50.07
CA ALA F 31 19.01 17.73 -50.47
C ALA F 31 18.49 18.46 -51.73
N SER F 32 17.93 17.69 -52.66
CA SER F 32 17.42 18.26 -53.92
C SER F 32 16.17 17.55 -54.50
N GLN F 33 15.21 18.36 -54.97
CA GLN F 33 13.97 17.86 -55.57
C GLN F 33 13.88 18.21 -57.07
N SER F 34 13.57 17.21 -57.90
CA SER F 34 13.44 17.44 -59.34
C SER F 34 12.11 17.02 -59.97
N SER F 35 11.45 16.02 -59.39
CA SER F 35 10.17 15.52 -59.86
C SER F 35 10.30 14.59 -61.06
N THR F 36 10.49 13.30 -60.82
CA THR F 36 10.64 12.34 -61.91
C THR F 36 9.89 11.02 -61.74
N ASP F 37 10.58 9.94 -62.07
CA ASP F 37 10.01 8.61 -61.99
C ASP F 37 11.12 7.59 -61.77
N ILE F 38 11.18 7.02 -60.57
CA ILE F 38 12.20 6.03 -60.22
C ILE F 38 11.74 4.62 -60.61
N LEU F 39 12.70 3.78 -61.02
CA LEU F 39 12.39 2.38 -61.38
C LEU F 39 13.12 1.52 -60.37
N ILE F 40 12.44 0.46 -59.92
CA ILE F 40 12.99 -0.46 -58.93
C ILE F 40 13.40 -1.80 -59.49
N GLY F 41 14.65 -2.15 -59.21
CA GLY F 41 15.24 -3.38 -59.68
C GLY F 41 14.62 -4.73 -59.37
N GLY F 42 13.32 -4.79 -59.08
CA GLY F 42 12.70 -6.08 -58.80
C GLY F 42 13.38 -6.95 -57.74
N ASP F 43 14.56 -6.53 -57.28
CA ASP F 43 15.29 -7.27 -56.25
C ASP F 43 15.32 -6.39 -55.00
N GLY F 44 14.42 -5.41 -54.99
CA GLY F 44 14.32 -4.49 -53.88
C GLY F 44 15.02 -3.18 -54.18
N LYS F 45 16.34 -3.26 -54.37
CA LYS F 45 17.15 -2.07 -54.64
C LYS F 45 16.65 -1.32 -55.87
N ILE F 46 16.75 0.01 -55.82
CA ILE F 46 16.33 0.87 -56.94
C ILE F 46 17.40 0.84 -58.04
N ALA F 47 17.05 1.35 -59.22
CA ALA F 47 18.00 1.35 -60.34
C ALA F 47 17.89 2.58 -61.22
N ALA F 48 16.77 2.68 -61.95
CA ALA F 48 16.60 3.83 -62.83
C ALA F 48 16.45 5.12 -62.06
N VAL F 49 17.56 5.87 -62.00
CA VAL F 49 17.62 7.15 -61.30
C VAL F 49 16.33 7.94 -61.49
N GLY F 50 16.33 8.87 -62.45
CA GLY F 50 15.17 9.73 -62.72
C GLY F 50 14.23 9.15 -63.78
N ARG F 61 3.46 -3.05 -62.07
CA ARG F 61 4.76 -3.00 -62.75
C ARG F 61 5.02 -1.61 -63.36
N ILE F 62 4.08 -0.70 -63.12
CA ILE F 62 4.14 0.69 -63.59
C ILE F 62 2.94 1.45 -62.99
N ASP F 63 3.22 2.56 -62.30
CA ASP F 63 2.15 3.36 -61.69
C ASP F 63 2.52 4.84 -61.73
N ALA F 64 1.53 5.73 -61.54
CA ALA F 64 1.79 7.18 -61.55
C ALA F 64 0.76 8.03 -60.78
N LYS F 65 0.96 9.35 -60.80
CA LYS F 65 0.06 10.29 -60.14
C LYS F 65 0.26 11.71 -60.66
N ALA F 67 0.89 12.86 -55.54
CA ALA F 67 2.07 12.71 -56.40
C ALA F 67 3.35 12.78 -55.57
N PHE F 68 3.26 13.32 -54.35
CA PHE F 68 4.43 13.45 -53.48
C PHE F 68 5.06 12.12 -53.15
N ILE F 69 6.39 12.09 -53.20
CA ILE F 69 7.14 10.89 -52.90
C ILE F 69 8.14 11.21 -51.79
N SER F 70 8.24 10.32 -50.81
CA SER F 70 9.15 10.52 -49.68
C SER F 70 9.59 9.20 -49.06
N PRO F 71 10.57 9.26 -48.15
CA PRO F 71 10.99 8.00 -47.53
C PRO F 71 9.77 7.43 -46.81
N GLY F 72 9.78 6.12 -46.55
CA GLY F 72 8.66 5.51 -45.86
C GLY F 72 8.39 6.17 -44.52
N TRP F 73 7.16 6.64 -44.34
CA TRP F 73 6.79 7.29 -43.09
C TRP F 73 7.08 6.37 -41.91
N VAL F 74 7.57 6.96 -40.82
CA VAL F 74 7.90 6.24 -39.59
C VAL F 74 6.99 6.77 -38.50
N ASP F 75 6.33 5.87 -37.78
CA ASP F 75 5.45 6.27 -36.68
C ASP F 75 6.18 5.85 -35.40
N LEU F 76 6.68 6.85 -34.67
CA LEU F 76 7.46 6.63 -33.44
C LEU F 76 6.72 6.15 -32.18
N HIS F 77 5.40 6.16 -32.21
CA HIS F 77 4.64 5.74 -31.03
C HIS F 77 3.35 4.97 -31.40
N VAL F 78 3.44 3.65 -31.44
CA VAL F 78 2.27 2.84 -31.75
C VAL F 78 2.25 1.64 -30.83
N HIS F 79 1.07 1.04 -30.67
CA HIS F 79 0.94 -0.15 -29.84
C HIS F 79 0.45 -1.29 -30.71
N ILE F 80 1.40 -2.11 -31.12
CA ILE F 80 1.14 -3.25 -31.98
C ILE F 80 1.55 -4.62 -31.41
N TRP F 81 1.64 -4.76 -30.10
CA TRP F 81 2.00 -6.06 -29.52
C TRP F 81 0.67 -6.82 -29.47
N HIS F 82 0.07 -6.97 -30.63
CA HIS F 82 -1.22 -7.64 -30.80
C HIS F 82 -1.26 -9.04 -30.21
N GLY F 83 -2.31 -9.32 -29.47
CA GLY F 83 -2.47 -10.62 -28.88
C GLY F 83 -1.85 -10.74 -27.51
N GLY F 84 -0.57 -10.39 -27.40
CA GLY F 84 0.14 -10.47 -26.13
C GLY F 84 -0.26 -9.33 -25.21
N THR F 85 -0.98 -8.38 -25.78
CA THR F 85 -1.43 -7.20 -25.09
C THR F 85 -2.92 -6.97 -25.36
N ASP F 86 -3.63 -6.43 -24.38
CA ASP F 86 -5.05 -6.20 -24.59
C ASP F 86 -5.32 -4.94 -25.38
N ILE F 87 -4.45 -3.94 -25.23
CA ILE F 87 -4.62 -2.67 -25.89
C ILE F 87 -4.07 -2.53 -27.32
N SER F 88 -3.13 -3.39 -27.69
CA SER F 88 -2.51 -3.34 -29.02
C SER F 88 -3.34 -3.79 -30.20
N ILE F 89 -3.11 -3.14 -31.33
CA ILE F 89 -3.78 -3.45 -32.58
C ILE F 89 -2.81 -4.26 -33.47
N ARG F 90 -3.22 -4.54 -34.71
CA ARG F 90 -2.36 -5.28 -35.65
C ARG F 90 -1.44 -4.34 -36.44
N PRO F 91 -0.23 -4.81 -36.79
CA PRO F 91 0.70 -3.96 -37.55
C PRO F 91 0.13 -3.58 -38.91
N SER F 92 -0.82 -4.39 -39.40
CA SER F 92 -1.45 -4.14 -40.70
C SER F 92 -2.45 -2.98 -40.66
N GLU F 93 -2.85 -2.58 -39.46
CA GLU F 93 -3.82 -1.51 -39.31
C GLU F 93 -3.14 -0.14 -39.29
N CYS F 94 -1.83 -0.10 -39.08
CA CYS F 94 -1.10 1.17 -39.02
C CYS F 94 0.21 1.08 -39.79
N GLY F 95 0.37 0.01 -40.56
CA GLY F 95 1.58 -0.18 -41.33
C GLY F 95 1.55 0.32 -42.76
N ALA F 96 2.07 -0.52 -43.65
CA ALA F 96 2.15 -0.22 -45.09
C ALA F 96 0.85 0.24 -45.71
N GLU F 97 -0.23 -0.47 -45.44
CA GLU F 97 -1.53 -0.15 -46.02
C GLU F 97 -1.99 1.24 -45.59
N ARG F 98 -1.40 1.82 -44.57
CA ARG F 98 -1.79 3.16 -44.14
C ARG F 98 -0.70 4.15 -44.51
N GLY F 99 0.31 3.65 -45.21
CA GLY F 99 1.40 4.50 -45.66
C GLY F 99 2.69 4.52 -44.86
N VAL F 100 2.84 3.69 -43.82
CA VAL F 100 4.08 3.74 -43.04
C VAL F 100 4.92 2.47 -43.14
N THR F 101 6.23 2.65 -43.35
CA THR F 101 7.15 1.53 -43.52
C THR F 101 7.87 1.14 -42.23
N THR F 102 7.84 2.02 -41.26
CA THR F 102 8.49 1.71 -40.00
C THR F 102 7.57 2.05 -38.84
N LEU F 103 7.41 1.08 -37.95
CA LEU F 103 6.56 1.20 -36.76
C LEU F 103 7.41 0.96 -35.52
N VAL F 104 7.38 1.91 -34.60
CA VAL F 104 8.13 1.81 -33.35
C VAL F 104 7.18 1.57 -32.18
N ASP F 105 7.09 0.33 -31.70
CA ASP F 105 6.21 0.06 -30.58
C ASP F 105 6.70 0.74 -29.30
N ALA F 106 5.81 1.56 -28.74
CA ALA F 106 6.07 2.35 -27.56
C ALA F 106 5.90 1.71 -26.17
N GLY F 107 6.64 0.65 -25.92
CA GLY F 107 6.60 0.03 -24.61
C GLY F 107 5.51 -0.95 -24.29
N SER F 108 4.85 -1.50 -25.31
CA SER F 108 3.80 -2.46 -25.05
C SER F 108 4.39 -3.70 -24.37
N ALA F 109 5.69 -3.90 -24.57
CA ALA F 109 6.36 -5.05 -23.98
C ALA F 109 7.48 -4.65 -23.03
N GLY F 110 7.64 -5.48 -22.00
CA GLY F 110 8.68 -5.29 -21.00
C GLY F 110 9.65 -6.46 -21.16
N GLU F 111 10.56 -6.65 -20.23
CA GLU F 111 11.51 -7.74 -20.34
C GLU F 111 10.85 -9.11 -20.31
N ALA F 112 9.75 -9.22 -19.59
CA ALA F 112 9.01 -10.48 -19.46
C ALA F 112 8.60 -11.16 -20.77
N ASN F 113 7.90 -10.45 -21.66
CA ASN F 113 7.46 -11.07 -22.91
C ASN F 113 7.89 -10.41 -24.20
N PHE F 114 9.08 -9.82 -24.23
CA PHE F 114 9.55 -9.19 -25.47
C PHE F 114 9.80 -10.22 -26.60
N HIS F 115 10.31 -11.40 -26.25
CA HIS F 115 10.59 -12.42 -27.25
C HIS F 115 9.36 -12.70 -28.06
N GLY F 116 8.21 -12.68 -27.38
CA GLY F 116 6.94 -12.92 -28.04
C GLY F 116 6.64 -11.84 -29.05
N PHE F 117 7.00 -10.60 -28.74
CA PHE F 117 6.79 -9.48 -29.64
C PHE F 117 7.69 -9.68 -30.85
N ARG F 118 8.92 -10.12 -30.60
CA ARG F 118 9.90 -10.35 -31.67
C ARG F 118 9.42 -11.43 -32.63
N GLU F 119 9.00 -12.56 -32.07
CA GLU F 119 8.52 -13.68 -32.85
C GLU F 119 7.22 -13.43 -33.62
N TYR F 120 6.20 -12.96 -32.92
CA TYR F 120 4.89 -12.72 -33.55
C TYR F 120 4.71 -11.42 -34.29
N ILE F 121 5.44 -10.37 -33.90
CA ILE F 121 5.25 -9.08 -34.54
C ILE F 121 6.42 -8.60 -35.40
N ILE F 122 7.62 -8.61 -34.86
CA ILE F 122 8.78 -8.16 -35.62
C ILE F 122 9.14 -9.03 -36.83
N GLU F 123 9.60 -10.25 -36.58
CA GLU F 123 9.99 -11.15 -37.63
C GLU F 123 9.01 -11.26 -38.81
N PRO F 124 7.71 -11.46 -38.53
CA PRO F 124 6.66 -11.60 -39.57
C PRO F 124 6.18 -10.42 -40.39
N SER F 125 6.53 -9.19 -40.06
CA SER F 125 6.02 -8.05 -40.83
C SER F 125 6.94 -7.52 -41.92
N ARG F 126 6.34 -6.97 -42.99
CA ARG F 126 7.15 -6.43 -44.07
C ARG F 126 7.72 -5.07 -43.68
N GLU F 127 7.06 -4.41 -42.74
CA GLU F 127 7.51 -3.11 -42.26
C GLU F 127 8.65 -3.35 -41.28
N ARG F 128 9.46 -2.32 -41.05
CA ARG F 128 10.54 -2.45 -40.09
C ARG F 128 9.85 -2.15 -38.76
N ILE F 129 9.95 -3.09 -37.83
CA ILE F 129 9.34 -2.92 -36.54
C ILE F 129 10.37 -2.82 -35.42
N LYS F 130 10.44 -1.62 -34.83
CA LYS F 130 11.35 -1.33 -33.73
C LYS F 130 10.49 -1.25 -32.50
N ALA F 131 11.13 -1.10 -31.35
CA ALA F 131 10.40 -1.06 -30.10
C ALA F 131 11.15 -0.42 -28.95
N PHE F 132 10.44 0.43 -28.22
CA PHE F 132 11.00 1.04 -27.03
C PHE F 132 10.62 -0.01 -25.99
N LEU F 133 11.59 -0.50 -25.23
CA LEU F 133 11.29 -1.49 -24.21
C LEU F 133 10.77 -0.82 -22.94
N ASN F 134 9.62 -1.27 -22.45
CA ASN F 134 9.06 -0.71 -21.24
C ASN F 134 9.99 -1.00 -20.05
N LEU F 135 10.03 -0.08 -19.10
CA LEU F 135 10.87 -0.20 -17.91
C LEU F 135 10.26 -1.26 -17.00
N GLY F 136 8.93 -1.35 -17.06
CA GLY F 136 8.19 -2.33 -16.26
C GLY F 136 8.10 -3.67 -17.00
N SER F 137 8.25 -4.77 -16.27
CA SER F 137 8.22 -6.11 -16.85
C SER F 137 6.98 -6.57 -17.62
N ILE F 138 5.79 -6.41 -17.05
CA ILE F 138 4.56 -6.86 -17.70
C ILE F 138 4.16 -5.99 -18.87
N GLY F 139 4.82 -4.86 -19.05
CA GLY F 139 4.45 -4.01 -20.16
C GLY F 139 2.99 -3.65 -20.06
N LEU F 140 2.32 -3.57 -21.20
CA LEU F 140 0.93 -3.20 -21.21
C LEU F 140 -0.04 -4.36 -21.39
N VAL F 141 0.21 -5.48 -20.71
CA VAL F 141 -0.68 -6.65 -20.82
C VAL F 141 -2.14 -6.21 -20.63
N ALA F 142 -2.40 -5.54 -19.52
CA ALA F 142 -3.74 -5.03 -19.20
C ALA F 142 -3.59 -3.53 -18.98
N CYS F 143 -3.36 -2.81 -20.07
CA CYS F 143 -3.11 -1.38 -20.03
C CYS F 143 -3.98 -0.50 -19.14
N ASN F 144 -3.30 0.18 -18.21
CA ASN F 144 -3.94 1.06 -17.24
C ASN F 144 -4.69 0.33 -16.14
N ARG F 145 -5.35 -0.77 -16.47
CA ARG F 145 -6.08 -1.55 -15.48
C ARG F 145 -5.11 -2.18 -14.47
N VAL F 146 -3.93 -2.54 -14.96
CA VAL F 146 -2.89 -3.14 -14.12
C VAL F 146 -1.53 -2.54 -14.46
N PRO F 147 -1.24 -1.34 -13.94
CA PRO F 147 -0.02 -0.57 -14.11
C PRO F 147 1.31 -1.37 -14.13
N GLU F 148 2.15 -1.09 -15.13
CA GLU F 148 3.45 -1.77 -15.27
C GLU F 148 4.54 -1.25 -14.31
N LEU F 149 4.40 -0.02 -13.83
CA LEU F 149 5.37 0.55 -12.89
C LEU F 149 4.72 0.84 -11.54
N ARG F 150 4.20 -0.21 -10.89
CA ARG F 150 3.55 -0.06 -9.59
C ARG F 150 4.58 0.29 -8.52
N ASP F 151 5.63 -0.50 -8.46
CA ASP F 151 6.66 -0.28 -7.47
C ASP F 151 7.99 -0.80 -7.98
N ILE F 152 8.93 -1.02 -7.08
CA ILE F 152 10.24 -1.48 -7.51
C ILE F 152 10.24 -2.92 -8.04
N LYS F 153 9.39 -3.77 -7.48
CA LYS F 153 9.33 -5.15 -7.94
C LYS F 153 9.07 -5.18 -9.44
N ASP F 154 8.42 -4.14 -9.94
CA ASP F 154 8.08 -4.04 -11.37
C ASP F 154 9.28 -3.84 -12.28
N ILE F 155 10.39 -3.38 -11.72
CA ILE F 155 11.59 -3.12 -12.50
C ILE F 155 12.64 -4.18 -12.23
N ASP F 156 13.24 -4.69 -13.30
CA ASP F 156 14.27 -5.70 -13.18
C ASP F 156 15.41 -5.26 -14.08
N LEU F 157 16.34 -4.51 -13.51
CA LEU F 157 17.49 -4.01 -14.25
C LEU F 157 18.25 -5.15 -14.97
N ASP F 158 18.48 -6.26 -14.26
CA ASP F 158 19.16 -7.40 -14.86
C ASP F 158 18.48 -7.88 -16.15
N ARG F 159 17.25 -8.33 -16.04
CA ARG F 159 16.52 -8.82 -17.20
C ARG F 159 16.41 -7.81 -18.34
N ILE F 160 16.33 -6.53 -17.99
CA ILE F 160 16.25 -5.52 -19.02
C ILE F 160 17.59 -5.49 -19.76
N LEU F 161 18.68 -5.69 -19.03
CA LEU F 161 20.02 -5.71 -19.60
C LEU F 161 20.21 -6.92 -20.49
N GLU F 162 19.92 -8.12 -19.97
CA GLU F 162 20.10 -9.32 -20.80
C GLU F 162 19.09 -9.37 -21.94
N CYS F 163 18.01 -8.61 -21.82
CA CYS F 163 16.99 -8.58 -22.87
C CYS F 163 17.53 -7.72 -24.01
N TYR F 164 18.18 -6.62 -23.64
CA TYR F 164 18.76 -5.69 -24.61
C TYR F 164 19.94 -6.36 -25.33
N ALA F 165 20.75 -7.07 -24.56
CA ALA F 165 21.91 -7.78 -25.10
C ALA F 165 21.45 -8.70 -26.23
N GLU F 166 20.35 -9.41 -25.98
CA GLU F 166 19.82 -10.37 -26.94
C GLU F 166 19.01 -9.68 -28.03
N ASN F 167 18.55 -8.47 -27.82
CA ASN F 167 17.74 -7.81 -28.84
C ASN F 167 18.09 -6.37 -29.19
N SER F 168 19.35 -5.99 -29.08
CA SER F 168 19.76 -4.62 -29.41
C SER F 168 19.44 -4.22 -30.86
N GLU F 169 19.23 -5.19 -31.74
CA GLU F 169 18.90 -4.82 -33.12
C GLU F 169 17.41 -4.51 -33.30
N HIS F 170 16.62 -4.74 -32.24
CA HIS F 170 15.17 -4.47 -32.25
C HIS F 170 14.76 -3.41 -31.23
N ILE F 171 15.46 -3.38 -30.10
CA ILE F 171 15.16 -2.42 -29.04
C ILE F 171 15.96 -1.13 -29.17
N VAL F 172 15.31 -0.09 -29.68
CA VAL F 172 15.91 1.21 -29.88
C VAL F 172 15.89 2.12 -28.64
N GLY F 173 15.36 1.63 -27.52
CA GLY F 173 15.31 2.46 -26.30
C GLY F 173 14.49 1.92 -25.14
N LEU F 174 14.28 2.71 -24.11
CA LEU F 174 13.48 2.35 -22.94
C LEU F 174 12.28 3.29 -22.79
N KCX F 175 11.16 2.93 -22.46
CA KCX F 175 10.05 3.85 -22.31
CB KCX F 175 8.88 3.40 -23.19
CG KCX F 175 7.63 4.26 -23.05
CD KCX F 175 6.55 3.86 -24.05
CE KCX F 175 5.17 4.25 -23.56
NZ KCX F 175 4.78 5.61 -24.02
C KCX F 175 9.62 3.95 -20.85
O KCX F 175 9.96 3.10 -20.02
CX KCX F 175 3.48 5.77 -23.96
OQ1 KCX F 175 2.98 6.55 -23.18
OQ2 KCX F 175 2.69 5.08 -24.81
N VAL F 176 8.84 4.87 -20.44
CA VAL F 176 8.30 4.97 -19.10
C VAL F 176 7.12 5.95 -19.13
N ARG F 177 6.03 5.52 -18.51
CA ARG F 177 4.84 6.38 -18.49
C ARG F 177 4.74 7.00 -17.10
N ALA F 178 5.23 8.22 -16.98
CA ALA F 178 5.22 8.95 -15.73
C ALA F 178 3.92 9.71 -15.45
N SER F 179 2.88 8.96 -15.10
CA SER F 179 1.58 9.54 -14.79
C SER F 179 1.17 8.80 -13.55
N HIS F 180 0.21 9.32 -12.79
CA HIS F 180 -0.19 8.62 -11.57
C HIS F 180 -1.06 7.42 -11.85
N VAL F 181 -1.71 7.39 -13.01
CA VAL F 181 -2.54 6.25 -13.38
C VAL F 181 -1.63 5.02 -13.44
N ILE F 182 -0.37 5.24 -13.80
CA ILE F 182 0.60 4.17 -13.91
C ILE F 182 1.51 4.04 -12.67
N THR F 183 2.25 5.10 -12.39
CA THR F 183 3.17 5.08 -11.24
C THR F 183 2.52 5.45 -9.89
N GLY F 184 1.23 5.71 -9.91
CA GLY F 184 0.53 6.03 -8.66
C GLY F 184 1.10 7.19 -7.85
N SER F 185 1.93 6.88 -6.85
CA SER F 185 2.49 7.92 -6.00
C SER F 185 4.01 8.10 -5.90
N TRP F 186 4.82 7.20 -6.46
CA TRP F 186 6.26 7.42 -6.31
C TRP F 186 6.91 8.33 -7.36
N GLY F 187 6.07 9.13 -8.00
CA GLY F 187 6.48 10.11 -9.00
C GLY F 187 7.70 9.91 -9.87
N VAL F 188 8.64 10.85 -9.77
CA VAL F 188 9.87 10.84 -10.58
C VAL F 188 10.87 9.74 -10.28
N THR F 189 10.80 9.10 -9.11
CA THR F 189 11.74 8.03 -8.78
C THR F 189 11.95 7.08 -9.97
N PRO F 190 10.89 6.38 -10.41
CA PRO F 190 11.08 5.48 -11.54
C PRO F 190 11.65 6.15 -12.80
N VAL F 191 11.34 7.44 -13.00
CA VAL F 191 11.86 8.14 -14.18
C VAL F 191 13.38 8.18 -14.06
N LYS F 192 13.86 8.32 -12.82
CA LYS F 192 15.29 8.38 -12.52
C LYS F 192 15.99 7.12 -12.96
N LEU F 193 15.38 5.99 -12.61
CA LEU F 193 15.93 4.68 -12.94
C LEU F 193 15.90 4.49 -14.44
N GLY F 194 14.81 4.93 -15.06
CA GLY F 194 14.65 4.82 -16.50
C GLY F 194 15.84 5.44 -17.18
N LYS F 195 16.20 6.65 -16.75
CA LYS F 195 17.34 7.36 -17.31
C LYS F 195 18.65 6.68 -16.91
N LYS F 196 18.75 6.22 -15.66
CA LYS F 196 19.96 5.53 -15.18
C LYS F 196 20.23 4.31 -16.04
N ILE F 197 19.22 3.42 -16.10
CA ILE F 197 19.27 2.18 -16.87
C ILE F 197 19.49 2.46 -18.35
N ALA F 198 18.94 3.56 -18.86
CA ALA F 198 19.08 3.92 -20.26
C ALA F 198 20.49 4.40 -20.57
N LYS F 199 21.19 4.85 -19.53
CA LYS F 199 22.55 5.32 -19.67
C LYS F 199 23.51 4.13 -19.69
N ILE F 200 23.45 3.30 -18.65
CA ILE F 200 24.33 2.16 -18.58
C ILE F 200 24.15 1.29 -19.83
N LEU F 201 23.04 1.53 -20.53
CA LEU F 201 22.69 0.78 -21.72
C LEU F 201 22.92 1.66 -22.96
N LYS F 202 23.28 2.92 -22.71
CA LYS F 202 23.56 3.92 -23.75
C LYS F 202 22.52 3.96 -24.86
N VAL F 203 21.27 4.20 -24.48
CA VAL F 203 20.16 4.27 -25.42
C VAL F 203 19.26 5.42 -24.98
N PRO F 204 18.35 5.88 -25.86
CA PRO F 204 17.46 6.98 -25.48
C PRO F 204 16.26 6.49 -24.69
N MSE F 205 15.60 7.43 -24.01
CA MSE F 205 14.42 7.09 -23.24
C MSE F 205 13.22 7.93 -23.70
O MSE F 205 13.30 9.15 -23.84
CB MSE F 205 14.70 7.32 -21.74
CG MSE F 205 13.51 7.05 -20.80
SE MSE F 205 13.95 7.14 -19.03
CE MSE F 205 14.11 8.88 -18.82
N MSE F 206 12.11 7.26 -23.98
CA MSE F 206 10.91 7.98 -24.37
C MSE F 206 10.06 8.05 -23.11
O MSE F 206 9.65 7.01 -22.57
CB MSE F 206 10.12 7.24 -25.47
CG MSE F 206 8.75 7.87 -25.81
SE MSE F 206 7.83 7.09 -27.17
CE MSE F 206 6.95 6.04 -26.34
N VAL F 207 9.81 9.26 -22.60
CA VAL F 207 9.00 9.40 -21.40
C VAL F 207 7.64 10.00 -21.74
N HIS F 208 6.60 9.39 -21.20
CA HIS F 208 5.21 9.79 -21.41
C HIS F 208 4.85 10.69 -20.24
N VAL F 209 4.32 11.86 -20.54
CA VAL F 209 3.90 12.79 -19.51
C VAL F 209 2.39 12.84 -19.49
N GLY F 210 1.81 12.98 -18.29
CA GLY F 210 0.37 13.01 -18.17
C GLY F 210 -0.05 13.63 -16.85
N GLU F 211 -0.98 12.97 -16.15
CA GLU F 211 -1.48 13.46 -14.86
C GLU F 211 -0.36 13.88 -13.93
N PRO F 212 -0.39 15.15 -13.45
CA PRO F 212 0.56 15.82 -12.55
C PRO F 212 1.29 15.10 -11.44
N PRO F 213 0.71 14.04 -10.84
CA PRO F 213 1.45 13.37 -9.76
C PRO F 213 2.93 13.15 -10.04
N ALA F 214 3.29 13.13 -11.32
CA ALA F 214 4.68 13.03 -11.80
C ALA F 214 4.76 14.21 -12.79
N LEU F 215 5.14 15.38 -12.28
CA LEU F 215 5.21 16.62 -13.05
C LEU F 215 6.01 16.63 -14.35
N TYR F 216 5.41 17.25 -15.36
CA TYR F 216 6.03 17.39 -16.67
C TYR F 216 7.40 18.04 -16.40
N ASP F 217 7.37 19.16 -15.66
CA ASP F 217 8.56 19.94 -15.31
C ASP F 217 9.73 19.06 -14.86
N GLU F 218 9.46 18.11 -13.98
CA GLU F 218 10.50 17.22 -13.46
C GLU F 218 11.08 16.25 -14.49
N VAL F 219 10.25 15.77 -15.40
CA VAL F 219 10.71 14.84 -16.43
C VAL F 219 11.70 15.52 -17.38
N LEU F 220 11.46 16.77 -17.73
CA LEU F 220 12.34 17.50 -18.64
C LEU F 220 13.68 17.76 -17.95
N GLU F 221 13.63 17.85 -16.62
CA GLU F 221 14.79 18.11 -15.79
C GLU F 221 15.75 16.91 -15.76
N ILE F 222 15.22 15.72 -15.95
CA ILE F 222 16.00 14.48 -15.90
C ILE F 222 16.55 14.03 -17.24
N LEU F 223 15.88 14.44 -18.30
CA LEU F 223 16.25 14.05 -19.65
C LEU F 223 17.45 14.76 -20.26
N GLY F 224 18.20 14.04 -21.07
CA GLY F 224 19.37 14.57 -21.75
C GLY F 224 19.10 14.70 -23.25
N PRO F 225 20.12 15.06 -24.04
CA PRO F 225 19.91 15.19 -25.48
C PRO F 225 19.56 13.82 -26.06
N GLY F 226 18.67 13.80 -27.04
CA GLY F 226 18.27 12.55 -27.67
C GLY F 226 17.02 11.87 -27.12
N ASP F 227 16.75 12.12 -25.84
CA ASP F 227 15.58 11.55 -25.19
C ASP F 227 14.30 12.12 -25.79
N VAL F 228 13.20 11.41 -25.61
CA VAL F 228 11.95 11.85 -26.17
C VAL F 228 10.88 12.02 -25.09
N VAL F 229 10.06 13.05 -25.24
CA VAL F 229 8.95 13.28 -24.33
C VAL F 229 7.71 13.13 -25.20
N THR F 230 6.88 12.12 -24.95
CA THR F 230 5.67 11.94 -25.77
C THR F 230 4.51 12.68 -25.14
N HIS F 231 3.45 12.88 -25.91
CA HIS F 231 2.28 13.58 -25.42
C HIS F 231 2.69 15.03 -25.09
N CYS F 232 3.64 15.55 -25.85
CA CYS F 232 4.18 16.89 -25.64
C CYS F 232 3.15 18.02 -25.70
N PHE F 233 2.15 17.87 -26.56
CA PHE F 233 1.13 18.90 -26.69
C PHE F 233 -0.23 18.54 -26.15
N ASN F 234 -0.25 17.87 -25.00
CA ASN F 234 -1.52 17.49 -24.40
C ASN F 234 -2.15 18.75 -23.79
N GLY F 235 -3.48 18.84 -23.85
CA GLY F 235 -4.17 19.99 -23.29
C GLY F 235 -4.90 19.64 -22.02
N LYS F 236 -4.33 18.75 -21.21
CA LYS F 236 -4.96 18.33 -19.96
C LYS F 236 -4.46 19.10 -18.71
N SER F 237 -5.36 19.32 -17.75
CA SER F 237 -5.02 20.05 -16.53
C SER F 237 -3.88 19.44 -15.72
N GLY F 238 -2.84 20.23 -15.47
CA GLY F 238 -1.71 19.75 -14.69
C GLY F 238 -0.55 19.19 -15.50
N SER F 239 -0.66 19.22 -16.84
CA SER F 239 0.39 18.70 -17.69
C SER F 239 0.51 19.39 -19.06
N SER F 240 -0.22 20.49 -19.24
CA SER F 240 -0.22 21.24 -20.49
C SER F 240 0.81 22.35 -20.48
N ILE F 241 1.75 22.33 -21.42
CA ILE F 241 2.78 23.36 -21.46
C ILE F 241 2.19 24.74 -21.73
N MSE F 242 0.86 24.83 -21.70
CA MSE F 242 0.19 26.10 -21.91
C MSE F 242 -0.70 26.50 -20.75
O MSE F 242 -1.80 27.01 -20.95
CB MSE F 242 -0.64 26.09 -23.21
CG MSE F 242 0.15 26.00 -24.50
SE MSE F 242 1.41 27.30 -24.70
CE MSE F 242 0.38 28.74 -24.84
N GLU F 243 -0.24 26.26 -19.52
CA GLU F 243 -1.00 26.62 -18.33
C GLU F 243 -0.03 27.06 -17.24
N ASP F 244 1.24 26.71 -17.41
CA ASP F 244 2.28 27.08 -16.45
C ASP F 244 3.46 27.65 -17.23
N GLU F 245 3.40 28.94 -17.55
CA GLU F 245 4.46 29.63 -18.30
C GLU F 245 5.85 29.12 -17.99
N ASP F 246 6.08 28.67 -16.76
CA ASP F 246 7.39 28.13 -16.38
C ASP F 246 7.69 26.87 -17.17
N LEU F 247 6.68 25.99 -17.25
CA LEU F 247 6.81 24.74 -17.99
C LEU F 247 7.08 25.02 -19.46
N PHE F 248 6.31 25.92 -20.05
CA PHE F 248 6.51 26.23 -21.45
C PHE F 248 7.94 26.69 -21.67
N ASN F 249 8.34 27.71 -20.92
CA ASN F 249 9.69 28.25 -21.02
C ASN F 249 10.70 27.11 -20.93
N LEU F 250 10.42 26.14 -20.04
CA LEU F 250 11.31 25.00 -19.85
C LEU F 250 11.20 24.07 -21.06
N ALA F 251 9.98 23.77 -21.48
CA ALA F 251 9.79 22.91 -22.64
C ALA F 251 10.69 23.42 -23.76
N GLU F 252 10.59 24.71 -24.05
CA GLU F 252 11.37 25.36 -25.10
C GLU F 252 12.86 25.24 -24.84
N ARG F 253 13.28 25.55 -23.63
CA ARG F 253 14.69 25.46 -23.26
C ARG F 253 15.26 24.06 -23.50
N CYS F 254 14.55 23.04 -23.01
CA CYS F 254 14.99 21.66 -23.19
C CYS F 254 14.96 21.24 -24.65
N GLU F 257 16.66 21.86 -26.45
CA GLU F 257 18.10 21.97 -26.68
C GLU F 257 18.65 20.54 -26.63
N GLY F 258 17.92 19.62 -27.25
CA GLY F 258 18.33 18.23 -27.29
C GLY F 258 17.15 17.29 -27.09
N ILE F 259 16.36 17.57 -26.06
CA ILE F 259 15.16 16.79 -25.73
C ILE F 259 14.16 16.94 -26.88
N ARG F 260 13.71 15.80 -27.43
CA ARG F 260 12.75 15.80 -28.53
C ARG F 260 11.31 15.78 -28.05
N LEU F 261 10.48 16.59 -28.66
CA LEU F 261 9.07 16.65 -28.33
C LEU F 261 8.30 15.82 -29.37
N ASP F 262 7.66 14.76 -28.92
CA ASP F 262 6.91 13.88 -29.83
C ASP F 262 5.40 13.97 -29.54
N ILE F 263 4.59 14.08 -30.59
CA ILE F 263 3.13 14.22 -30.41
C ILE F 263 2.48 13.07 -29.66
N GLY F 264 2.61 11.85 -30.16
CA GLY F 264 2.00 10.72 -29.49
C GLY F 264 0.55 11.05 -29.21
N HIS F 265 -0.15 11.54 -30.24
CA HIS F 265 -1.55 11.94 -30.13
C HIS F 265 -2.36 11.16 -29.10
N GLY F 266 -2.66 9.90 -29.41
CA GLY F 266 -3.45 9.07 -28.50
C GLY F 266 -4.84 9.64 -28.23
N GLY F 267 -5.55 9.02 -27.30
CA GLY F 267 -6.90 9.51 -27.00
C GLY F 267 -6.93 10.53 -25.88
N ALA F 268 -5.79 11.11 -25.51
CA ALA F 268 -5.80 12.08 -24.42
C ALA F 268 -4.61 13.01 -24.40
N SER F 269 -3.72 12.85 -25.37
CA SER F 269 -2.51 13.65 -25.38
C SER F 269 -2.34 14.75 -26.42
N PHE F 270 -3.38 15.03 -27.21
CA PHE F 270 -3.25 16.09 -28.21
C PHE F 270 -4.42 17.08 -28.23
N SER F 271 -4.10 18.37 -28.11
CA SER F 271 -5.13 19.40 -28.16
C SER F 271 -4.73 20.43 -29.22
N PHE F 272 -5.62 20.71 -30.10
CA PHE F 272 -5.35 21.68 -31.15
C PHE F 272 -4.88 23.01 -30.54
N LYS F 273 -5.51 23.37 -29.43
CA LYS F 273 -5.21 24.61 -28.72
C LYS F 273 -3.76 24.71 -28.24
N VAL F 274 -3.27 23.66 -27.59
CA VAL F 274 -1.90 23.66 -27.11
C VAL F 274 -0.91 23.68 -28.26
N ALA F 275 -1.26 23.00 -29.35
CA ALA F 275 -0.37 22.94 -30.51
C ALA F 275 -0.30 24.28 -31.23
N GLU F 276 -1.46 24.82 -31.59
CA GLU F 276 -1.52 26.10 -32.28
C GLU F 276 -0.66 27.15 -31.60
N ALA F 277 -0.83 27.26 -30.28
CA ALA F 277 -0.12 28.21 -29.46
C ALA F 277 1.38 27.95 -29.42
N ALA F 278 1.74 26.69 -29.25
CA ALA F 278 3.15 26.32 -29.18
C ALA F 278 3.93 26.70 -30.43
N ILE F 279 3.44 26.29 -31.60
CA ILE F 279 4.15 26.59 -32.84
C ILE F 279 4.06 28.08 -33.15
N ALA F 280 3.04 28.73 -32.59
CA ALA F 280 2.86 30.15 -32.79
C ALA F 280 4.00 30.89 -32.11
N ARG F 281 4.60 30.25 -31.10
CA ARG F 281 5.73 30.81 -30.37
C ARG F 281 7.02 30.16 -30.86
N GLY F 282 7.01 29.72 -32.11
CA GLY F 282 8.19 29.10 -32.69
C GLY F 282 8.51 27.71 -32.19
N LEU F 283 7.79 27.17 -31.16
CA LEU F 283 7.99 25.83 -30.59
C LEU F 283 7.24 24.79 -31.42
N LEU F 284 8.00 23.98 -32.15
CA LEU F 284 7.40 22.94 -32.98
C LEU F 284 7.79 21.56 -32.47
N PRO F 285 6.92 20.55 -32.71
CA PRO F 285 7.19 19.18 -32.27
C PRO F 285 8.27 18.55 -33.14
N PHE F 286 9.23 17.87 -32.52
CA PHE F 286 10.32 17.23 -33.26
C PHE F 286 9.86 16.09 -34.17
N SER F 287 8.88 15.32 -33.72
CA SER F 287 8.35 14.22 -34.53
C SER F 287 6.85 14.02 -34.27
N ILE F 288 6.16 13.49 -35.28
CA ILE F 288 4.74 13.26 -35.16
C ILE F 288 4.38 11.78 -35.09
N SER F 289 3.78 11.39 -33.97
CA SER F 289 3.34 10.03 -33.73
C SER F 289 1.86 10.02 -33.41
N THR F 290 1.26 8.84 -33.45
CA THR F 290 -0.17 8.69 -33.21
C THR F 290 -0.52 8.07 -31.88
N ASP F 291 0.34 7.20 -31.39
CA ASP F 291 0.07 6.46 -30.17
C ASP F 291 -1.26 5.74 -30.42
N LEU F 292 -1.32 5.09 -31.58
CA LEU F 292 -2.49 4.32 -31.96
C LEU F 292 -2.57 3.05 -31.11
N HIS F 293 -3.79 2.70 -30.72
CA HIS F 293 -4.07 1.49 -29.94
C HIS F 293 -5.58 1.25 -30.05
N GLY F 294 -6.03 0.12 -29.52
CA GLY F 294 -7.44 -0.23 -29.57
C GLY F 294 -8.42 0.94 -29.48
N HIS F 295 -8.37 1.66 -28.37
CA HIS F 295 -9.26 2.80 -28.16
C HIS F 295 -9.02 3.99 -29.09
N SER F 296 -7.79 4.50 -29.10
CA SER F 296 -7.45 5.67 -29.91
C SER F 296 -7.59 5.54 -31.44
N MSE F 297 -7.26 4.39 -32.00
CA MSE F 297 -7.34 4.22 -33.46
C MSE F 297 -8.72 4.52 -34.06
O MSE F 297 -8.84 5.29 -35.02
CB MSE F 297 -6.95 2.79 -33.88
CG MSE F 297 -7.36 2.45 -35.32
SE MSE F 297 -6.82 0.88 -35.98
CE MSE F 297 -5.72 1.45 -37.17
N ASN F 298 -9.75 3.90 -33.50
CA ASN F 298 -11.09 4.11 -34.00
C ASN F 298 -11.52 5.57 -33.94
N PHE F 299 -11.53 6.17 -32.75
CA PHE F 299 -11.98 7.56 -32.67
C PHE F 299 -10.98 8.72 -32.75
N PRO F 300 -10.37 9.12 -31.62
CA PRO F 300 -9.41 10.25 -31.69
C PRO F 300 -8.66 10.38 -33.01
N VAL F 301 -7.55 9.66 -33.14
CA VAL F 301 -6.75 9.68 -34.36
C VAL F 301 -7.18 8.50 -35.20
N TRP F 302 -6.98 8.58 -36.51
CA TRP F 302 -7.39 7.47 -37.34
C TRP F 302 -6.15 6.77 -37.89
N ASP F 303 -5.13 7.57 -38.15
CA ASP F 303 -3.86 7.07 -38.67
C ASP F 303 -2.88 8.22 -38.64
N LEU F 304 -1.65 7.97 -39.09
CA LEU F 304 -0.60 8.98 -39.09
C LEU F 304 -0.88 10.13 -40.05
N ALA F 305 -1.51 9.83 -41.18
CA ALA F 305 -1.80 10.87 -42.17
C ALA F 305 -2.74 11.93 -41.62
N THR F 306 -3.89 11.52 -41.14
CA THR F 306 -4.86 12.45 -40.58
C THR F 306 -4.28 13.24 -39.41
N THR F 307 -3.20 12.71 -38.81
CA THR F 307 -2.54 13.37 -37.69
C THR F 307 -1.57 14.42 -38.25
N MSE F 308 -0.86 14.06 -39.32
CA MSE F 308 0.06 14.97 -39.98
C MSE F 308 -0.81 16.16 -40.42
O MSE F 308 -0.41 17.32 -40.28
CB MSE F 308 0.69 14.28 -41.21
CG MSE F 308 1.53 13.06 -40.86
SE MSE F 308 2.05 12.03 -42.23
CE MSE F 308 3.36 13.00 -42.91
N SER F 309 -1.99 15.83 -40.92
CA SER F 309 -2.94 16.84 -41.38
C SER F 309 -3.35 17.75 -40.23
N LYS F 310 -3.51 17.16 -39.04
CA LYS F 310 -3.90 17.91 -37.86
C LYS F 310 -2.90 19.01 -37.49
N LEU F 311 -1.61 18.69 -37.51
CA LEU F 311 -0.60 19.68 -37.16
C LEU F 311 -0.37 20.71 -38.26
N LEU F 312 -0.64 20.32 -39.50
CA LEU F 312 -0.48 21.24 -40.62
C LEU F 312 -1.60 22.26 -40.45
N SER F 313 -2.70 21.79 -39.87
CA SER F 313 -3.87 22.62 -39.60
C SER F 313 -3.53 23.72 -38.62
N VAL F 314 -2.57 23.48 -37.73
CA VAL F 314 -2.19 24.47 -36.74
C VAL F 314 -0.96 25.31 -37.09
N ASP F 315 -0.77 25.54 -38.39
CA ASP F 315 0.32 26.40 -38.89
C ASP F 315 1.73 25.80 -38.83
N MSE F 316 1.84 24.48 -38.92
CA MSE F 316 3.14 23.83 -38.92
C MSE F 316 3.48 23.63 -40.40
O MSE F 316 2.74 22.93 -41.10
CB MSE F 316 3.10 22.47 -38.20
CG MSE F 316 4.46 21.76 -38.10
SE MSE F 316 4.46 20.26 -37.05
CE MSE F 316 6.16 19.77 -37.14
N PRO F 317 4.56 24.25 -40.88
CA PRO F 317 4.99 24.14 -42.28
C PRO F 317 4.87 22.73 -42.85
N PHE F 318 4.90 22.64 -44.18
CA PHE F 318 4.80 21.36 -44.87
C PHE F 318 6.07 20.54 -44.68
N GLU F 319 7.23 21.14 -44.94
CA GLU F 319 8.50 20.46 -44.78
C GLU F 319 8.69 19.92 -43.36
N ASN F 320 8.39 20.76 -42.37
CA ASN F 320 8.52 20.37 -40.98
C ASN F 320 7.68 19.13 -40.69
N VAL F 321 6.47 19.10 -41.25
CA VAL F 321 5.57 17.96 -41.06
C VAL F 321 6.17 16.69 -41.65
N VAL F 322 6.41 16.70 -42.97
CA VAL F 322 6.99 15.54 -43.67
C VAL F 322 8.30 15.11 -43.04
N GLU F 323 9.09 16.06 -42.57
CA GLU F 323 10.37 15.76 -41.95
C GLU F 323 10.10 15.10 -40.60
N ALA F 324 9.08 15.57 -39.90
CA ALA F 324 8.72 15.05 -38.59
C ALA F 324 8.07 13.68 -38.61
N VAL F 325 7.97 13.06 -39.78
CA VAL F 325 7.39 11.73 -39.90
C VAL F 325 8.34 10.83 -40.69
N THR F 326 9.53 11.36 -40.99
CA THR F 326 10.54 10.61 -41.72
C THR F 326 11.92 10.80 -41.10
N ARG F 327 12.59 11.89 -41.47
CA ARG F 327 13.93 12.21 -40.98
C ARG F 327 14.13 12.16 -39.46
N ASN F 328 13.49 13.08 -38.76
CA ASN F 328 13.61 13.18 -37.30
C ASN F 328 13.30 11.90 -36.53
N PRO F 329 12.11 11.29 -36.77
CA PRO F 329 11.79 10.05 -36.05
C PRO F 329 12.83 8.98 -36.32
N ALA F 330 13.35 8.96 -37.55
CA ALA F 330 14.37 7.98 -37.91
C ALA F 330 15.62 8.27 -37.09
N SER F 331 15.82 9.52 -36.75
CA SER F 331 16.98 9.95 -35.95
C SER F 331 17.02 9.25 -34.59
N VAL F 332 15.87 9.21 -33.92
CA VAL F 332 15.75 8.59 -32.59
C VAL F 332 16.10 7.10 -32.60
N ILE F 333 15.55 6.37 -33.56
CA ILE F 333 15.79 4.94 -33.66
C ILE F 333 17.07 4.58 -34.44
N ARG F 334 17.90 5.60 -34.68
CA ARG F 334 19.18 5.44 -35.38
C ARG F 334 19.08 4.82 -36.77
N LEU F 335 18.03 5.15 -37.51
CA LEU F 335 17.86 4.65 -38.87
C LEU F 335 18.40 5.73 -39.81
N ASP F 336 19.52 5.47 -40.47
CA ASP F 336 20.05 6.50 -41.38
C ASP F 336 19.10 6.61 -42.57
N MSE F 337 18.86 7.84 -43.01
CA MSE F 337 17.93 8.09 -44.10
C MSE F 337 18.48 9.07 -45.15
O MSE F 337 17.72 9.77 -45.81
CB MSE F 337 16.63 8.62 -43.50
CG MSE F 337 15.43 8.65 -44.41
SE MSE F 337 13.95 9.14 -43.51
CE MSE F 337 13.29 7.53 -43.11
N GLU F 338 19.80 9.09 -45.29
CA GLU F 338 20.44 9.98 -46.26
C GLU F 338 20.71 9.28 -47.58
N ASN F 339 20.52 10.00 -48.68
CA ASN F 339 20.76 9.46 -50.01
C ASN F 339 19.92 8.22 -50.33
N ARG F 340 18.62 8.31 -50.09
CA ARG F 340 17.72 7.19 -50.37
C ARG F 340 16.98 7.36 -51.69
N LEU F 341 17.23 8.47 -52.37
CA LEU F 341 16.59 8.75 -53.65
C LEU F 341 17.49 8.32 -54.80
N ASP F 342 18.54 7.56 -54.50
CA ASP F 342 19.46 7.13 -55.55
C ASP F 342 19.78 5.65 -55.58
N VAL F 343 20.70 5.30 -56.49
CA VAL F 343 21.16 3.93 -56.70
C VAL F 343 20.18 2.87 -56.28
N ALA F 347 14.74 0.42 -51.02
CA ALA F 347 13.57 1.16 -51.50
C ALA F 347 12.45 1.28 -50.46
N ASP F 348 12.52 2.34 -49.65
CA ASP F 348 11.55 2.62 -48.59
C ASP F 348 10.80 3.91 -48.92
N PHE F 349 9.68 3.82 -49.63
CA PHE F 349 8.95 5.03 -50.01
C PHE F 349 7.49 5.08 -49.58
N THR F 350 6.94 6.29 -49.64
CA THR F 350 5.54 6.57 -49.31
C THR F 350 5.02 7.58 -50.33
N VAL F 351 4.02 7.16 -51.09
CA VAL F 351 3.40 7.98 -52.12
C VAL F 351 2.17 8.66 -51.52
N PHE F 352 2.20 9.97 -51.42
CA PHE F 352 1.08 10.73 -50.84
C PHE F 352 0.93 12.08 -51.53
N ASP F 353 -0.16 12.77 -51.23
CA ASP F 353 -0.41 14.09 -51.82
C ASP F 353 -1.30 14.94 -50.92
N LEU F 354 -1.29 16.26 -51.14
CA LEU F 354 -2.10 17.17 -50.35
C LEU F 354 -3.36 17.54 -51.13
N VAL F 355 -4.48 16.97 -50.74
CA VAL F 355 -5.74 17.26 -51.41
C VAL F 355 -6.55 18.29 -50.61
N ASP F 356 -7.02 19.33 -51.29
CA ASP F 356 -7.83 20.32 -50.60
C ASP F 356 -9.06 19.53 -50.17
N ALA F 357 -9.62 19.86 -49.02
CA ALA F 357 -10.80 19.15 -48.54
C ALA F 357 -11.39 19.84 -47.33
N ASP F 358 -12.38 19.20 -46.72
CA ASP F 358 -13.03 19.75 -45.54
C ASP F 358 -13.49 18.63 -44.63
N LEU F 359 -12.52 17.92 -44.02
CA LEU F 359 -12.82 16.83 -43.09
C LEU F 359 -12.87 17.39 -41.67
N GLU F 360 -13.74 16.84 -40.83
CA GLU F 360 -13.89 17.29 -39.46
C GLU F 360 -13.12 16.39 -38.49
N ALA F 361 -11.99 16.88 -37.98
CA ALA F 361 -11.16 16.10 -37.06
C ALA F 361 -11.22 16.59 -35.62
N THR F 362 -11.21 15.65 -34.68
CA THR F 362 -11.25 15.94 -33.25
C THR F 362 -9.89 15.69 -32.62
N ASP F 363 -9.63 16.35 -31.48
CA ASP F 363 -8.38 16.19 -30.75
C ASP F 363 -8.69 15.46 -29.44
N SER F 364 -7.67 15.23 -28.62
CA SER F 364 -7.83 14.54 -27.34
C SER F 364 -8.81 15.26 -26.40
N ASN F 365 -8.65 16.58 -26.28
CA ASN F 365 -9.52 17.37 -25.42
C ASN F 365 -10.94 17.46 -26.00
N GLY F 366 -11.20 16.70 -27.06
CA GLY F 366 -12.52 16.71 -27.68
C GLY F 366 -12.86 17.92 -28.55
N ASP F 367 -11.91 18.82 -28.74
CA ASP F 367 -12.13 20.02 -29.55
C ASP F 367 -12.05 19.66 -31.04
N VAL F 368 -13.09 19.99 -31.80
CA VAL F 368 -13.13 19.69 -33.23
C VAL F 368 -12.63 20.84 -34.12
N SER F 369 -11.98 20.48 -35.22
CA SER F 369 -11.46 21.45 -36.18
C SER F 369 -11.67 20.90 -37.59
N ARG F 370 -11.94 21.80 -38.54
CA ARG F 370 -12.17 21.39 -39.93
C ARG F 370 -10.92 21.51 -40.79
N LEU F 371 -10.36 20.37 -41.17
CA LEU F 371 -9.15 20.38 -41.98
C LEU F 371 -9.45 20.74 -43.43
N LYS F 372 -8.74 21.76 -43.90
CA LYS F 372 -8.89 22.25 -45.27
C LYS F 372 -8.00 21.48 -46.24
N ARG F 373 -6.92 20.90 -45.72
CA ARG F 373 -6.00 20.12 -46.55
C ARG F 373 -5.70 18.79 -45.84
N LEU F 374 -5.57 17.70 -46.61
CA LEU F 374 -5.31 16.38 -46.04
C LEU F 374 -4.20 15.60 -46.71
N PHE F 375 -3.32 15.02 -45.93
CA PHE F 375 -2.26 14.19 -46.51
C PHE F 375 -3.03 12.92 -46.89
N GLU F 376 -2.99 12.55 -48.15
CA GLU F 376 -3.71 11.37 -48.59
C GLU F 376 -2.70 10.36 -49.11
N PRO F 377 -2.42 9.31 -48.32
CA PRO F 377 -1.46 8.28 -48.72
C PRO F 377 -2.01 7.48 -49.89
N ARG F 378 -1.16 7.21 -50.88
CA ARG F 378 -1.55 6.46 -52.07
C ARG F 378 -0.88 5.10 -52.12
N TYR F 379 0.43 5.10 -52.29
CA TYR F 379 1.17 3.85 -52.35
C TYR F 379 2.29 3.78 -51.33
N ALA F 380 2.51 2.60 -50.78
CA ALA F 380 3.59 2.41 -49.82
C ALA F 380 4.53 1.45 -50.52
N VAL F 381 5.81 1.81 -50.59
CA VAL F 381 6.77 0.94 -51.26
C VAL F 381 7.92 0.51 -50.38
N ILE F 382 7.95 -0.79 -50.09
CA ILE F 382 9.00 -1.39 -49.26
C ILE F 382 9.63 -2.49 -50.10
N GLY F 383 10.80 -2.21 -50.67
CA GLY F 383 11.45 -3.19 -51.50
C GLY F 383 10.74 -3.29 -52.84
N ALA F 384 10.72 -4.49 -53.41
CA ALA F 384 10.08 -4.69 -54.71
C ALA F 384 8.61 -5.06 -54.50
N GLU F 385 7.98 -4.39 -53.54
CA GLU F 385 6.58 -4.62 -53.22
C GLU F 385 5.85 -3.31 -52.97
N ALA F 386 5.08 -2.88 -53.96
CA ALA F 386 4.31 -1.65 -53.85
C ALA F 386 2.93 -1.96 -53.26
N ILE F 387 2.75 -1.64 -51.98
CA ILE F 387 1.47 -1.88 -51.30
C ILE F 387 0.59 -0.64 -51.43
N ALA F 388 -0.41 -0.72 -52.31
CA ALA F 388 -1.31 0.39 -52.52
C ALA F 388 -2.26 0.38 -51.35
N ALA F 389 -2.43 1.54 -50.71
CA ALA F 389 -3.35 1.61 -49.59
C ALA F 389 -3.40 2.99 -48.95
N SER F 390 -4.59 3.57 -48.94
CA SER F 390 -4.82 4.89 -48.37
C SER F 390 -4.96 4.87 -46.85
N ARG F 391 -5.82 5.73 -46.31
CA ARG F 391 -6.00 5.83 -44.87
C ARG F 391 -7.22 5.12 -44.27
N TYR F 392 -7.25 5.09 -42.94
CA TYR F 392 -8.29 4.44 -42.15
C TYR F 392 -9.67 5.07 -42.29
N ILE F 393 -10.72 4.28 -42.02
CA ILE F 393 -12.10 4.74 -42.14
C ILE F 393 -12.83 4.92 -40.78
ZN ZN G . -3.81 24.12 11.57
ZN ZN H . -0.91 22.65 11.06
ZN ZN I . -26.20 4.55 0.24
ZN ZN J . -24.61 1.86 -0.97
ZN ZN K . 3.16 -9.55 26.55
ZN ZN L . 0.56 -9.25 25.17
N1 IMD M . 1.12 -7.14 24.72
C2 IMD M . 0.05 -6.28 24.62
N3 IMD M . 0.51 -4.99 24.63
C4 IMD M . 1.92 -5.03 24.75
C5 IMD M . 2.29 -6.38 24.80
ZN ZN N . 26.84 -4.11 6.15
ZN ZN O . 25.56 -2.91 3.51
N1 IMD P . 24.77 -5.15 3.23
C2 IMD P . 24.29 -5.78 2.11
N3 IMD P . 23.74 -6.98 2.50
C4 IMD P . 23.85 -7.11 3.89
C5 IMD P . 24.51 -5.96 4.34
ZN ZN Q . 1.59 -24.34 -13.38
ZN ZN R . 1.08 -23.92 -10.11
ZN ZN S . 1.13 4.92 -25.77
ZN ZN T . 1.11 7.03 -23.20
#